data_3ZLG
#
_entry.id   3ZLG
#
_cell.length_a   187.255
_cell.length_b   187.255
_cell.length_c   57.156
_cell.angle_alpha   90.00
_cell.angle_beta   90.00
_cell.angle_gamma   90.00
#
_symmetry.space_group_name_H-M   'P 4'
#
loop_
_entity.id
_entity.type
_entity.pdbx_description
1 polymer ENOLASE
2 non-polymer 'PHOSPHATE ION'
3 water water
#
_entity_poly.entity_id   1
_entity_poly.type   'polypeptide(L)'
_entity_poly.pdbx_seq_one_letter_code
;MGSSHHHHHHSSGLVPRGSHMSIITDVYAREVLDSRGNPTLEVEVYTESGAFGRGMVPSGASTGEHEAVELRDGDKSRYL
GLGTQKAVDNVNNIIAKAIIGYDVRDQQAIDRAMIALDGTPNKGKLGANAILGVSIAVARAAADYLEVPLYTYLGGFNTK
VLPTPMMNIINGGSHSDAPIAFQEFMIMPVGAPTFKEGLRWGAEVFHALKKILKERGLVTAVGDEGGFAPKFEGTEDGVE
TILKAIEAAGYEAGENGIMIGFDCASSEFYDKERKVYDYTKFEGEGAAVRTSAEQVDYLEELVNKYPIITIEDGMDENDW
DGWKVLTERLGKRVQLVGDDFFVTNTEYLARGIKENAANSILIKVNQIGTLTETFEAIEMAAEAGYTAVVSHRSGETEDS
TIADIAVATNAGQIKTGSLSRTDRIAKYNQLLRIEDQLGEVAQYKGIKSFYNLKK
;
_entity_poly.pdbx_strand_id   A,B,C,D
#
loop_
_chem_comp.id
_chem_comp.type
_chem_comp.name
_chem_comp.formula
PO4 non-polymer 'PHOSPHATE ION' 'O4 P -3'
#
# COMPACT_ATOMS: atom_id res chain seq x y z
N MET A 21 -66.76 12.60 2.76
CA MET A 21 -66.42 13.01 1.36
C MET A 21 -65.37 12.10 0.72
N SER A 22 -64.27 11.89 1.44
CA SER A 22 -63.26 10.90 1.05
C SER A 22 -63.63 9.53 1.62
N ILE A 23 -64.77 9.45 2.28
CA ILE A 23 -65.20 8.27 3.00
C ILE A 23 -65.78 7.24 2.05
N ILE A 24 -65.37 5.98 2.20
CA ILE A 24 -65.86 4.90 1.36
C ILE A 24 -67.33 4.59 1.65
N THR A 25 -68.18 4.68 0.62
CA THR A 25 -69.62 4.42 0.77
C THR A 25 -70.06 3.10 0.15
N ASP A 26 -69.25 2.53 -0.73
CA ASP A 26 -69.62 1.26 -1.33
C ASP A 26 -68.42 0.40 -1.71
N VAL A 27 -68.55 -0.91 -1.49
CA VAL A 27 -67.57 -1.91 -1.90
C VAL A 27 -68.34 -3.10 -2.48
N TYR A 28 -68.09 -3.43 -3.75
CA TYR A 28 -68.93 -4.42 -4.45
C TYR A 28 -68.12 -5.32 -5.38
N ALA A 29 -68.22 -6.64 -5.16
CA ALA A 29 -67.50 -7.59 -6.00
C ALA A 29 -68.42 -8.27 -6.99
N ARG A 30 -67.84 -8.69 -8.11
CA ARG A 30 -68.55 -9.51 -9.06
C ARG A 30 -67.62 -10.49 -9.77
N GLU A 31 -68.20 -11.57 -10.26
CA GLU A 31 -67.47 -12.58 -11.00
C GLU A 31 -67.26 -12.13 -12.45
N VAL A 32 -66.01 -12.21 -12.91
CA VAL A 32 -65.64 -11.87 -14.30
C VAL A 32 -64.68 -12.96 -14.80
N LEU A 33 -64.16 -12.86 -16.02
CA LEU A 33 -63.22 -13.88 -16.53
C LEU A 33 -61.80 -13.36 -16.68
N ASP A 34 -60.84 -14.26 -16.53
CA ASP A 34 -59.44 -13.92 -16.75
C ASP A 34 -59.03 -14.27 -18.19
N SER A 35 -57.77 -14.03 -18.52
CA SER A 35 -57.31 -14.14 -19.90
C SER A 35 -57.33 -15.59 -20.41
N ARG A 36 -57.53 -16.54 -19.50
CA ARG A 36 -57.63 -17.95 -19.88
C ARG A 36 -59.06 -18.44 -19.90
N GLY A 37 -60.02 -17.54 -19.67
CA GLY A 37 -61.42 -17.92 -19.70
C GLY A 37 -61.86 -18.63 -18.44
N ASN A 38 -61.12 -18.44 -17.36
CA ASN A 38 -61.50 -19.00 -16.08
C ASN A 38 -62.00 -17.86 -15.19
N PRO A 39 -62.96 -18.15 -14.31
CA PRO A 39 -63.49 -17.10 -13.44
C PRO A 39 -62.42 -16.48 -12.53
N THR A 40 -62.62 -15.20 -12.25
CA THR A 40 -61.88 -14.47 -11.23
C THR A 40 -62.90 -13.45 -10.74
N LEU A 41 -62.46 -12.41 -10.05
CA LEU A 41 -63.40 -11.37 -9.61
C LEU A 41 -62.81 -9.98 -9.75
N GLU A 42 -63.68 -8.98 -9.64
CA GLU A 42 -63.25 -7.60 -9.57
C GLU A 42 -64.05 -6.93 -8.46
N VAL A 43 -63.49 -5.87 -7.88
CA VAL A 43 -64.16 -5.10 -6.84
C VAL A 43 -64.25 -3.63 -7.26
N GLU A 44 -65.33 -2.98 -6.86
CA GLU A 44 -65.49 -1.56 -7.16
C GLU A 44 -65.69 -0.84 -5.84
N VAL A 45 -64.98 0.26 -5.67
CA VAL A 45 -65.08 1.06 -4.46
C VAL A 45 -65.50 2.48 -4.86
N TYR A 46 -66.48 3.02 -4.13
CA TYR A 46 -66.92 4.40 -4.31
C TYR A 46 -66.73 5.18 -3.03
N THR A 47 -66.41 6.46 -3.15
CA THR A 47 -66.40 7.35 -2.00
C THR A 47 -67.67 8.20 -2.05
N GLU A 48 -67.97 8.91 -0.97
CA GLU A 48 -69.19 9.73 -0.91
C GLU A 48 -69.17 10.77 -2.00
N SER A 49 -67.97 11.23 -2.35
CA SER A 49 -67.81 12.23 -3.38
C SER A 49 -67.99 11.67 -4.78
N GLY A 50 -67.97 10.34 -4.92
CA GLY A 50 -68.13 9.71 -6.22
C GLY A 50 -66.84 9.27 -6.87
N ALA A 51 -65.73 9.32 -6.13
CA ALA A 51 -64.47 8.82 -6.67
C ALA A 51 -64.63 7.30 -6.81
N PHE A 52 -63.97 6.73 -7.81
CA PHE A 52 -64.23 5.36 -8.20
C PHE A 52 -62.92 4.63 -8.41
N GLY A 53 -62.87 3.38 -7.95
CA GLY A 53 -61.73 2.53 -8.22
C GLY A 53 -62.20 1.12 -8.53
N ARG A 54 -61.55 0.46 -9.49
CA ARG A 54 -61.86 -0.94 -9.78
C ARG A 54 -60.59 -1.77 -9.69
N GLY A 55 -60.63 -2.85 -8.91
CA GLY A 55 -59.49 -3.74 -8.81
C GLY A 55 -59.84 -5.12 -9.34
N MET A 56 -59.13 -5.57 -10.36
CA MET A 56 -59.31 -6.91 -10.88
C MET A 56 -58.16 -7.78 -10.38
N VAL A 57 -58.45 -9.04 -10.11
CA VAL A 57 -57.48 -9.96 -9.55
C VAL A 57 -57.09 -11.03 -10.55
N PRO A 58 -55.78 -11.31 -10.67
CA PRO A 58 -55.34 -12.38 -11.56
C PRO A 58 -55.47 -13.75 -10.90
N SER A 59 -55.24 -14.81 -11.66
CA SER A 59 -55.28 -16.15 -11.09
C SER A 59 -54.03 -16.35 -10.26
N GLY A 60 -54.16 -17.07 -9.16
CA GLY A 60 -52.99 -17.46 -8.38
C GLY A 60 -52.88 -18.95 -8.15
N ALA A 61 -51.94 -19.59 -8.81
CA ALA A 61 -51.63 -20.99 -8.52
C ALA A 61 -50.90 -21.02 -7.18
N SER A 62 -51.11 -22.08 -6.41
CA SER A 62 -50.42 -22.19 -5.12
C SER A 62 -49.30 -23.21 -5.20
N THR A 63 -48.19 -22.85 -4.56
CA THR A 63 -46.96 -23.63 -4.59
C THR A 63 -46.72 -24.40 -3.29
N GLY A 64 -47.13 -23.80 -2.18
CA GLY A 64 -46.96 -24.36 -0.85
C GLY A 64 -48.04 -23.84 0.07
N GLU A 65 -47.91 -24.16 1.35
CA GLU A 65 -48.91 -23.76 2.35
C GLU A 65 -48.60 -22.37 2.91
N HIS A 66 -47.48 -21.79 2.50
CA HIS A 66 -46.98 -20.54 3.07
C HIS A 66 -47.16 -19.37 2.11
N GLU A 67 -48.41 -19.16 1.73
CA GLU A 67 -48.78 -18.22 0.68
C GLU A 67 -50.25 -17.89 0.80
N ALA A 68 -50.65 -16.74 0.27
CA ALA A 68 -52.07 -16.40 0.27
C ALA A 68 -52.85 -17.40 -0.57
N VAL A 69 -54.01 -17.81 -0.08
CA VAL A 69 -54.85 -18.78 -0.76
C VAL A 69 -55.94 -18.06 -1.53
N GLU A 70 -56.06 -18.34 -2.82
CA GLU A 70 -57.20 -17.83 -3.59
C GLU A 70 -58.38 -18.76 -3.32
N LEU A 71 -59.52 -18.16 -2.99
CA LEU A 71 -60.70 -18.94 -2.68
C LEU A 71 -61.49 -19.31 -3.95
N ARG A 72 -61.59 -20.61 -4.23
CA ARG A 72 -62.41 -21.13 -5.35
C ARG A 72 -63.68 -21.82 -4.86
N ASP A 73 -64.72 -21.83 -5.69
CA ASP A 73 -66.01 -22.41 -5.27
C ASP A 73 -65.99 -23.94 -5.10
N GLY A 74 -65.33 -24.66 -5.99
CA GLY A 74 -65.23 -26.10 -5.86
C GLY A 74 -66.40 -26.86 -6.49
N ASP A 75 -67.43 -26.12 -6.88
CA ASP A 75 -68.59 -26.72 -7.54
C ASP A 75 -68.19 -27.18 -8.93
N LYS A 76 -68.01 -28.47 -9.12
CA LYS A 76 -67.45 -28.97 -10.37
C LYS A 76 -68.45 -29.03 -11.53
N SER A 77 -69.70 -28.66 -11.27
CA SER A 77 -70.69 -28.53 -12.33
C SER A 77 -70.54 -27.17 -13.03
N ARG A 78 -69.77 -26.28 -12.42
CA ARG A 78 -69.71 -24.89 -12.84
C ARG A 78 -68.28 -24.40 -13.00
N TYR A 79 -67.94 -24.04 -14.23
CA TYR A 79 -66.60 -23.57 -14.56
C TYR A 79 -65.52 -24.52 -14.02
N LEU A 80 -65.86 -25.79 -13.94
CA LEU A 80 -64.92 -26.81 -13.50
C LEU A 80 -64.46 -26.59 -12.07
N GLY A 81 -65.33 -26.03 -11.24
CA GLY A 81 -64.99 -25.79 -9.85
C GLY A 81 -64.15 -24.55 -9.62
N LEU A 82 -63.95 -23.74 -10.66
CA LEU A 82 -63.08 -22.57 -10.54
C LEU A 82 -63.85 -21.28 -10.29
N GLY A 83 -65.16 -21.39 -10.08
CA GLY A 83 -65.98 -20.22 -9.79
C GLY A 83 -65.49 -19.43 -8.59
N THR A 84 -65.91 -18.16 -8.51
CA THR A 84 -65.50 -17.29 -7.42
C THR A 84 -66.71 -16.65 -6.71
N GLN A 85 -67.87 -17.30 -6.76
CA GLN A 85 -69.04 -16.74 -6.10
C GLN A 85 -68.86 -16.60 -4.58
N LYS A 86 -68.11 -17.52 -3.99
CA LYS A 86 -67.79 -17.48 -2.55
C LYS A 86 -66.97 -16.23 -2.16
N ALA A 87 -65.89 -15.98 -2.89
CA ALA A 87 -65.05 -14.81 -2.67
C ALA A 87 -65.87 -13.53 -2.88
N VAL A 88 -66.67 -13.51 -3.93
CA VAL A 88 -67.50 -12.35 -4.21
C VAL A 88 -68.43 -12.08 -3.02
N ASP A 89 -69.05 -13.14 -2.52
CA ASP A 89 -69.94 -13.01 -1.37
C ASP A 89 -69.19 -12.49 -0.16
N ASN A 90 -67.96 -12.95 0.03
CA ASN A 90 -67.14 -12.49 1.14
C ASN A 90 -66.89 -11.00 1.07
N VAL A 91 -66.65 -10.50 -0.15
CA VAL A 91 -66.50 -9.06 -0.30
C VAL A 91 -67.79 -8.34 0.06
N ASN A 92 -68.90 -8.80 -0.48
CA ASN A 92 -70.16 -8.07 -0.35
C ASN A 92 -70.82 -8.19 1.02
N ASN A 93 -70.55 -9.29 1.72
CA ASN A 93 -71.30 -9.64 2.91
C ASN A 93 -70.49 -9.47 4.18
N ILE A 94 -69.17 -9.63 4.06
CA ILE A 94 -68.30 -9.52 5.22
C ILE A 94 -67.39 -8.31 5.14
N ILE A 95 -66.59 -8.22 4.08
CA ILE A 95 -65.61 -7.14 3.97
C ILE A 95 -66.24 -5.77 3.77
N ALA A 96 -67.25 -5.68 2.91
CA ALA A 96 -67.84 -4.39 2.58
C ALA A 96 -68.31 -3.64 3.83
N LYS A 97 -69.06 -4.32 4.70
CA LYS A 97 -69.59 -3.68 5.89
C LYS A 97 -68.46 -3.29 6.82
N ALA A 98 -67.37 -4.06 6.79
CA ALA A 98 -66.22 -3.78 7.63
C ALA A 98 -65.45 -2.53 7.18
N ILE A 99 -65.36 -2.35 5.86
CA ILE A 99 -64.47 -1.34 5.28
C ILE A 99 -65.22 -0.05 4.97
N ILE A 100 -66.48 -0.16 4.58
CA ILE A 100 -67.29 1.02 4.33
C ILE A 100 -67.27 1.90 5.56
N GLY A 101 -66.94 3.17 5.37
CA GLY A 101 -66.81 4.09 6.49
C GLY A 101 -65.38 4.55 6.71
N TYR A 102 -64.41 3.78 6.22
CA TYR A 102 -63.02 4.20 6.23
C TYR A 102 -62.77 5.33 5.24
N ASP A 103 -61.81 6.18 5.53
CA ASP A 103 -61.33 7.13 4.53
C ASP A 103 -60.64 6.34 3.42
N VAL A 104 -60.94 6.66 2.17
CA VAL A 104 -60.40 5.87 1.06
C VAL A 104 -58.87 5.92 1.03
N ARG A 105 -58.30 6.95 1.65
CA ARG A 105 -56.84 7.13 1.64
C ARG A 105 -56.07 6.34 2.72
N ASP A 106 -56.77 5.69 3.63
CA ASP A 106 -56.10 4.94 4.70
C ASP A 106 -55.72 3.53 4.27
N GLN A 107 -54.90 3.42 3.24
CA GLN A 107 -54.60 2.12 2.62
C GLN A 107 -54.11 1.10 3.63
N GLN A 108 -53.11 1.48 4.42
CA GLN A 108 -52.54 0.56 5.40
C GLN A 108 -53.58 0.10 6.42
N ALA A 109 -54.28 1.03 7.04
CA ALA A 109 -55.30 0.69 8.03
C ALA A 109 -56.31 -0.29 7.45
N ILE A 110 -56.71 -0.06 6.20
CA ILE A 110 -57.71 -0.92 5.55
C ILE A 110 -57.17 -2.33 5.29
N ASP A 111 -55.95 -2.43 4.79
CA ASP A 111 -55.37 -3.73 4.47
C ASP A 111 -55.24 -4.55 5.75
N ARG A 112 -54.80 -3.91 6.83
CA ARG A 112 -54.59 -4.57 8.11
C ARG A 112 -55.91 -5.03 8.68
N ALA A 113 -56.91 -4.17 8.55
CA ALA A 113 -58.26 -4.49 8.96
C ALA A 113 -58.70 -5.78 8.28
N MET A 114 -58.46 -5.88 6.97
CA MET A 114 -58.86 -7.07 6.23
C MET A 114 -58.08 -8.33 6.64
N ILE A 115 -56.80 -8.16 6.93
CA ILE A 115 -55.96 -9.27 7.37
C ILE A 115 -56.48 -9.84 8.69
N ALA A 116 -56.86 -8.93 9.59
CA ALA A 116 -57.40 -9.29 10.90
C ALA A 116 -58.79 -9.89 10.74
N LEU A 117 -59.55 -9.36 9.79
CA LEU A 117 -60.91 -9.82 9.58
C LEU A 117 -60.86 -11.28 9.14
N ASP A 118 -59.89 -11.60 8.29
CA ASP A 118 -59.71 -12.98 7.84
C ASP A 118 -59.17 -13.82 9.00
N GLY A 119 -58.17 -13.27 9.69
CA GLY A 119 -57.67 -13.87 10.90
C GLY A 119 -56.80 -15.10 10.71
N THR A 120 -56.67 -15.57 9.47
CA THR A 120 -55.81 -16.73 9.21
C THR A 120 -54.58 -16.29 8.45
N PRO A 121 -53.47 -17.04 8.61
CA PRO A 121 -52.20 -16.63 8.02
C PRO A 121 -52.19 -16.61 6.49
N ASN A 122 -52.87 -17.56 5.86
CA ASN A 122 -52.84 -17.65 4.39
C ASN A 122 -54.07 -16.99 3.71
N LYS A 123 -54.77 -16.13 4.44
CA LYS A 123 -55.96 -15.44 3.93
C LYS A 123 -56.95 -16.42 3.31
N GLY A 124 -57.04 -17.61 3.89
CA GLY A 124 -57.83 -18.68 3.33
C GLY A 124 -59.29 -18.64 3.68
N LYS A 125 -59.66 -17.87 4.70
CA LYS A 125 -61.05 -17.79 5.10
C LYS A 125 -61.85 -16.91 4.15
N LEU A 126 -61.46 -15.63 4.05
CA LEU A 126 -62.13 -14.70 3.15
C LEU A 126 -61.68 -14.89 1.71
N GLY A 127 -60.47 -15.41 1.53
CA GLY A 127 -59.90 -15.57 0.21
C GLY A 127 -58.94 -14.45 -0.15
N ALA A 128 -57.75 -14.83 -0.60
CA ALA A 128 -56.72 -13.85 -0.94
C ALA A 128 -57.15 -13.02 -2.14
N ASN A 129 -57.94 -13.61 -3.03
CA ASN A 129 -58.47 -12.90 -4.19
C ASN A 129 -59.52 -11.86 -3.81
N ALA A 130 -60.36 -12.18 -2.85
CA ALA A 130 -61.32 -11.21 -2.34
C ALA A 130 -60.60 -10.05 -1.67
N ILE A 131 -59.60 -10.36 -0.85
CA ILE A 131 -58.90 -9.32 -0.10
C ILE A 131 -58.12 -8.37 -1.02
N LEU A 132 -57.42 -8.94 -2.02
CA LEU A 132 -56.62 -8.14 -2.93
C LEU A 132 -57.48 -7.26 -3.81
N GLY A 133 -58.58 -7.83 -4.29
CA GLY A 133 -59.52 -7.07 -5.10
C GLY A 133 -59.90 -5.77 -4.42
N VAL A 134 -60.19 -5.85 -3.12
CA VAL A 134 -60.57 -4.66 -2.35
C VAL A 134 -59.38 -3.73 -2.17
N SER A 135 -58.21 -4.30 -1.89
CA SER A 135 -56.99 -3.52 -1.67
C SER A 135 -56.66 -2.62 -2.86
N ILE A 136 -56.78 -3.19 -4.05
CA ILE A 136 -56.44 -2.50 -5.29
C ILE A 136 -57.54 -1.49 -5.62
N ALA A 137 -58.78 -1.92 -5.49
CA ALA A 137 -59.91 -1.04 -5.74
C ALA A 137 -59.88 0.22 -4.85
N VAL A 138 -59.44 0.06 -3.61
CA VAL A 138 -59.38 1.21 -2.69
C VAL A 138 -58.25 2.12 -3.12
N ALA A 139 -57.09 1.55 -3.43
CA ALA A 139 -55.96 2.37 -3.86
C ALA A 139 -56.30 3.21 -5.10
N ARG A 140 -56.93 2.60 -6.08
CA ARG A 140 -57.25 3.27 -7.34
C ARG A 140 -58.36 4.31 -7.14
N ALA A 141 -59.31 4.00 -6.25
CA ALA A 141 -60.34 4.97 -5.87
C ALA A 141 -59.74 6.19 -5.14
N ALA A 142 -58.69 5.94 -4.38
CA ALA A 142 -58.03 6.99 -3.60
C ALA A 142 -57.29 7.93 -4.55
N ALA A 143 -56.59 7.35 -5.51
CA ALA A 143 -55.89 8.11 -6.55
C ALA A 143 -56.90 8.95 -7.34
N ASP A 144 -58.04 8.35 -7.69
CA ASP A 144 -59.09 9.05 -8.43
C ASP A 144 -59.62 10.20 -7.61
N TYR A 145 -59.75 9.97 -6.30
CA TYR A 145 -60.27 10.98 -5.40
C TYR A 145 -59.33 12.18 -5.36
N LEU A 146 -58.03 11.89 -5.25
CA LEU A 146 -57.03 12.93 -5.13
C LEU A 146 -56.66 13.51 -6.49
N GLU A 147 -57.19 12.90 -7.54
CA GLU A 147 -56.93 13.31 -8.91
C GLU A 147 -55.42 13.28 -9.22
N VAL A 148 -54.77 12.17 -8.85
CA VAL A 148 -53.37 11.95 -9.22
C VAL A 148 -53.20 10.58 -9.86
N PRO A 149 -52.15 10.41 -10.67
CA PRO A 149 -51.93 9.11 -11.30
C PRO A 149 -51.68 8.05 -10.23
N LEU A 150 -51.98 6.80 -10.51
CA LEU A 150 -51.87 5.76 -9.50
C LEU A 150 -50.43 5.55 -8.98
N TYR A 151 -49.43 5.64 -9.86
CA TYR A 151 -48.04 5.47 -9.43
C TYR A 151 -47.62 6.57 -8.45
N THR A 152 -48.15 7.77 -8.64
CA THR A 152 -47.88 8.89 -7.74
C THR A 152 -48.52 8.61 -6.39
N TYR A 153 -49.77 8.18 -6.39
CA TYR A 153 -50.45 7.90 -5.14
C TYR A 153 -49.70 6.84 -4.34
N LEU A 154 -49.26 5.78 -5.00
CA LEU A 154 -48.57 4.68 -4.32
C LEU A 154 -47.17 5.07 -3.85
N GLY A 155 -46.44 5.80 -4.68
CA GLY A 155 -45.02 5.99 -4.46
C GLY A 155 -44.61 7.35 -3.93
N GLY A 156 -45.49 8.35 -4.01
CA GLY A 156 -45.13 9.69 -3.60
C GLY A 156 -44.52 10.47 -4.76
N PHE A 157 -43.82 11.56 -4.44
CA PHE A 157 -43.38 12.50 -5.48
C PHE A 157 -42.20 12.02 -6.32
N ASN A 158 -41.41 11.09 -5.78
CA ASN A 158 -40.13 10.73 -6.38
C ASN A 158 -40.19 9.48 -7.28
N THR A 159 -41.33 9.26 -7.91
CA THR A 159 -41.49 8.16 -8.87
C THR A 159 -40.98 8.60 -10.24
N LYS A 160 -40.18 7.75 -10.91
CA LYS A 160 -39.54 8.15 -12.17
C LYS A 160 -38.92 7.02 -13.02
N VAL A 161 -38.63 5.86 -12.43
CA VAL A 161 -37.92 4.83 -13.18
C VAL A 161 -38.88 3.94 -13.92
N LEU A 162 -38.84 3.99 -15.24
CA LEU A 162 -39.57 3.02 -16.02
C LEU A 162 -38.78 1.72 -16.06
N PRO A 163 -39.49 0.60 -15.84
CA PRO A 163 -38.82 -0.69 -15.68
C PRO A 163 -38.27 -1.22 -16.98
N THR A 164 -37.10 -1.84 -16.89
CA THR A 164 -36.61 -2.63 -18.00
C THR A 164 -37.37 -3.94 -17.98
N PRO A 165 -38.12 -4.22 -19.06
CA PRO A 165 -38.98 -5.40 -19.07
C PRO A 165 -38.26 -6.68 -19.47
N MET A 166 -38.62 -7.79 -18.83
CA MET A 166 -38.21 -9.09 -19.31
C MET A 166 -39.45 -9.75 -19.93
N MET A 167 -39.30 -10.11 -21.20
CA MET A 167 -40.40 -10.44 -22.08
C MET A 167 -40.31 -11.90 -22.46
N ASN A 168 -41.28 -12.66 -22.00
CA ASN A 168 -41.37 -14.09 -22.26
C ASN A 168 -41.55 -14.37 -23.75
N ILE A 169 -40.49 -14.79 -24.42
CA ILE A 169 -40.55 -14.97 -25.86
C ILE A 169 -40.69 -16.43 -26.29
N ILE A 170 -40.09 -17.34 -25.52
CA ILE A 170 -40.16 -18.76 -25.82
C ILE A 170 -40.44 -19.58 -24.56
N ASN A 171 -41.31 -20.57 -24.69
CA ASN A 171 -41.71 -21.37 -23.54
C ASN A 171 -41.25 -22.82 -23.65
N GLY A 172 -40.84 -23.39 -22.53
CA GLY A 172 -40.49 -24.79 -22.45
C GLY A 172 -41.23 -25.43 -21.30
N GLY A 173 -40.62 -26.44 -20.69
CA GLY A 173 -41.18 -27.08 -19.52
C GLY A 173 -42.52 -27.74 -19.79
N SER A 174 -43.47 -27.52 -18.89
CA SER A 174 -44.80 -28.08 -19.04
C SER A 174 -45.62 -27.31 -20.09
N HIS A 175 -45.24 -26.06 -20.33
CA HIS A 175 -45.93 -25.22 -21.30
C HIS A 175 -45.44 -25.47 -22.72
N SER A 176 -45.10 -26.72 -23.02
CA SER A 176 -44.50 -27.05 -24.30
C SER A 176 -44.36 -28.56 -24.45
N ASP A 177 -44.29 -29.01 -25.69
CA ASP A 177 -44.04 -30.43 -25.99
C ASP A 177 -42.61 -30.62 -26.51
N ALA A 178 -41.82 -29.55 -26.51
CA ALA A 178 -40.42 -29.63 -26.92
C ALA A 178 -39.56 -30.19 -25.79
N PRO A 179 -38.43 -30.83 -26.14
CA PRO A 179 -37.48 -31.36 -25.16
C PRO A 179 -36.63 -30.28 -24.49
N ILE A 180 -37.31 -29.43 -23.71
CA ILE A 180 -36.68 -28.33 -22.98
C ILE A 180 -37.22 -28.30 -21.55
N ALA A 181 -36.31 -28.25 -20.58
CA ALA A 181 -36.69 -28.25 -19.17
C ALA A 181 -37.21 -26.90 -18.71
N PHE A 182 -36.48 -25.85 -19.08
CA PHE A 182 -36.81 -24.49 -18.63
C PHE A 182 -38.21 -24.08 -19.07
N GLN A 183 -38.91 -23.35 -18.21
CA GLN A 183 -40.29 -22.97 -18.46
C GLN A 183 -40.37 -21.76 -19.39
N GLU A 184 -39.51 -20.79 -19.16
CA GLU A 184 -39.53 -19.55 -19.93
C GLU A 184 -38.16 -19.12 -20.39
N PHE A 185 -38.10 -18.61 -21.62
CA PHE A 185 -36.94 -17.90 -22.10
C PHE A 185 -37.42 -16.49 -22.45
N MET A 186 -36.69 -15.48 -21.99
CA MET A 186 -37.13 -14.10 -22.10
C MET A 186 -36.03 -13.26 -22.71
N ILE A 187 -36.41 -12.12 -23.27
CA ILE A 187 -35.45 -11.12 -23.73
C ILE A 187 -35.62 -9.85 -22.90
N MET A 188 -34.52 -9.15 -22.66
CA MET A 188 -34.57 -7.85 -21.99
C MET A 188 -33.81 -6.83 -22.83
N PRO A 189 -34.50 -5.76 -23.27
CA PRO A 189 -33.83 -4.66 -24.00
C PRO A 189 -33.05 -3.73 -23.07
N VAL A 190 -32.00 -4.26 -22.46
CA VAL A 190 -31.20 -3.50 -21.48
C VAL A 190 -30.42 -2.34 -22.10
N GLY A 191 -30.29 -2.33 -23.42
CA GLY A 191 -29.49 -1.33 -24.12
C GLY A 191 -30.28 -0.14 -24.65
N ALA A 192 -31.61 -0.21 -24.56
CA ALA A 192 -32.48 0.86 -25.08
C ALA A 192 -32.44 2.12 -24.21
N PRO A 193 -32.71 3.28 -24.83
CA PRO A 193 -32.63 4.59 -24.16
C PRO A 193 -33.84 4.95 -23.34
N THR A 194 -35.01 4.49 -23.79
CA THR A 194 -36.26 4.76 -23.12
C THR A 194 -37.12 3.51 -23.11
N PHE A 195 -38.10 3.46 -22.22
CA PHE A 195 -39.01 2.34 -22.25
C PHE A 195 -39.71 2.23 -23.60
N LYS A 196 -40.10 3.35 -24.19
CA LYS A 196 -40.83 3.34 -25.46
C LYS A 196 -40.03 2.61 -26.55
N GLU A 197 -38.74 2.92 -26.62
CA GLU A 197 -37.86 2.29 -27.60
C GLU A 197 -37.62 0.84 -27.25
N GLY A 198 -37.35 0.56 -25.98
CA GLY A 198 -37.18 -0.80 -25.51
C GLY A 198 -38.37 -1.68 -25.90
N LEU A 199 -39.57 -1.11 -25.83
CA LEU A 199 -40.78 -1.87 -26.11
C LEU A 199 -40.79 -2.18 -27.60
N ARG A 200 -40.51 -1.18 -28.42
CA ARG A 200 -40.36 -1.41 -29.87
C ARG A 200 -39.31 -2.48 -30.22
N TRP A 201 -38.16 -2.48 -29.54
CA TRP A 201 -37.11 -3.48 -29.77
C TRP A 201 -37.68 -4.87 -29.55
N GLY A 202 -38.33 -5.05 -28.41
CA GLY A 202 -38.94 -6.32 -28.06
C GLY A 202 -39.96 -6.76 -29.08
N ALA A 203 -40.83 -5.85 -29.49
CA ALA A 203 -41.88 -6.14 -30.45
C ALA A 203 -41.26 -6.61 -31.75
N GLU A 204 -40.19 -5.94 -32.15
CA GLU A 204 -39.56 -6.20 -33.45
C GLU A 204 -38.83 -7.54 -33.46
N VAL A 205 -38.22 -7.89 -32.33
CA VAL A 205 -37.55 -9.17 -32.21
C VAL A 205 -38.60 -10.28 -32.19
N PHE A 206 -39.73 -9.98 -31.58
CA PHE A 206 -40.83 -10.94 -31.46
C PHE A 206 -41.42 -11.26 -32.84
N HIS A 207 -41.57 -10.23 -33.67
CA HIS A 207 -42.11 -10.42 -35.01
C HIS A 207 -41.09 -11.12 -35.92
N ALA A 208 -39.81 -10.80 -35.72
CA ALA A 208 -38.74 -11.47 -36.45
C ALA A 208 -38.69 -12.96 -36.10
N LEU A 209 -38.94 -13.26 -34.83
CA LEU A 209 -38.90 -14.64 -34.37
C LEU A 209 -40.08 -15.41 -34.94
N LYS A 210 -41.25 -14.80 -34.97
CA LYS A 210 -42.42 -15.44 -35.56
C LYS A 210 -42.11 -15.79 -37.01
N LYS A 211 -41.49 -14.84 -37.71
CA LYS A 211 -41.13 -15.04 -39.10
C LYS A 211 -40.19 -16.23 -39.26
N ILE A 212 -39.20 -16.32 -38.38
CA ILE A 212 -38.25 -17.42 -38.40
C ILE A 212 -38.92 -18.76 -38.14
N LEU A 213 -39.90 -18.77 -37.24
CA LEU A 213 -40.60 -19.99 -36.89
C LEU A 213 -41.43 -20.48 -38.08
N LYS A 214 -42.08 -19.56 -38.77
CA LYS A 214 -42.83 -19.89 -39.98
C LYS A 214 -41.93 -20.51 -41.03
N GLU A 215 -40.78 -19.89 -41.27
CA GLU A 215 -39.81 -20.43 -42.21
C GLU A 215 -39.43 -21.88 -41.86
N ARG A 216 -39.35 -22.20 -40.58
CA ARG A 216 -38.93 -23.55 -40.18
C ARG A 216 -40.10 -24.50 -40.12
N GLY A 217 -41.30 -24.00 -40.40
CA GLY A 217 -42.50 -24.81 -40.33
C GLY A 217 -42.92 -25.12 -38.91
N LEU A 218 -42.51 -24.27 -37.97
CA LEU A 218 -42.86 -24.45 -36.57
C LEU A 218 -44.11 -23.63 -36.21
N VAL A 219 -44.77 -24.00 -35.11
CA VAL A 219 -46.04 -23.39 -34.74
C VAL A 219 -45.88 -21.99 -34.15
N THR A 220 -46.70 -21.07 -34.64
CA THR A 220 -46.62 -19.68 -34.24
C THR A 220 -47.85 -19.25 -33.45
N ALA A 221 -48.73 -20.19 -33.15
CA ALA A 221 -49.77 -19.96 -32.15
C ALA A 221 -49.08 -19.69 -30.81
N VAL A 222 -49.75 -18.97 -29.92
CA VAL A 222 -49.13 -18.53 -28.67
C VAL A 222 -49.71 -19.15 -27.41
N GLY A 223 -48.94 -19.09 -26.33
CA GLY A 223 -49.36 -19.61 -25.04
C GLY A 223 -50.05 -18.57 -24.17
N ASP A 224 -50.23 -18.90 -22.90
CA ASP A 224 -50.97 -18.04 -21.98
C ASP A 224 -50.43 -16.64 -21.92
N GLU A 225 -49.12 -16.51 -22.08
CA GLU A 225 -48.44 -15.24 -21.89
C GLU A 225 -48.02 -14.59 -23.22
N GLY A 226 -48.49 -15.13 -24.34
CA GLY A 226 -48.23 -14.50 -25.62
C GLY A 226 -46.96 -14.96 -26.32
N GLY A 227 -46.25 -15.92 -25.73
CA GLY A 227 -45.04 -16.44 -26.35
C GLY A 227 -45.28 -17.70 -27.16
N PHE A 228 -44.23 -18.20 -27.80
CA PHE A 228 -44.33 -19.41 -28.61
C PHE A 228 -43.80 -20.60 -27.83
N ALA A 229 -44.30 -21.79 -28.14
CA ALA A 229 -43.75 -23.02 -27.58
C ALA A 229 -43.39 -23.97 -28.72
N PRO A 230 -42.45 -23.54 -29.59
CA PRO A 230 -42.18 -24.28 -30.81
C PRO A 230 -41.48 -25.60 -30.55
N LYS A 231 -41.67 -26.55 -31.46
CA LYS A 231 -41.09 -27.88 -31.30
C LYS A 231 -39.61 -27.84 -31.65
N PHE A 232 -38.83 -27.15 -30.81
CA PHE A 232 -37.38 -27.06 -30.98
C PHE A 232 -36.69 -28.41 -30.73
N GLU A 233 -35.42 -28.48 -31.08
CA GLU A 233 -34.62 -29.69 -30.90
C GLU A 233 -34.14 -29.85 -29.46
N GLY A 234 -34.08 -28.73 -28.74
CA GLY A 234 -33.60 -28.74 -27.37
C GLY A 234 -33.32 -27.33 -26.93
N THR A 235 -32.74 -27.19 -25.74
CA THR A 235 -32.54 -25.87 -25.16
C THR A 235 -31.60 -25.01 -26.01
N GLU A 236 -30.52 -25.61 -26.51
CA GLU A 236 -29.57 -24.84 -27.31
C GLU A 236 -30.21 -24.30 -28.58
N ASP A 237 -30.99 -25.14 -29.25
CA ASP A 237 -31.71 -24.71 -30.44
C ASP A 237 -32.57 -23.49 -30.14
N GLY A 238 -33.33 -23.56 -29.04
CA GLY A 238 -34.18 -22.46 -28.65
C GLY A 238 -33.42 -21.15 -28.47
N VAL A 239 -32.38 -21.18 -27.64
CA VAL A 239 -31.62 -19.97 -27.34
C VAL A 239 -31.02 -19.38 -28.61
N GLU A 240 -30.50 -20.26 -29.45
CA GLU A 240 -29.85 -19.84 -30.68
C GLU A 240 -30.87 -19.22 -31.66
N THR A 241 -32.11 -19.69 -31.62
CA THR A 241 -33.15 -19.13 -32.47
C THR A 241 -33.54 -17.73 -31.99
N ILE A 242 -33.54 -17.54 -30.66
CA ILE A 242 -33.74 -16.21 -30.09
C ILE A 242 -32.64 -15.27 -30.56
N LEU A 243 -31.40 -15.73 -30.50
CA LEU A 243 -30.26 -14.94 -30.95
C LEU A 243 -30.40 -14.61 -32.44
N LYS A 244 -30.93 -15.55 -33.20
CA LYS A 244 -31.16 -15.36 -34.63
C LYS A 244 -32.14 -14.22 -34.86
N ALA A 245 -33.24 -14.24 -34.12
CA ALA A 245 -34.28 -13.21 -34.26
C ALA A 245 -33.78 -11.85 -33.79
N ILE A 246 -32.88 -11.86 -32.80
CA ILE A 246 -32.29 -10.63 -32.27
C ILE A 246 -31.42 -9.95 -33.33
N GLU A 247 -30.58 -10.74 -33.98
CA GLU A 247 -29.76 -10.25 -35.08
C GLU A 247 -30.63 -9.79 -36.25
N ALA A 248 -31.67 -10.55 -36.55
CA ALA A 248 -32.51 -10.29 -37.73
C ALA A 248 -33.24 -8.98 -37.57
N ALA A 249 -33.63 -8.66 -36.34
CA ALA A 249 -34.27 -7.39 -36.05
C ALA A 249 -33.24 -6.27 -36.04
N GLY A 250 -31.96 -6.64 -36.02
CA GLY A 250 -30.90 -5.68 -36.18
C GLY A 250 -30.34 -5.13 -34.88
N TYR A 251 -30.47 -5.89 -33.80
CA TYR A 251 -29.96 -5.45 -32.50
C TYR A 251 -28.77 -6.28 -32.05
N GLU A 252 -27.97 -5.72 -31.15
CA GLU A 252 -26.85 -6.46 -30.57
C GLU A 252 -27.35 -7.43 -29.52
N ALA A 253 -26.67 -8.56 -29.42
CA ALA A 253 -26.90 -9.48 -28.31
C ALA A 253 -25.84 -9.20 -27.25
N GLY A 254 -26.25 -8.55 -26.16
CA GLY A 254 -25.33 -8.18 -25.11
C GLY A 254 -25.84 -6.98 -24.34
N GLU A 255 -24.99 -6.41 -23.49
CA GLU A 255 -25.41 -5.32 -22.61
C GLU A 255 -25.75 -4.06 -23.39
N ASN A 256 -25.27 -3.95 -24.62
CA ASN A 256 -25.54 -2.78 -25.45
C ASN A 256 -26.83 -2.91 -26.26
N GLY A 257 -27.47 -4.07 -26.18
CA GLY A 257 -28.68 -4.32 -26.93
C GLY A 257 -29.69 -5.14 -26.17
N ILE A 258 -29.80 -6.41 -26.53
CA ILE A 258 -30.80 -7.31 -25.96
C ILE A 258 -30.12 -8.50 -25.30
N MET A 259 -30.48 -8.77 -24.05
CA MET A 259 -29.94 -9.93 -23.33
C MET A 259 -31.05 -10.93 -23.04
N ILE A 260 -30.65 -12.08 -22.54
CA ILE A 260 -31.59 -13.18 -22.35
C ILE A 260 -31.66 -13.59 -20.89
N GLY A 261 -32.82 -14.09 -20.49
CA GLY A 261 -33.03 -14.57 -19.14
C GLY A 261 -33.85 -15.86 -19.13
N PHE A 262 -33.81 -16.55 -18.00
CA PHE A 262 -34.55 -17.80 -17.85
C PHE A 262 -35.52 -17.75 -16.67
N ASP A 263 -36.68 -18.39 -16.84
CA ASP A 263 -37.40 -18.92 -15.69
C ASP A 263 -37.31 -20.43 -15.78
N CYS A 264 -36.34 -20.98 -15.06
CA CYS A 264 -36.10 -22.40 -15.08
C CYS A 264 -37.28 -23.17 -14.50
N ALA A 265 -37.89 -22.60 -13.47
CA ALA A 265 -38.91 -23.30 -12.70
C ALA A 265 -38.41 -24.70 -12.39
N SER A 266 -37.23 -24.76 -11.76
CA SER A 266 -36.55 -26.04 -11.55
C SER A 266 -37.27 -26.92 -10.54
N SER A 267 -38.15 -26.32 -9.74
CA SER A 267 -38.96 -27.10 -8.81
C SER A 267 -39.83 -28.09 -9.58
N GLU A 268 -40.10 -27.79 -10.84
CA GLU A 268 -40.99 -28.62 -11.64
C GLU A 268 -40.30 -29.90 -12.09
N PHE A 269 -38.98 -29.95 -12.00
CA PHE A 269 -38.25 -31.17 -12.35
C PHE A 269 -37.21 -31.53 -11.29
N TYR A 270 -37.49 -31.16 -10.04
CA TYR A 270 -36.67 -31.57 -8.90
C TYR A 270 -37.27 -32.81 -8.25
N ASP A 271 -36.49 -33.88 -8.20
CA ASP A 271 -36.92 -35.08 -7.49
C ASP A 271 -36.65 -34.91 -6.01
N LYS A 272 -37.71 -34.65 -5.26
CA LYS A 272 -37.59 -34.35 -3.84
C LYS A 272 -36.98 -35.51 -3.07
N GLU A 273 -37.36 -36.73 -3.43
CA GLU A 273 -36.93 -37.92 -2.69
C GLU A 273 -35.58 -38.48 -3.14
N ARG A 274 -35.07 -37.99 -4.26
CA ARG A 274 -33.72 -38.33 -4.70
C ARG A 274 -32.82 -37.11 -4.61
N LYS A 275 -33.44 -35.96 -4.42
CA LYS A 275 -32.72 -34.71 -4.28
C LYS A 275 -31.81 -34.46 -5.48
N VAL A 276 -32.39 -34.50 -6.67
CA VAL A 276 -31.64 -34.27 -7.90
C VAL A 276 -32.53 -33.63 -8.95
N TYR A 277 -31.91 -32.90 -9.88
CA TYR A 277 -32.62 -32.26 -10.97
C TYR A 277 -32.70 -33.19 -12.17
N ASP A 278 -33.89 -33.75 -12.36
CA ASP A 278 -34.13 -34.82 -13.33
C ASP A 278 -34.68 -34.24 -14.63
N TYR A 279 -33.81 -34.05 -15.61
CA TYR A 279 -34.19 -33.42 -16.87
C TYR A 279 -34.98 -34.33 -17.81
N THR A 280 -34.87 -35.63 -17.62
CA THR A 280 -35.63 -36.58 -18.42
C THR A 280 -37.12 -36.28 -18.33
N LYS A 281 -37.50 -35.63 -17.23
CA LYS A 281 -38.88 -35.24 -17.00
C LYS A 281 -39.45 -34.53 -18.23
N PHE A 282 -38.66 -33.64 -18.81
CA PHE A 282 -39.12 -32.78 -19.90
C PHE A 282 -38.34 -32.96 -21.19
N GLU A 283 -37.20 -33.66 -21.13
CA GLU A 283 -36.30 -33.72 -22.28
C GLU A 283 -36.03 -35.13 -22.77
N GLY A 284 -36.82 -36.10 -22.33
CA GLY A 284 -36.64 -37.48 -22.76
C GLY A 284 -35.59 -38.24 -21.98
N GLU A 285 -35.45 -39.52 -22.28
CA GLU A 285 -34.68 -40.42 -21.42
C GLU A 285 -33.16 -40.26 -21.55
N GLY A 286 -32.71 -39.64 -22.63
CA GLY A 286 -31.29 -39.33 -22.76
C GLY A 286 -30.85 -38.25 -21.79
N ALA A 287 -31.82 -37.48 -21.29
CA ALA A 287 -31.54 -36.25 -20.55
C ALA A 287 -30.81 -36.48 -19.22
N ALA A 288 -29.99 -35.49 -18.84
CA ALA A 288 -29.19 -35.55 -17.62
C ALA A 288 -30.03 -35.53 -16.35
N VAL A 289 -29.45 -36.07 -15.29
CA VAL A 289 -30.10 -36.09 -13.98
C VAL A 289 -29.06 -35.55 -12.98
N ARG A 290 -29.21 -34.29 -12.61
CA ARG A 290 -28.11 -33.54 -11.99
C ARG A 290 -28.27 -33.28 -10.51
N THR A 291 -27.19 -33.42 -9.75
CA THR A 291 -27.19 -33.03 -8.36
C THR A 291 -27.11 -31.51 -8.29
N SER A 292 -27.52 -30.95 -7.16
CA SER A 292 -27.47 -29.50 -6.96
C SER A 292 -26.15 -28.92 -7.42
N ALA A 293 -25.04 -29.54 -7.01
CA ALA A 293 -23.72 -29.04 -7.35
C ALA A 293 -23.53 -29.00 -8.87
N GLU A 294 -24.17 -29.93 -9.56
CA GLU A 294 -24.05 -30.04 -11.01
C GLU A 294 -25.06 -29.12 -11.69
N GLN A 295 -26.18 -28.90 -11.03
CA GLN A 295 -27.17 -27.94 -11.48
C GLN A 295 -26.54 -26.56 -11.60
N VAL A 296 -25.77 -26.18 -10.58
CA VAL A 296 -25.10 -24.88 -10.57
C VAL A 296 -24.05 -24.78 -11.69
N ASP A 297 -23.38 -25.89 -11.97
CA ASP A 297 -22.40 -25.95 -13.05
C ASP A 297 -23.02 -25.76 -14.43
N TYR A 298 -24.16 -26.40 -14.66
CA TYR A 298 -24.88 -26.31 -15.93
C TYR A 298 -25.36 -24.87 -16.16
N LEU A 299 -25.94 -24.28 -15.13
CA LEU A 299 -26.37 -22.89 -15.24
C LEU A 299 -25.17 -22.00 -15.58
N GLU A 300 -24.05 -22.24 -14.91
CA GLU A 300 -22.84 -21.47 -15.19
C GLU A 300 -22.38 -21.67 -16.63
N GLU A 301 -22.54 -22.88 -17.14
CA GLU A 301 -22.16 -23.19 -18.53
C GLU A 301 -22.93 -22.27 -19.46
N LEU A 302 -24.24 -22.21 -19.24
CA LEU A 302 -25.11 -21.39 -20.08
C LEU A 302 -24.74 -19.92 -19.98
N VAL A 303 -24.44 -19.45 -18.78
CA VAL A 303 -24.10 -18.05 -18.56
C VAL A 303 -22.82 -17.65 -19.29
N ASN A 304 -21.87 -18.56 -19.34
CA ASN A 304 -20.64 -18.34 -20.08
C ASN A 304 -20.88 -18.42 -21.58
N LYS A 305 -21.78 -19.31 -21.98
CA LYS A 305 -22.01 -19.58 -23.39
C LYS A 305 -22.93 -18.54 -24.05
N TYR A 306 -23.77 -17.89 -23.25
CA TYR A 306 -24.81 -17.00 -23.81
C TYR A 306 -24.90 -15.69 -23.05
N PRO A 307 -25.53 -14.67 -23.68
CA PRO A 307 -25.73 -13.37 -23.02
C PRO A 307 -26.88 -13.40 -22.02
N ILE A 308 -26.71 -14.18 -20.96
CA ILE A 308 -27.73 -14.34 -19.94
C ILE A 308 -27.57 -13.28 -18.85
N ILE A 309 -28.63 -12.51 -18.57
CA ILE A 309 -28.53 -11.49 -17.52
C ILE A 309 -29.33 -11.88 -16.26
N THR A 310 -30.34 -12.73 -16.42
CA THR A 310 -31.19 -13.11 -15.29
C THR A 310 -31.62 -14.58 -15.36
N ILE A 311 -31.70 -15.22 -14.20
CA ILE A 311 -32.13 -16.62 -14.08
C ILE A 311 -33.08 -16.75 -12.90
N GLU A 312 -34.27 -17.26 -13.15
CA GLU A 312 -35.29 -17.36 -12.11
C GLU A 312 -35.51 -18.81 -11.71
N ASP A 313 -35.56 -19.03 -10.40
CA ASP A 313 -35.72 -20.37 -9.83
C ASP A 313 -34.80 -21.38 -10.49
N GLY A 314 -33.51 -21.09 -10.46
CA GLY A 314 -32.52 -21.98 -11.01
C GLY A 314 -32.31 -23.18 -10.10
N MET A 315 -32.68 -23.01 -8.83
CA MET A 315 -32.65 -24.10 -7.87
C MET A 315 -34.06 -24.35 -7.34
N ASP A 316 -34.21 -25.46 -6.61
CA ASP A 316 -35.51 -25.91 -6.15
C ASP A 316 -35.98 -25.01 -5.01
N GLU A 317 -37.29 -24.91 -4.86
CA GLU A 317 -37.93 -24.06 -3.87
C GLU A 317 -37.46 -24.31 -2.43
N ASN A 318 -36.96 -25.52 -2.13
CA ASN A 318 -36.48 -25.85 -0.78
C ASN A 318 -35.01 -26.25 -0.74
N ASP A 319 -34.29 -25.99 -1.82
CA ASP A 319 -32.88 -26.38 -1.90
C ASP A 319 -32.00 -25.22 -1.45
N TRP A 320 -32.07 -24.88 -0.17
CA TRP A 320 -31.44 -23.65 0.34
C TRP A 320 -29.92 -23.56 0.15
N ASP A 321 -29.17 -24.63 0.35
CA ASP A 321 -27.75 -24.52 0.05
C ASP A 321 -27.50 -24.50 -1.43
N GLY A 322 -28.29 -25.25 -2.18
CA GLY A 322 -28.18 -25.22 -3.61
C GLY A 322 -28.31 -23.78 -4.09
N TRP A 323 -29.25 -23.05 -3.48
CA TRP A 323 -29.38 -21.62 -3.76
C TRP A 323 -28.14 -20.83 -3.30
N LYS A 324 -27.60 -21.19 -2.14
CA LYS A 324 -26.40 -20.54 -1.61
C LYS A 324 -25.16 -20.71 -2.52
N VAL A 325 -24.95 -21.91 -3.06
CA VAL A 325 -23.85 -22.22 -3.95
C VAL A 325 -24.01 -21.48 -5.25
N LEU A 326 -25.23 -21.54 -5.78
CA LEU A 326 -25.54 -20.84 -7.01
C LEU A 326 -25.25 -19.36 -6.86
N THR A 327 -25.61 -18.81 -5.70
CA THR A 327 -25.52 -17.38 -5.48
C THR A 327 -24.06 -16.99 -5.31
N GLU A 328 -23.32 -17.87 -4.67
CA GLU A 328 -21.90 -17.67 -4.48
C GLU A 328 -21.21 -17.65 -5.85
N ARG A 329 -21.61 -18.57 -6.73
CA ARG A 329 -20.87 -18.75 -7.98
C ARG A 329 -21.21 -17.71 -9.05
N LEU A 330 -22.47 -17.35 -9.16
CA LEU A 330 -22.93 -16.46 -10.23
C LEU A 330 -23.48 -15.14 -9.70
N GLY A 331 -23.74 -15.09 -8.40
CA GLY A 331 -24.46 -13.97 -7.80
C GLY A 331 -23.95 -12.58 -8.14
N LYS A 332 -22.67 -12.49 -8.49
CA LYS A 332 -22.07 -11.19 -8.79
C LYS A 332 -22.16 -10.85 -10.28
N ARG A 333 -22.33 -11.88 -11.11
CA ARG A 333 -22.39 -11.68 -12.55
C ARG A 333 -23.83 -11.65 -13.04
N VAL A 334 -24.71 -12.37 -12.34
CA VAL A 334 -26.05 -12.63 -12.86
C VAL A 334 -27.12 -12.33 -11.81
N GLN A 335 -28.27 -11.84 -12.26
CA GLN A 335 -29.41 -11.70 -11.37
C GLN A 335 -29.99 -13.08 -11.16
N LEU A 336 -30.31 -13.41 -9.91
CA LEU A 336 -30.85 -14.71 -9.57
C LEU A 336 -32.16 -14.45 -8.82
N VAL A 337 -33.28 -14.66 -9.50
CA VAL A 337 -34.60 -14.34 -8.96
C VAL A 337 -35.25 -15.52 -8.24
N GLY A 338 -35.63 -15.31 -6.98
CA GLY A 338 -36.44 -16.27 -6.26
C GLY A 338 -37.92 -16.02 -6.50
N ASP A 339 -38.59 -16.99 -7.12
CA ASP A 339 -40.03 -16.90 -7.35
C ASP A 339 -40.74 -17.80 -6.35
N ASP A 340 -40.76 -19.10 -6.62
CA ASP A 340 -41.30 -20.07 -5.67
C ASP A 340 -40.40 -20.20 -4.43
N PHE A 341 -39.13 -19.80 -4.58
CA PHE A 341 -38.19 -19.76 -3.47
C PHE A 341 -38.66 -18.79 -2.38
N PHE A 342 -39.31 -17.70 -2.78
CA PHE A 342 -39.72 -16.68 -1.83
C PHE A 342 -41.25 -16.49 -1.71
N VAL A 343 -42.00 -16.95 -2.72
CA VAL A 343 -43.45 -16.72 -2.80
C VAL A 343 -43.94 -15.40 -2.21
N THR A 344 -43.31 -14.29 -2.60
CA THR A 344 -43.70 -12.96 -2.15
C THR A 344 -43.98 -12.91 -0.64
N ASN A 345 -43.18 -13.66 0.13
CA ASN A 345 -43.35 -13.78 1.57
C ASN A 345 -42.10 -13.32 2.33
N THR A 346 -42.21 -12.19 3.03
CA THR A 346 -41.06 -11.58 3.71
C THR A 346 -40.36 -12.49 4.71
N GLU A 347 -41.06 -13.52 5.18
CA GLU A 347 -40.45 -14.46 6.11
C GLU A 347 -39.37 -15.26 5.38
N TYR A 348 -39.66 -15.59 4.13
CA TYR A 348 -38.71 -16.34 3.32
C TYR A 348 -37.64 -15.43 2.72
N LEU A 349 -38.05 -14.25 2.28
CA LEU A 349 -37.11 -13.25 1.77
C LEU A 349 -36.07 -12.88 2.84
N ALA A 350 -36.51 -12.79 4.08
CA ALA A 350 -35.64 -12.40 5.17
C ALA A 350 -34.56 -13.46 5.36
N ARG A 351 -34.95 -14.72 5.26
CA ARG A 351 -34.00 -15.82 5.39
C ARG A 351 -33.04 -15.89 4.20
N GLY A 352 -33.53 -15.60 3.01
CA GLY A 352 -32.68 -15.58 1.83
C GLY A 352 -31.58 -14.56 2.02
N ILE A 353 -31.99 -13.38 2.47
CA ILE A 353 -31.08 -12.27 2.72
C ILE A 353 -30.01 -12.65 3.73
N LYS A 354 -30.47 -13.17 4.88
CA LYS A 354 -29.57 -13.58 5.94
C LYS A 354 -28.57 -14.63 5.50
N GLU A 355 -29.04 -15.55 4.65
CA GLU A 355 -28.24 -16.70 4.26
C GLU A 355 -27.57 -16.51 2.91
N ASN A 356 -27.67 -15.30 2.38
CA ASN A 356 -27.03 -14.98 1.11
C ASN A 356 -27.49 -15.91 -0.02
N ALA A 357 -28.81 -16.09 -0.10
CA ALA A 357 -29.42 -16.87 -1.16
C ALA A 357 -30.19 -15.94 -2.11
N ALA A 358 -29.90 -16.04 -3.41
CA ALA A 358 -30.51 -15.16 -4.40
C ALA A 358 -30.09 -13.70 -4.22
N ASN A 359 -30.44 -12.87 -5.19
CA ASN A 359 -30.20 -11.43 -5.10
C ASN A 359 -31.34 -10.67 -5.76
N SER A 360 -32.49 -11.33 -5.87
CA SER A 360 -33.67 -10.77 -6.52
C SER A 360 -34.88 -11.58 -6.09
N ILE A 361 -36.05 -10.96 -6.06
CA ILE A 361 -37.30 -11.64 -5.73
C ILE A 361 -38.39 -11.30 -6.74
N LEU A 362 -39.17 -12.31 -7.13
CA LEU A 362 -40.32 -12.06 -7.99
C LEU A 362 -41.55 -11.71 -7.15
N ILE A 363 -42.08 -10.51 -7.38
CA ILE A 363 -43.22 -10.01 -6.62
C ILE A 363 -44.54 -10.29 -7.34
N LYS A 364 -45.32 -11.21 -6.78
CA LYS A 364 -46.66 -11.50 -7.27
C LYS A 364 -47.68 -11.03 -6.26
N VAL A 365 -48.34 -9.91 -6.56
CA VAL A 365 -49.19 -9.24 -5.59
C VAL A 365 -50.20 -10.18 -4.91
N ASN A 366 -50.83 -11.04 -5.70
CA ASN A 366 -51.87 -11.92 -5.15
C ASN A 366 -51.27 -13.16 -4.47
N GLN A 367 -49.95 -13.29 -4.52
CA GLN A 367 -49.25 -14.30 -3.76
C GLN A 367 -49.21 -13.91 -2.28
N ILE A 368 -49.44 -12.63 -1.99
CA ILE A 368 -49.46 -12.15 -0.61
C ILE A 368 -50.83 -11.56 -0.21
N GLY A 369 -51.46 -10.77 -1.10
CA GLY A 369 -52.87 -10.45 -0.95
C GLY A 369 -53.25 -9.01 -0.65
N THR A 370 -52.28 -8.18 -0.23
CA THR A 370 -52.53 -6.76 -0.01
C THR A 370 -51.42 -5.94 -0.62
N LEU A 371 -51.71 -4.68 -0.95
CA LEU A 371 -50.73 -3.77 -1.52
C LEU A 371 -49.74 -3.39 -0.44
N THR A 372 -50.22 -3.35 0.80
CA THR A 372 -49.37 -2.93 1.91
C THR A 372 -48.25 -3.95 2.11
N GLU A 373 -48.61 -5.23 2.20
CA GLU A 373 -47.63 -6.29 2.35
C GLU A 373 -46.74 -6.39 1.12
N THR A 374 -47.33 -6.17 -0.05
CA THR A 374 -46.55 -6.17 -1.30
C THR A 374 -45.42 -5.14 -1.24
N PHE A 375 -45.74 -3.93 -0.80
CA PHE A 375 -44.76 -2.87 -0.76
C PHE A 375 -43.75 -3.12 0.36
N GLU A 376 -44.19 -3.80 1.41
CA GLU A 376 -43.26 -4.19 2.46
C GLU A 376 -42.24 -5.20 1.92
N ALA A 377 -42.68 -6.10 1.05
CA ALA A 377 -41.80 -7.08 0.44
C ALA A 377 -40.81 -6.37 -0.47
N ILE A 378 -41.31 -5.41 -1.23
CA ILE A 378 -40.46 -4.65 -2.13
C ILE A 378 -39.39 -3.86 -1.36
N GLU A 379 -39.76 -3.26 -0.24
CA GLU A 379 -38.80 -2.47 0.53
C GLU A 379 -37.78 -3.36 1.25
N MET A 380 -38.20 -4.51 1.74
CA MET A 380 -37.28 -5.43 2.38
C MET A 380 -36.23 -5.89 1.39
N ALA A 381 -36.67 -6.20 0.18
CA ALA A 381 -35.76 -6.62 -0.86
C ALA A 381 -34.76 -5.51 -1.16
N ALA A 382 -35.27 -4.32 -1.45
CA ALA A 382 -34.43 -3.21 -1.88
C ALA A 382 -33.36 -2.91 -0.84
N GLU A 383 -33.74 -2.99 0.43
CA GLU A 383 -32.83 -2.60 1.51
C GLU A 383 -31.74 -3.64 1.73
N ALA A 384 -31.94 -4.83 1.16
CA ALA A 384 -30.93 -5.88 1.20
C ALA A 384 -30.10 -5.87 -0.08
N GLY A 385 -30.36 -4.91 -0.96
CA GLY A 385 -29.65 -4.83 -2.22
C GLY A 385 -30.18 -5.80 -3.26
N TYR A 386 -31.34 -6.38 -2.98
CA TYR A 386 -32.01 -7.26 -3.94
C TYR A 386 -32.94 -6.43 -4.84
N THR A 387 -33.10 -6.84 -6.10
CA THR A 387 -34.10 -6.21 -6.96
C THR A 387 -35.44 -6.87 -6.73
N ALA A 388 -36.51 -6.12 -6.96
CA ALA A 388 -37.85 -6.66 -6.91
C ALA A 388 -38.51 -6.55 -8.30
N VAL A 389 -38.88 -7.69 -8.87
CA VAL A 389 -39.45 -7.74 -10.21
C VAL A 389 -40.95 -8.00 -10.13
N VAL A 390 -41.72 -6.95 -10.34
CA VAL A 390 -43.18 -7.02 -10.30
C VAL A 390 -43.64 -7.97 -11.40
N SER A 391 -44.55 -8.90 -11.09
CA SER A 391 -44.87 -9.98 -12.03
C SER A 391 -46.36 -10.19 -12.33
N HIS A 392 -46.63 -10.55 -13.57
CA HIS A 392 -47.94 -11.01 -13.98
C HIS A 392 -48.23 -12.43 -13.48
N ARG A 393 -49.48 -12.87 -13.66
CA ARG A 393 -49.83 -14.27 -13.43
C ARG A 393 -50.23 -14.90 -14.77
N SER A 394 -50.45 -16.21 -14.78
CA SER A 394 -50.78 -16.90 -16.02
C SER A 394 -52.16 -16.48 -16.51
N GLY A 395 -53.08 -16.29 -15.56
CA GLY A 395 -54.40 -15.77 -15.87
C GLY A 395 -54.43 -14.31 -15.52
N GLU A 396 -54.51 -13.46 -16.52
CA GLU A 396 -54.50 -12.02 -16.31
C GLU A 396 -55.85 -11.37 -16.67
N THR A 397 -55.95 -10.08 -16.43
CA THR A 397 -57.14 -9.32 -16.78
C THR A 397 -56.70 -8.08 -17.54
N GLU A 398 -57.67 -7.25 -17.89
CA GLU A 398 -57.41 -5.97 -18.54
C GLU A 398 -56.76 -4.93 -17.58
N ASP A 399 -56.57 -5.29 -16.32
CA ASP A 399 -55.92 -4.40 -15.34
C ASP A 399 -54.41 -4.25 -15.59
N SER A 400 -53.89 -3.07 -15.28
CA SER A 400 -52.47 -2.76 -15.49
C SER A 400 -51.79 -2.22 -14.23
N THR A 401 -52.40 -2.52 -13.08
CA THR A 401 -51.94 -2.01 -11.79
C THR A 401 -50.47 -2.27 -11.53
N ILE A 402 -49.94 -3.40 -12.00
CA ILE A 402 -48.53 -3.73 -11.72
C ILE A 402 -47.57 -2.81 -12.48
N ALA A 403 -48.05 -2.18 -13.54
CA ALA A 403 -47.26 -1.15 -14.24
C ALA A 403 -47.01 0.02 -13.28
N ASP A 404 -48.10 0.48 -12.68
CA ASP A 404 -48.03 1.58 -11.74
C ASP A 404 -47.23 1.21 -10.49
N ILE A 405 -47.35 -0.03 -10.05
CA ILE A 405 -46.59 -0.48 -8.88
C ILE A 405 -45.10 -0.47 -9.19
N ALA A 406 -44.75 -0.93 -10.38
CA ALA A 406 -43.33 -0.97 -10.79
C ALA A 406 -42.72 0.42 -10.80
N VAL A 407 -43.42 1.37 -11.38
CA VAL A 407 -42.95 2.76 -11.41
C VAL A 407 -43.02 3.43 -10.04
N ALA A 408 -44.03 3.08 -9.26
CA ALA A 408 -44.28 3.73 -7.97
C ALA A 408 -43.08 3.48 -7.09
N THR A 409 -42.50 2.29 -7.24
CA THR A 409 -41.40 1.87 -6.38
C THR A 409 -40.05 2.05 -7.06
N ASN A 410 -40.04 2.64 -8.24
CA ASN A 410 -38.82 2.77 -9.03
C ASN A 410 -38.10 1.42 -9.09
N ALA A 411 -38.87 0.34 -9.13
CA ALA A 411 -38.31 -1.00 -9.03
C ALA A 411 -37.23 -1.29 -10.08
N GLY A 412 -37.44 -0.80 -11.29
CA GLY A 412 -36.44 -0.92 -12.35
C GLY A 412 -36.65 -2.09 -13.29
N GLN A 413 -37.52 -3.03 -12.90
CA GLN A 413 -37.81 -4.18 -13.74
C GLN A 413 -39.25 -4.60 -13.56
N ILE A 414 -39.77 -5.28 -14.59
CA ILE A 414 -41.10 -5.87 -14.55
C ILE A 414 -41.10 -7.14 -15.40
N LYS A 415 -41.93 -8.10 -15.04
CA LYS A 415 -42.11 -9.30 -15.85
C LYS A 415 -43.60 -9.43 -16.13
N THR A 416 -44.02 -9.05 -17.32
CA THR A 416 -45.44 -8.99 -17.63
C THR A 416 -45.80 -9.55 -19.03
N GLY A 417 -44.97 -10.46 -19.54
CA GLY A 417 -45.36 -11.29 -20.68
C GLY A 417 -44.70 -11.00 -22.02
N SER A 418 -45.09 -11.78 -23.02
CA SER A 418 -44.59 -11.62 -24.38
C SER A 418 -45.23 -10.42 -25.07
N LEU A 419 -45.01 -10.29 -26.37
CA LEU A 419 -45.47 -9.12 -27.12
C LEU A 419 -46.75 -9.35 -27.93
N SER A 420 -47.59 -10.28 -27.46
CA SER A 420 -48.94 -10.40 -27.99
C SER A 420 -49.89 -10.74 -26.84
N ARG A 421 -51.20 -10.63 -27.09
CA ARG A 421 -52.25 -10.74 -26.07
C ARG A 421 -52.36 -9.49 -25.19
N THR A 422 -53.57 -8.94 -25.14
CA THR A 422 -53.84 -7.72 -24.40
C THR A 422 -53.68 -7.93 -22.90
N ASP A 423 -53.79 -9.17 -22.44
CA ASP A 423 -53.58 -9.45 -21.03
C ASP A 423 -52.13 -9.11 -20.63
N ARG A 424 -51.24 -9.04 -21.62
CA ARG A 424 -49.88 -8.57 -21.40
C ARG A 424 -49.70 -7.13 -21.90
N ILE A 425 -50.15 -6.90 -23.13
CA ILE A 425 -49.92 -5.63 -23.81
C ILE A 425 -50.53 -4.46 -23.05
N ALA A 426 -51.60 -4.70 -22.29
CA ALA A 426 -52.23 -3.65 -21.48
C ALA A 426 -51.23 -3.04 -20.49
N LYS A 427 -50.35 -3.87 -19.94
CA LYS A 427 -49.35 -3.39 -19.00
C LYS A 427 -48.33 -2.52 -19.73
N TYR A 428 -47.90 -2.96 -20.90
CA TYR A 428 -46.96 -2.21 -21.71
C TYR A 428 -47.53 -0.86 -22.15
N ASN A 429 -48.81 -0.84 -22.51
CA ASN A 429 -49.45 0.39 -22.94
C ASN A 429 -49.54 1.36 -21.79
N GLN A 430 -49.89 0.84 -20.61
CA GLN A 430 -49.96 1.67 -19.41
C GLN A 430 -48.58 2.25 -19.11
N LEU A 431 -47.55 1.46 -19.33
CA LEU A 431 -46.19 1.95 -19.12
C LEU A 431 -45.85 3.06 -20.12
N LEU A 432 -46.36 2.94 -21.34
CA LEU A 432 -46.20 3.99 -22.34
C LEU A 432 -46.86 5.28 -21.85
N ARG A 433 -48.04 5.16 -21.27
CA ARG A 433 -48.76 6.33 -20.76
C ARG A 433 -47.97 6.96 -19.63
N ILE A 434 -47.45 6.16 -18.73
CA ILE A 434 -46.73 6.68 -17.57
C ILE A 434 -45.47 7.43 -18.02
N GLU A 435 -44.75 6.86 -18.99
CA GLU A 435 -43.53 7.47 -19.48
C GLU A 435 -43.87 8.82 -20.08
N ASP A 436 -44.94 8.82 -20.88
CA ASP A 436 -45.40 10.00 -21.57
C ASP A 436 -45.76 11.10 -20.58
N GLN A 437 -46.40 10.72 -19.47
CA GLN A 437 -46.84 11.68 -18.46
C GLN A 437 -45.68 12.26 -17.66
N LEU A 438 -44.68 11.45 -17.39
CA LEU A 438 -43.51 11.88 -16.62
C LEU A 438 -42.66 12.85 -17.43
N GLY A 439 -42.81 12.80 -18.76
CA GLY A 439 -42.07 13.65 -19.66
C GLY A 439 -40.57 13.58 -19.41
N GLU A 440 -39.94 14.73 -19.25
CA GLU A 440 -38.49 14.80 -19.14
C GLU A 440 -37.98 14.13 -17.86
N VAL A 441 -38.87 13.96 -16.89
CA VAL A 441 -38.54 13.33 -15.62
C VAL A 441 -38.35 11.81 -15.71
N ALA A 442 -38.95 11.17 -16.70
CA ALA A 442 -38.85 9.74 -16.86
C ALA A 442 -37.41 9.27 -16.98
N GLN A 443 -37.10 8.15 -16.33
CA GLN A 443 -35.80 7.50 -16.46
C GLN A 443 -35.94 6.03 -16.83
N TYR A 444 -35.09 5.57 -17.72
CA TYR A 444 -35.01 4.16 -18.09
C TYR A 444 -33.57 3.76 -17.86
N LYS A 445 -33.35 2.79 -16.99
CA LYS A 445 -32.02 2.51 -16.50
C LYS A 445 -31.29 1.45 -17.30
N GLY A 446 -32.01 0.72 -18.13
CA GLY A 446 -31.41 -0.35 -18.91
C GLY A 446 -30.62 -1.29 -18.01
N ILE A 447 -29.34 -1.48 -18.32
CA ILE A 447 -28.50 -2.38 -17.56
C ILE A 447 -28.24 -1.85 -16.14
N LYS A 448 -28.32 -0.53 -15.97
CA LYS A 448 -28.14 0.05 -14.65
C LYS A 448 -29.31 -0.27 -13.72
N SER A 449 -30.31 -0.97 -14.24
CA SER A 449 -31.42 -1.45 -13.41
C SER A 449 -30.94 -2.48 -12.39
N PHE A 450 -29.85 -3.16 -12.73
CA PHE A 450 -29.34 -4.26 -11.91
C PHE A 450 -28.40 -3.76 -10.82
N TYR A 451 -28.92 -2.97 -9.89
CA TYR A 451 -28.12 -2.50 -8.76
C TYR A 451 -27.72 -3.65 -7.84
N ASN A 452 -28.34 -4.81 -8.01
CA ASN A 452 -27.92 -6.00 -7.29
C ASN A 452 -26.64 -6.60 -7.87
N LEU A 453 -26.19 -6.06 -9.01
CA LEU A 453 -24.98 -6.56 -9.67
C LEU A 453 -23.87 -5.49 -9.69
N MET B 21 -56.02 25.89 -10.40
CA MET B 21 -56.46 25.63 -8.99
C MET B 21 -55.30 25.14 -8.12
N SER B 22 -54.61 24.11 -8.59
CA SER B 22 -53.38 23.60 -7.98
C SER B 22 -52.16 24.34 -8.51
N ILE B 23 -52.41 25.38 -9.29
CA ILE B 23 -51.35 26.12 -9.96
C ILE B 23 -50.71 27.11 -9.00
N ILE B 24 -49.38 27.12 -8.97
CA ILE B 24 -48.65 28.04 -8.11
C ILE B 24 -48.82 29.46 -8.59
N THR B 25 -49.39 30.30 -7.74
CA THR B 25 -49.65 31.68 -8.09
C THR B 25 -48.69 32.65 -7.43
N ASP B 26 -47.98 32.18 -6.41
CA ASP B 26 -47.04 33.06 -5.74
C ASP B 26 -45.85 32.32 -5.09
N VAL B 27 -44.66 32.90 -5.20
CA VAL B 27 -43.46 32.40 -4.54
C VAL B 27 -42.69 33.60 -3.95
N TYR B 28 -42.47 33.61 -2.64
CA TYR B 28 -41.93 34.79 -1.96
C TYR B 28 -40.97 34.45 -0.81
N ALA B 29 -39.74 34.97 -0.88
CA ALA B 29 -38.77 34.72 0.19
C ALA B 29 -38.62 35.94 1.09
N ARG B 30 -38.19 35.69 2.32
CA ARG B 30 -37.81 36.76 3.22
C ARG B 30 -36.67 36.29 4.11
N GLU B 31 -35.89 37.24 4.61
CA GLU B 31 -34.78 36.96 5.53
C GLU B 31 -35.31 36.75 6.95
N VAL B 32 -34.85 35.68 7.61
CA VAL B 32 -35.24 35.38 9.00
C VAL B 32 -34.00 34.94 9.76
N LEU B 33 -34.13 34.57 11.04
CA LEU B 33 -32.97 34.12 11.81
C LEU B 33 -33.02 32.62 12.14
N ASP B 34 -31.84 32.02 12.23
CA ASP B 34 -31.75 30.62 12.62
C ASP B 34 -31.49 30.54 14.12
N SER B 35 -31.32 29.32 14.61
CA SER B 35 -31.27 29.06 16.05
C SER B 35 -30.02 29.63 16.71
N ARG B 36 -29.07 30.07 15.91
CA ARG B 36 -27.85 30.67 16.43
C ARG B 36 -27.84 32.18 16.32
N GLY B 37 -28.94 32.75 15.84
CA GLY B 37 -29.03 34.19 15.69
C GLY B 37 -28.38 34.70 14.42
N ASN B 38 -28.23 33.82 13.44
CA ASN B 38 -27.70 34.22 12.14
C ASN B 38 -28.76 34.16 11.05
N PRO B 39 -28.67 35.05 10.05
CA PRO B 39 -29.66 35.06 8.97
C PRO B 39 -29.72 33.74 8.17
N THR B 40 -30.93 33.42 7.74
CA THR B 40 -31.20 32.35 6.77
C THR B 40 -32.42 32.89 6.05
N LEU B 41 -33.16 32.07 5.31
CA LEU B 41 -34.35 32.56 4.63
C LEU B 41 -35.51 31.59 4.73
N GLU B 42 -36.70 32.08 4.41
CA GLU B 42 -37.87 31.22 4.26
C GLU B 42 -38.61 31.62 3.00
N VAL B 43 -39.32 30.67 2.41
CA VAL B 43 -40.11 30.94 1.23
C VAL B 43 -41.55 30.54 1.48
N GLU B 44 -42.47 31.27 0.87
CA GLU B 44 -43.89 30.96 0.98
C GLU B 44 -44.39 30.73 -0.44
N VAL B 45 -45.15 29.65 -0.61
CA VAL B 45 -45.72 29.31 -1.89
C VAL B 45 -47.23 29.22 -1.73
N TYR B 46 -47.94 29.84 -2.67
CA TYR B 46 -49.41 29.79 -2.71
C TYR B 46 -49.90 29.20 -4.03
N THR B 47 -51.00 28.47 -3.96
CA THR B 47 -51.71 28.05 -5.16
C THR B 47 -52.92 28.94 -5.37
N GLU B 48 -53.53 28.84 -6.55
CA GLU B 48 -54.71 29.62 -6.88
C GLU B 48 -55.84 29.30 -5.90
N SER B 49 -55.89 28.06 -5.44
CA SER B 49 -56.91 27.62 -4.50
C SER B 49 -56.67 28.14 -3.09
N GLY B 50 -55.49 28.69 -2.83
CA GLY B 50 -55.20 29.25 -1.52
C GLY B 50 -54.40 28.31 -0.64
N ALA B 51 -53.95 27.21 -1.21
CA ALA B 51 -53.10 26.29 -0.47
C ALA B 51 -51.77 26.99 -0.21
N PHE B 52 -51.15 26.66 0.92
CA PHE B 52 -49.99 27.40 1.42
C PHE B 52 -48.91 26.48 1.94
N GLY B 53 -47.67 26.80 1.63
CA GLY B 53 -46.53 26.09 2.19
C GLY B 53 -45.41 27.04 2.56
N ARG B 54 -44.76 26.80 3.69
CA ARG B 54 -43.61 27.59 4.10
C ARG B 54 -42.41 26.68 4.34
N GLY B 55 -41.29 27.02 3.69
CA GLY B 55 -40.06 26.26 3.87
C GLY B 55 -38.96 27.14 4.42
N MET B 56 -38.43 26.77 5.57
CA MET B 56 -37.32 27.48 6.18
C MET B 56 -36.05 26.69 5.94
N VAL B 57 -34.93 27.37 5.78
CA VAL B 57 -33.68 26.70 5.44
C VAL B 57 -32.71 26.75 6.60
N PRO B 58 -32.05 25.63 6.89
CA PRO B 58 -31.03 25.63 7.94
C PRO B 58 -29.65 26.04 7.40
N SER B 59 -28.69 26.24 8.30
CA SER B 59 -27.31 26.56 7.94
C SER B 59 -26.38 25.62 8.71
N GLY B 60 -25.17 25.43 8.19
CA GLY B 60 -24.18 24.59 8.83
C GLY B 60 -23.09 25.40 9.50
N ALA B 61 -22.70 25.00 10.71
CA ALA B 61 -21.60 25.66 11.44
C ALA B 61 -20.27 25.43 10.73
N SER B 62 -19.93 24.17 10.49
CA SER B 62 -18.81 23.84 9.62
C SER B 62 -19.37 23.12 8.39
N THR B 63 -18.98 23.53 7.18
CA THR B 63 -19.49 22.90 5.97
C THR B 63 -18.39 22.08 5.29
N GLY B 64 -18.72 20.90 4.76
CA GLY B 64 -17.76 20.10 4.02
C GLY B 64 -17.35 20.94 2.81
N GLU B 65 -16.46 20.43 1.97
CA GLU B 65 -16.00 21.20 0.81
C GLU B 65 -16.94 21.12 -0.34
N HIS B 66 -17.45 19.91 -0.54
CA HIS B 66 -18.23 19.61 -1.72
C HIS B 66 -19.72 19.80 -1.47
N GLU B 67 -20.07 20.68 -0.54
CA GLU B 67 -21.46 20.96 -0.26
C GLU B 67 -21.97 21.95 -1.30
N ALA B 68 -23.26 21.91 -1.60
CA ALA B 68 -23.85 22.91 -2.45
C ALA B 68 -23.63 24.22 -1.70
N VAL B 69 -23.41 25.31 -2.41
CA VAL B 69 -22.97 26.52 -1.72
C VAL B 69 -24.16 27.35 -1.30
N GLU B 70 -24.19 27.70 -0.01
CA GLU B 70 -25.19 28.61 0.50
C GLU B 70 -24.72 30.03 0.21
N LEU B 71 -25.61 30.82 -0.38
CA LEU B 71 -25.30 32.19 -0.77
C LEU B 71 -25.44 33.15 0.41
N ARG B 72 -24.33 33.78 0.80
CA ARG B 72 -24.32 34.84 1.80
C ARG B 72 -24.07 36.19 1.15
N ASP B 73 -24.51 37.26 1.79
CA ASP B 73 -24.41 38.59 1.22
C ASP B 73 -22.98 39.15 1.14
N GLY B 74 -22.18 38.92 2.18
CA GLY B 74 -20.80 39.38 2.18
C GLY B 74 -20.63 40.80 2.71
N ASP B 75 -21.75 41.51 2.86
CA ASP B 75 -21.72 42.89 3.39
C ASP B 75 -21.44 42.86 4.87
N LYS B 76 -20.22 43.21 5.25
CA LYS B 76 -19.77 43.02 6.62
C LYS B 76 -20.26 44.12 7.58
N SER B 77 -21.00 45.09 7.05
CA SER B 77 -21.66 46.09 7.90
C SER B 77 -22.95 45.52 8.48
N ARG B 78 -23.37 44.38 7.94
CA ARG B 78 -24.68 43.82 8.23
C ARG B 78 -24.59 42.34 8.58
N TYR B 79 -24.96 42.00 9.81
CA TYR B 79 -24.92 40.62 10.29
C TYR B 79 -23.56 39.95 10.03
N LEU B 80 -22.50 40.76 10.05
CA LEU B 80 -21.14 40.25 9.87
C LEU B 80 -20.93 39.58 8.52
N GLY B 81 -21.62 40.08 7.50
CA GLY B 81 -21.52 39.52 6.15
C GLY B 81 -22.37 38.28 5.95
N LEU B 82 -23.18 37.92 6.95
CA LEU B 82 -23.96 36.70 6.91
C LEU B 82 -25.41 36.87 6.45
N GLY B 83 -25.78 38.09 6.06
CA GLY B 83 -27.13 38.34 5.55
C GLY B 83 -27.45 37.44 4.38
N THR B 84 -28.75 37.28 4.08
CA THR B 84 -29.18 36.43 2.97
C THR B 84 -30.11 37.18 2.02
N GLN B 85 -30.02 38.50 2.02
CA GLN B 85 -30.87 39.30 1.15
C GLN B 85 -30.62 38.96 -0.32
N LYS B 86 -29.40 38.58 -0.67
CA LYS B 86 -29.09 38.15 -2.04
C LYS B 86 -29.89 36.91 -2.44
N ALA B 87 -29.86 35.87 -1.61
CA ALA B 87 -30.62 34.65 -1.89
C ALA B 87 -32.11 34.97 -1.95
N VAL B 88 -32.59 35.80 -1.02
CA VAL B 88 -33.99 36.21 -1.01
C VAL B 88 -34.38 36.89 -2.34
N ASP B 89 -33.54 37.80 -2.80
CA ASP B 89 -33.79 38.50 -4.06
C ASP B 89 -33.81 37.51 -5.21
N ASN B 90 -32.96 36.51 -5.16
CA ASN B 90 -32.96 35.47 -6.18
C ASN B 90 -34.25 34.69 -6.21
N VAL B 91 -34.83 34.40 -5.05
CA VAL B 91 -36.13 33.75 -5.05
C VAL B 91 -37.19 34.67 -5.67
N ASN B 92 -37.23 35.93 -5.22
CA ASN B 92 -38.34 36.80 -5.58
C ASN B 92 -38.26 37.31 -7.03
N ASN B 93 -37.05 37.43 -7.55
CA ASN B 93 -36.84 38.12 -8.81
C ASN B 93 -36.48 37.17 -9.97
N ILE B 94 -35.92 36.00 -9.66
CA ILE B 94 -35.58 35.03 -10.71
C ILE B 94 -36.38 33.74 -10.65
N ILE B 95 -36.37 33.07 -9.50
CA ILE B 95 -37.06 31.79 -9.35
C ILE B 95 -38.58 31.91 -9.39
N ALA B 96 -39.12 32.92 -8.72
CA ALA B 96 -40.57 33.05 -8.61
C ALA B 96 -41.23 33.05 -9.99
N LYS B 97 -40.77 33.91 -10.89
CA LYS B 97 -41.39 34.04 -12.21
C LYS B 97 -41.18 32.76 -13.01
N ALA B 98 -40.07 32.07 -12.75
CA ALA B 98 -39.78 30.83 -13.45
C ALA B 98 -40.75 29.72 -13.02
N ILE B 99 -41.11 29.72 -11.74
CA ILE B 99 -41.85 28.61 -11.13
C ILE B 99 -43.36 28.87 -11.06
N ILE B 100 -43.74 30.13 -10.87
CA ILE B 100 -45.16 30.49 -10.86
C ILE B 100 -45.79 30.02 -12.17
N GLY B 101 -46.89 29.28 -12.05
CA GLY B 101 -47.54 28.71 -13.21
C GLY B 101 -47.45 27.20 -13.27
N TYR B 102 -46.46 26.63 -12.60
CA TYR B 102 -46.37 25.19 -12.46
C TYR B 102 -47.50 24.68 -11.58
N ASP B 103 -47.88 23.42 -11.78
CA ASP B 103 -48.72 22.72 -10.82
C ASP B 103 -47.90 22.54 -9.56
N VAL B 104 -48.49 22.79 -8.40
CA VAL B 104 -47.76 22.74 -7.14
C VAL B 104 -47.27 21.32 -6.87
N ARG B 105 -47.91 20.34 -7.50
CA ARG B 105 -47.62 18.94 -7.25
C ARG B 105 -46.45 18.39 -8.08
N ASP B 106 -45.97 19.17 -9.04
CA ASP B 106 -44.89 18.72 -9.91
C ASP B 106 -43.52 18.94 -9.28
N GLN B 107 -43.30 18.29 -8.14
CA GLN B 107 -42.09 18.51 -7.35
C GLN B 107 -40.83 18.32 -8.17
N GLN B 108 -40.71 17.18 -8.81
CA GLN B 108 -39.50 16.86 -9.57
C GLN B 108 -39.26 17.86 -10.69
N ALA B 109 -40.28 18.13 -11.50
CA ALA B 109 -40.15 19.10 -12.59
C ALA B 109 -39.65 20.44 -12.08
N ILE B 110 -40.16 20.86 -10.92
CA ILE B 110 -39.80 22.14 -10.32
C ILE B 110 -38.35 22.16 -9.83
N ASP B 111 -37.93 21.07 -9.19
CA ASP B 111 -36.57 21.00 -8.68
C ASP B 111 -35.60 21.04 -9.85
N ARG B 112 -35.91 20.32 -10.92
CA ARG B 112 -35.05 20.21 -12.08
C ARG B 112 -34.94 21.55 -12.77
N ALA B 113 -36.09 22.21 -12.87
CA ALA B 113 -36.15 23.54 -13.44
C ALA B 113 -35.20 24.49 -12.71
N MET B 114 -35.23 24.47 -11.38
CA MET B 114 -34.36 25.36 -10.59
C MET B 114 -32.88 25.02 -10.76
N ILE B 115 -32.57 23.74 -10.86
CA ILE B 115 -31.19 23.30 -11.08
C ILE B 115 -30.67 23.85 -12.39
N ALA B 116 -31.49 23.79 -13.45
CA ALA B 116 -31.11 24.29 -14.75
C ALA B 116 -31.00 25.81 -14.75
N LEU B 117 -31.93 26.47 -14.06
CA LEU B 117 -31.98 27.93 -14.03
C LEU B 117 -30.71 28.47 -13.39
N ASP B 118 -30.22 27.74 -12.38
CA ASP B 118 -28.95 28.09 -11.74
C ASP B 118 -27.81 27.77 -12.70
N GLY B 119 -27.89 26.60 -13.32
CA GLY B 119 -26.97 26.24 -14.40
C GLY B 119 -25.58 25.87 -13.94
N THR B 120 -25.30 25.98 -12.64
CA THR B 120 -23.99 25.61 -12.12
C THR B 120 -24.09 24.33 -11.30
N PRO B 121 -22.99 23.56 -11.24
CA PRO B 121 -22.97 22.28 -10.55
C PRO B 121 -23.21 22.39 -9.03
N ASN B 122 -22.71 23.46 -8.42
CA ASN B 122 -22.86 23.65 -6.97
C ASN B 122 -23.99 24.62 -6.55
N LYS B 123 -24.93 24.89 -7.44
CA LYS B 123 -26.02 25.83 -7.16
C LYS B 123 -25.47 27.16 -6.62
N GLY B 124 -24.32 27.58 -7.12
CA GLY B 124 -23.64 28.75 -6.58
C GLY B 124 -24.15 30.07 -7.16
N LYS B 125 -24.89 30.01 -8.26
CA LYS B 125 -25.42 31.24 -8.84
C LYS B 125 -26.63 31.75 -8.07
N LEU B 126 -27.67 30.94 -8.01
CA LEU B 126 -28.88 31.30 -7.28
C LEU B 126 -28.72 31.10 -5.77
N GLY B 127 -27.85 30.18 -5.38
CA GLY B 127 -27.69 29.82 -3.98
C GLY B 127 -28.48 28.57 -3.64
N ALA B 128 -27.82 27.62 -2.99
CA ALA B 128 -28.47 26.36 -2.63
C ALA B 128 -29.53 26.61 -1.57
N ASN B 129 -29.33 27.65 -0.76
CA ASN B 129 -30.34 28.01 0.24
C ASN B 129 -31.60 28.59 -0.40
N ALA B 130 -31.44 29.37 -1.46
CA ALA B 130 -32.58 29.91 -2.19
C ALA B 130 -33.38 28.78 -2.83
N ILE B 131 -32.67 27.85 -3.47
CA ILE B 131 -33.32 26.79 -4.21
C ILE B 131 -34.06 25.85 -3.26
N LEU B 132 -33.43 25.50 -2.15
CA LEU B 132 -34.03 24.56 -1.20
C LEU B 132 -35.23 25.16 -0.51
N GLY B 133 -35.14 26.44 -0.14
CA GLY B 133 -36.28 27.11 0.45
C GLY B 133 -37.53 26.93 -0.39
N VAL B 134 -37.36 27.09 -1.70
CA VAL B 134 -38.48 26.90 -2.64
C VAL B 134 -38.86 25.42 -2.75
N SER B 135 -37.86 24.54 -2.76
CA SER B 135 -38.09 23.11 -2.90
C SER B 135 -39.01 22.60 -1.81
N ILE B 136 -38.75 23.05 -0.58
CA ILE B 136 -39.49 22.60 0.60
C ILE B 136 -40.86 23.28 0.63
N ALA B 137 -40.88 24.58 0.39
CA ALA B 137 -42.13 25.36 0.40
C ALA B 137 -43.16 24.80 -0.58
N VAL B 138 -42.70 24.37 -1.74
CA VAL B 138 -43.59 23.86 -2.78
C VAL B 138 -44.20 22.55 -2.31
N ALA B 139 -43.35 21.69 -1.74
CA ALA B 139 -43.78 20.39 -1.25
C ALA B 139 -44.85 20.52 -0.19
N ARG B 140 -44.62 21.42 0.76
CA ARG B 140 -45.57 21.63 1.84
C ARG B 140 -46.87 22.24 1.33
N ALA B 141 -46.77 23.12 0.32
CA ALA B 141 -47.95 23.69 -0.31
C ALA B 141 -48.75 22.60 -1.05
N ALA B 142 -48.04 21.62 -1.61
CA ALA B 142 -48.69 20.53 -2.34
C ALA B 142 -49.46 19.61 -1.40
N ALA B 143 -48.85 19.29 -0.27
CA ALA B 143 -49.51 18.50 0.76
C ALA B 143 -50.75 19.23 1.26
N ASP B 144 -50.61 20.54 1.47
CA ASP B 144 -51.71 21.36 1.96
C ASP B 144 -52.82 21.36 0.94
N TYR B 145 -52.44 21.41 -0.33
CA TYR B 145 -53.42 21.45 -1.39
C TYR B 145 -54.22 20.14 -1.41
N LEU B 146 -53.52 19.02 -1.28
CA LEU B 146 -54.16 17.71 -1.34
C LEU B 146 -54.78 17.32 0.00
N GLU B 147 -54.50 18.11 1.03
CA GLU B 147 -55.00 17.83 2.38
C GLU B 147 -54.52 16.47 2.89
N VAL B 148 -53.22 16.23 2.78
CA VAL B 148 -52.58 15.04 3.34
C VAL B 148 -51.36 15.45 4.14
N PRO B 149 -50.93 14.58 5.07
CA PRO B 149 -49.73 14.91 5.85
C PRO B 149 -48.51 14.96 4.93
N LEU B 150 -47.51 15.71 5.33
CA LEU B 150 -46.32 15.87 4.50
C LEU B 150 -45.58 14.56 4.27
N TYR B 151 -45.50 13.70 5.29
CA TYR B 151 -44.80 12.43 5.10
C TYR B 151 -45.51 11.58 4.06
N THR B 152 -46.84 11.65 4.04
CA THR B 152 -47.64 10.90 3.07
C THR B 152 -47.42 11.42 1.66
N TYR B 153 -47.49 12.74 1.50
CA TYR B 153 -47.26 13.37 0.21
C TYR B 153 -45.89 13.02 -0.35
N LEU B 154 -44.87 13.05 0.51
CA LEU B 154 -43.51 12.80 0.07
C LEU B 154 -43.30 11.32 -0.24
N GLY B 155 -43.85 10.45 0.61
CA GLY B 155 -43.49 9.04 0.59
C GLY B 155 -44.52 8.09 -0.02
N GLY B 156 -45.76 8.55 -0.20
CA GLY B 156 -46.82 7.68 -0.69
C GLY B 156 -47.53 6.97 0.46
N PHE B 157 -48.26 5.90 0.16
CA PHE B 157 -49.13 5.28 1.16
C PHE B 157 -48.40 4.45 2.23
N ASN B 158 -47.21 3.98 1.93
CA ASN B 158 -46.54 2.99 2.79
C ASN B 158 -45.55 3.59 3.79
N THR B 159 -45.86 4.79 4.29
CA THR B 159 -45.04 5.43 5.31
C THR B 159 -45.47 4.91 6.69
N LYS B 160 -44.51 4.54 7.52
CA LYS B 160 -44.86 3.92 8.81
C LYS B 160 -43.75 3.85 9.85
N VAL B 161 -42.49 3.90 9.43
CA VAL B 161 -41.39 3.70 10.37
C VAL B 161 -40.98 5.00 11.05
N LEU B 162 -41.22 5.10 12.35
CA LEU B 162 -40.65 6.20 13.10
C LEU B 162 -39.18 5.89 13.35
N PRO B 163 -38.31 6.89 13.15
CA PRO B 163 -36.85 6.70 13.21
C PRO B 163 -36.31 6.48 14.61
N THR B 164 -35.31 5.61 14.71
CA THR B 164 -34.54 5.47 15.94
C THR B 164 -33.62 6.69 16.01
N PRO B 165 -33.80 7.54 17.04
CA PRO B 165 -33.05 8.81 17.08
C PRO B 165 -31.66 8.67 17.69
N MET B 166 -30.67 9.38 17.13
CA MET B 166 -29.38 9.53 17.79
C MET B 166 -29.25 10.96 18.28
N MET B 167 -29.04 11.09 19.60
CA MET B 167 -29.21 12.33 20.33
C MET B 167 -27.87 12.80 20.88
N ASN B 168 -27.36 13.90 20.33
CA ASN B 168 -26.06 14.46 20.71
C ASN B 168 -26.06 15.14 22.05
N ILE B 169 -25.64 14.45 23.12
CA ILE B 169 -25.81 15.03 24.45
C ILE B 169 -24.48 15.52 25.03
N ILE B 170 -23.37 15.09 24.45
CA ILE B 170 -22.07 15.58 24.88
C ILE B 170 -21.27 16.02 23.65
N ASN B 171 -20.62 17.19 23.77
CA ASN B 171 -19.88 17.77 22.66
C ASN B 171 -18.39 17.80 22.97
N GLY B 172 -17.57 17.56 21.95
CA GLY B 172 -16.14 17.73 22.06
C GLY B 172 -15.70 18.56 20.87
N GLY B 173 -14.45 18.34 20.44
CA GLY B 173 -13.93 18.99 19.25
C GLY B 173 -13.85 20.49 19.38
N SER B 174 -14.27 21.19 18.34
CA SER B 174 -14.26 22.65 18.34
C SER B 174 -15.43 23.22 19.15
N HIS B 175 -16.47 22.42 19.36
CA HIS B 175 -17.60 22.85 20.18
C HIS B 175 -17.36 22.62 21.68
N SER B 176 -16.11 22.82 22.14
CA SER B 176 -15.76 22.53 23.53
C SER B 176 -14.35 22.98 23.86
N ASP B 177 -14.08 23.16 25.15
CA ASP B 177 -12.72 23.43 25.62
C ASP B 177 -12.12 22.24 26.33
N ALA B 178 -12.81 21.10 26.27
CA ALA B 178 -12.27 19.86 26.82
C ALA B 178 -11.26 19.24 25.85
N PRO B 179 -10.33 18.44 26.38
CA PRO B 179 -9.36 17.70 25.56
C PRO B 179 -10.01 16.50 24.89
N ILE B 180 -10.94 16.77 23.98
CA ILE B 180 -11.64 15.74 23.24
C ILE B 180 -11.67 16.11 21.78
N ALA B 181 -11.22 15.19 20.93
CA ALA B 181 -11.15 15.44 19.50
C ALA B 181 -12.53 15.29 18.83
N PHE B 182 -13.27 14.24 19.18
CA PHE B 182 -14.59 13.98 18.56
C PHE B 182 -15.56 15.11 18.81
N GLN B 183 -16.39 15.40 17.81
CA GLN B 183 -17.28 16.56 17.89
C GLN B 183 -18.56 16.24 18.67
N GLU B 184 -19.12 15.05 18.46
CA GLU B 184 -20.37 14.69 19.11
C GLU B 184 -20.37 13.30 19.71
N PHE B 185 -20.98 13.19 20.88
CA PHE B 185 -21.27 11.90 21.49
C PHE B 185 -22.76 11.80 21.68
N MET B 186 -23.31 10.68 21.25
CA MET B 186 -24.74 10.53 21.16
C MET B 186 -25.22 9.29 21.84
N ILE B 187 -26.49 9.29 22.20
CA ILE B 187 -27.16 8.07 22.66
C ILE B 187 -28.28 7.68 21.69
N MET B 188 -28.51 6.38 21.52
CA MET B 188 -29.64 5.88 20.73
C MET B 188 -30.45 4.87 21.53
N PRO B 189 -31.75 5.18 21.77
CA PRO B 189 -32.64 4.25 22.47
C PRO B 189 -33.06 3.10 21.56
N VAL B 190 -32.09 2.26 21.21
CA VAL B 190 -32.33 1.16 20.28
C VAL B 190 -33.22 0.06 20.89
N GLY B 191 -33.37 0.07 22.20
CA GLY B 191 -34.11 -0.98 22.89
C GLY B 191 -35.56 -0.63 23.21
N ALA B 192 -35.94 0.63 22.98
CA ALA B 192 -37.28 1.09 23.29
C ALA B 192 -38.31 0.48 22.34
N PRO B 193 -39.56 0.37 22.80
CA PRO B 193 -40.64 -0.28 22.03
C PRO B 193 -41.28 0.64 20.98
N THR B 194 -41.35 1.93 21.28
CA THR B 194 -41.95 2.91 20.38
C THR B 194 -41.09 4.16 20.37
N PHE B 195 -41.25 5.01 19.35
CA PHE B 195 -40.55 6.28 19.34
C PHE B 195 -40.90 7.12 20.55
N LYS B 196 -42.16 7.11 20.95
CA LYS B 196 -42.58 7.92 22.09
C LYS B 196 -41.76 7.55 23.33
N GLU B 197 -41.59 6.25 23.56
CA GLU B 197 -40.86 5.79 24.72
C GLU B 197 -39.37 6.03 24.57
N GLY B 198 -38.82 5.76 23.39
CA GLY B 198 -37.42 6.07 23.12
C GLY B 198 -37.10 7.52 23.41
N LEU B 199 -38.04 8.41 23.09
CA LEU B 199 -37.85 9.84 23.28
C LEU B 199 -37.81 10.14 24.77
N ARG B 200 -38.75 9.55 25.52
CA ARG B 200 -38.71 9.66 26.97
C ARG B 200 -37.39 9.15 27.58
N TRP B 201 -36.90 8.00 27.12
CA TRP B 201 -35.66 7.45 27.64
C TRP B 201 -34.55 8.49 27.50
N GLY B 202 -34.41 9.02 26.29
CA GLY B 202 -33.39 10.01 25.97
C GLY B 202 -33.48 11.27 26.83
N ALA B 203 -34.70 11.77 27.02
CA ALA B 203 -34.91 12.94 27.86
C ALA B 203 -34.44 12.64 29.27
N GLU B 204 -34.73 11.43 29.74
CA GLU B 204 -34.46 11.07 31.13
C GLU B 204 -32.97 10.87 31.36
N VAL B 205 -32.28 10.36 30.36
CA VAL B 205 -30.84 10.20 30.45
C VAL B 205 -30.24 11.59 30.41
N PHE B 206 -30.83 12.46 29.61
CA PHE B 206 -30.30 13.81 29.46
C PHE B 206 -30.40 14.59 30.77
N HIS B 207 -31.51 14.44 31.46
CA HIS B 207 -31.71 15.13 32.74
C HIS B 207 -30.85 14.52 33.85
N ALA B 208 -30.72 13.19 33.81
CA ALA B 208 -29.87 12.47 34.76
C ALA B 208 -28.42 12.91 34.57
N LEU B 209 -28.05 13.17 33.32
CA LEU B 209 -26.70 13.59 33.00
C LEU B 209 -26.45 15.01 33.50
N LYS B 210 -27.41 15.90 33.30
CA LYS B 210 -27.28 17.26 33.80
C LYS B 210 -27.03 17.23 35.29
N LYS B 211 -27.79 16.39 35.98
CA LYS B 211 -27.66 16.22 37.43
C LYS B 211 -26.27 15.73 37.82
N ILE B 212 -25.78 14.74 37.09
CA ILE B 212 -24.45 14.21 37.34
C ILE B 212 -23.36 15.28 37.14
N LEU B 213 -23.55 16.12 36.15
CA LEU B 213 -22.59 17.17 35.83
C LEU B 213 -22.55 18.26 36.91
N LYS B 214 -23.72 18.65 37.41
CA LYS B 214 -23.81 19.62 38.50
C LYS B 214 -23.07 19.09 39.73
N GLU B 215 -23.35 17.83 40.08
CA GLU B 215 -22.67 17.19 41.20
C GLU B 215 -21.14 17.26 41.09
N ARG B 216 -20.63 17.26 39.86
CA ARG B 216 -19.20 17.33 39.61
C ARG B 216 -18.69 18.76 39.49
N GLY B 217 -19.61 19.73 39.53
CA GLY B 217 -19.25 21.14 39.37
C GLY B 217 -18.91 21.53 37.95
N LEU B 218 -19.42 20.75 36.99
CA LEU B 218 -19.18 21.05 35.57
C LEU B 218 -20.35 21.86 35.01
N VAL B 219 -20.10 22.55 33.89
CA VAL B 219 -21.08 23.46 33.31
C VAL B 219 -22.22 22.76 32.59
N THR B 220 -23.44 23.21 32.87
CA THR B 220 -24.61 22.56 32.29
C THR B 220 -25.38 23.46 31.31
N ALA B 221 -24.80 24.62 30.96
CA ALA B 221 -25.29 25.38 29.81
C ALA B 221 -25.09 24.53 28.55
N VAL B 222 -25.87 24.79 27.51
CA VAL B 222 -25.82 23.93 26.32
C VAL B 222 -25.22 24.62 25.10
N GLY B 223 -24.77 23.80 24.14
CA GLY B 223 -24.25 24.30 22.88
C GLY B 223 -25.34 24.39 21.82
N ASP B 224 -24.92 24.61 20.58
CA ASP B 224 -25.86 24.86 19.49
C ASP B 224 -26.95 23.80 19.37
N GLU B 225 -26.64 22.56 19.72
CA GLU B 225 -27.59 21.46 19.50
C GLU B 225 -28.26 20.92 20.76
N GLY B 226 -28.14 21.67 21.87
CA GLY B 226 -28.85 21.33 23.09
C GLY B 226 -28.13 20.38 24.02
N GLY B 227 -26.91 19.98 23.66
CA GLY B 227 -26.11 19.11 24.51
C GLY B 227 -25.13 19.91 25.35
N PHE B 228 -24.39 19.21 26.20
CA PHE B 228 -23.43 19.84 27.09
C PHE B 228 -22.01 19.70 26.53
N ALA B 229 -21.14 20.63 26.90
CA ALA B 229 -19.73 20.59 26.56
C ALA B 229 -18.88 20.72 27.83
N PRO B 230 -19.01 19.76 28.75
CA PRO B 230 -18.39 19.89 30.07
C PRO B 230 -16.89 19.73 30.01
N LYS B 231 -16.18 20.32 30.97
CA LYS B 231 -14.73 20.26 30.98
C LYS B 231 -14.25 18.90 31.48
N PHE B 232 -14.52 17.85 30.69
CA PHE B 232 -14.10 16.49 31.02
C PHE B 232 -12.58 16.35 30.99
N GLU B 233 -12.08 15.23 31.51
CA GLU B 233 -10.64 14.95 31.49
C GLU B 233 -10.17 14.45 30.13
N GLY B 234 -11.11 13.92 29.35
CA GLY B 234 -10.78 13.37 28.06
C GLY B 234 -11.92 12.51 27.53
N THR B 235 -11.67 11.82 26.42
CA THR B 235 -12.70 11.08 25.71
C THR B 235 -13.30 9.97 26.56
N GLU B 236 -12.45 9.22 27.26
CA GLU B 236 -12.91 8.14 28.11
C GLU B 236 -13.79 8.66 29.24
N ASP B 237 -13.36 9.73 29.90
CA ASP B 237 -14.17 10.34 30.93
C ASP B 237 -15.58 10.63 30.40
N GLY B 238 -15.65 11.23 29.23
CA GLY B 238 -16.92 11.57 28.61
C GLY B 238 -17.83 10.38 28.38
N VAL B 239 -17.33 9.34 27.71
CA VAL B 239 -18.15 8.17 27.40
C VAL B 239 -18.63 7.52 28.69
N GLU B 240 -17.74 7.42 29.67
CA GLU B 240 -18.06 6.81 30.96
C GLU B 240 -19.08 7.63 31.73
N THR B 241 -19.07 8.95 31.56
CA THR B 241 -20.05 9.79 32.23
C THR B 241 -21.43 9.58 31.61
N ILE B 242 -21.46 9.41 30.29
CA ILE B 242 -22.72 9.07 29.63
C ILE B 242 -23.24 7.74 30.15
N LEU B 243 -22.36 6.76 30.28
CA LEU B 243 -22.74 5.44 30.80
C LEU B 243 -23.30 5.55 32.22
N LYS B 244 -22.71 6.42 33.03
CA LYS B 244 -23.19 6.68 34.38
C LYS B 244 -24.63 7.21 34.34
N ALA B 245 -24.88 8.17 33.47
CA ALA B 245 -26.21 8.79 33.38
C ALA B 245 -27.25 7.80 32.84
N ILE B 246 -26.81 6.88 31.98
CA ILE B 246 -27.69 5.86 31.43
C ILE B 246 -28.13 4.97 32.58
N GLU B 247 -27.17 4.59 33.42
CA GLU B 247 -27.44 3.79 34.61
C GLU B 247 -28.33 4.54 35.60
N ALA B 248 -28.06 5.83 35.76
CA ALA B 248 -28.78 6.63 36.74
C ALA B 248 -30.26 6.75 36.37
N ALA B 249 -30.54 6.83 35.07
CA ALA B 249 -31.91 6.89 34.58
C ALA B 249 -32.57 5.51 34.62
N GLY B 250 -31.77 4.47 34.82
CA GLY B 250 -32.31 3.14 35.03
C GLY B 250 -32.41 2.30 33.76
N TYR B 251 -31.58 2.59 32.77
CA TYR B 251 -31.62 1.86 31.51
C TYR B 251 -30.40 0.96 31.29
N GLU B 252 -30.56 -0.05 30.44
CA GLU B 252 -29.43 -0.90 30.06
C GLU B 252 -28.59 -0.17 29.05
N ALA B 253 -27.28 -0.39 29.11
CA ALA B 253 -26.37 0.06 28.07
C ALA B 253 -26.06 -1.11 27.14
N GLY B 254 -26.64 -1.09 25.95
CA GLY B 254 -26.46 -2.17 25.00
C GLY B 254 -27.62 -2.23 24.04
N GLU B 255 -27.69 -3.31 23.27
CA GLU B 255 -28.71 -3.44 22.23
C GLU B 255 -30.12 -3.55 22.81
N ASN B 256 -30.22 -3.93 24.08
CA ASN B 256 -31.52 -4.06 24.73
C ASN B 256 -31.99 -2.75 25.35
N GLY B 257 -31.13 -1.74 25.32
CA GLY B 257 -31.48 -0.46 25.89
C GLY B 257 -30.94 0.68 25.06
N ILE B 258 -29.89 1.32 25.59
CA ILE B 258 -29.33 2.52 25.00
C ILE B 258 -27.87 2.31 24.60
N MET B 259 -27.55 2.67 23.36
CA MET B 259 -26.18 2.56 22.86
C MET B 259 -25.61 3.93 22.55
N ILE B 260 -24.33 3.96 22.21
CA ILE B 260 -23.60 5.21 22.03
C ILE B 260 -23.04 5.33 20.61
N GLY B 261 -22.97 6.57 20.12
CA GLY B 261 -22.40 6.82 18.81
C GLY B 261 -21.53 8.07 18.79
N PHE B 262 -20.72 8.19 17.74
CA PHE B 262 -19.84 9.34 17.59
C PHE B 262 -20.09 10.06 16.28
N ASP B 263 -19.95 11.38 16.31
CA ASP B 263 -19.57 12.14 15.13
C ASP B 263 -18.15 12.62 15.37
N CYS B 264 -17.18 11.89 14.83
CA CYS B 264 -15.78 12.22 14.97
C CYS B 264 -15.43 13.53 14.27
N ALA B 265 -16.08 13.78 13.14
CA ALA B 265 -15.74 14.90 12.26
C ALA B 265 -14.23 14.94 12.12
N SER B 266 -13.65 13.83 11.69
CA SER B 266 -12.19 13.71 11.70
C SER B 266 -11.52 14.65 10.69
N SER B 267 -12.29 15.17 9.75
CA SER B 267 -11.77 16.16 8.81
C SER B 267 -11.27 17.39 9.57
N GLU B 268 -11.77 17.60 10.78
CA GLU B 268 -11.41 18.79 11.56
C GLU B 268 -10.01 18.68 12.19
N PHE B 269 -9.47 17.48 12.27
CA PHE B 269 -8.13 17.33 12.81
C PHE B 269 -7.26 16.45 11.89
N TYR B 270 -7.59 16.43 10.60
CA TYR B 270 -6.76 15.75 9.62
C TYR B 270 -5.78 16.74 9.05
N ASP B 271 -4.49 16.48 9.24
CA ASP B 271 -3.43 17.29 8.65
C ASP B 271 -3.17 16.79 7.24
N LYS B 272 -3.67 17.55 6.26
CA LYS B 272 -3.66 17.12 4.87
C LYS B 272 -2.27 16.93 4.30
N GLU B 273 -1.33 17.77 4.72
CA GLU B 273 0.00 17.76 4.16
C GLU B 273 0.88 16.72 4.83
N ARG B 274 0.39 16.14 5.91
CA ARG B 274 1.11 15.08 6.58
C ARG B 274 0.33 13.76 6.52
N LYS B 275 -0.93 13.85 6.11
CA LYS B 275 -1.79 12.67 6.03
C LYS B 275 -1.88 11.97 7.37
N VAL B 276 -2.23 12.74 8.40
CA VAL B 276 -2.31 12.22 9.75
C VAL B 276 -3.45 12.87 10.50
N TYR B 277 -3.99 12.11 11.44
CA TYR B 277 -5.04 12.57 12.31
C TYR B 277 -4.36 13.09 13.57
N ASP B 278 -4.28 14.40 13.67
CA ASP B 278 -3.51 15.05 14.73
C ASP B 278 -4.38 15.49 15.88
N TYR B 279 -4.40 14.68 16.94
CA TYR B 279 -5.26 14.92 18.08
C TYR B 279 -4.78 16.05 19.00
N THR B 280 -3.50 16.37 18.91
CA THR B 280 -2.95 17.46 19.72
C THR B 280 -3.73 18.73 19.41
N LYS B 281 -4.30 18.74 18.22
CA LYS B 281 -5.15 19.82 17.75
C LYS B 281 -6.22 20.21 18.76
N PHE B 282 -6.85 19.20 19.37
CA PHE B 282 -7.96 19.41 20.30
C PHE B 282 -7.66 18.84 21.68
N GLU B 283 -6.60 18.04 21.80
CA GLU B 283 -6.37 17.28 23.01
C GLU B 283 -5.02 17.55 23.69
N GLY B 284 -4.32 18.59 23.27
CA GLY B 284 -3.04 18.93 23.89
C GLY B 284 -1.86 18.16 23.32
N GLU B 285 -0.66 18.49 23.78
CA GLU B 285 0.54 18.02 23.11
C GLU B 285 0.85 16.56 23.38
N GLY B 286 0.31 16.01 24.47
CA GLY B 286 0.46 14.60 24.73
C GLY B 286 -0.31 13.80 23.69
N ALA B 287 -1.27 14.44 23.04
CA ALA B 287 -2.25 13.71 22.23
C ALA B 287 -1.61 13.02 21.03
N ALA B 288 -2.17 11.87 20.68
CA ALA B 288 -1.65 11.04 19.60
C ALA B 288 -1.75 11.72 18.25
N VAL B 289 -0.88 11.32 17.33
CA VAL B 289 -0.89 11.82 15.98
C VAL B 289 -0.89 10.60 15.07
N ARG B 290 -2.07 10.25 14.55
CA ARG B 290 -2.31 8.90 14.03
C ARG B 290 -2.37 8.79 12.51
N THR B 291 -1.77 7.71 12.00
CA THR B 291 -1.89 7.39 10.59
C THR B 291 -3.29 6.83 10.36
N SER B 292 -3.75 6.85 9.11
CA SER B 292 -5.05 6.27 8.79
C SER B 292 -5.21 4.90 9.43
N ALA B 293 -4.20 4.05 9.30
CA ALA B 293 -4.24 2.71 9.86
C ALA B 293 -4.40 2.73 11.38
N GLU B 294 -3.80 3.72 12.00
CA GLU B 294 -3.81 3.81 13.45
C GLU B 294 -5.09 4.50 13.86
N GLN B 295 -5.61 5.33 12.97
CA GLN B 295 -6.92 5.94 13.16
C GLN B 295 -7.96 4.83 13.28
N VAL B 296 -7.88 3.86 12.37
CA VAL B 296 -8.79 2.73 12.39
C VAL B 296 -8.58 1.87 13.63
N ASP B 297 -7.33 1.68 14.02
CA ASP B 297 -7.04 0.88 15.21
C ASP B 297 -7.69 1.50 16.44
N TYR B 298 -7.60 2.82 16.54
CA TYR B 298 -8.12 3.54 17.68
C TYR B 298 -9.64 3.42 17.73
N LEU B 299 -10.26 3.58 16.57
CA LEU B 299 -11.69 3.42 16.49
C LEU B 299 -12.10 2.02 16.93
N GLU B 300 -11.34 1.02 16.51
CA GLU B 300 -11.64 -0.34 16.87
C GLU B 300 -11.52 -0.55 18.38
N GLU B 301 -10.53 0.10 18.99
CA GLU B 301 -10.35 0.03 20.45
C GLU B 301 -11.58 0.55 21.17
N LEU B 302 -12.07 1.70 20.73
CA LEU B 302 -13.25 2.29 21.37
C LEU B 302 -14.46 1.37 21.22
N VAL B 303 -14.63 0.77 20.05
CA VAL B 303 -15.78 -0.12 19.82
C VAL B 303 -15.72 -1.37 20.70
N ASN B 304 -14.52 -1.89 20.91
CA ASN B 304 -14.36 -3.06 21.77
C ASN B 304 -14.62 -2.72 23.22
N LYS B 305 -14.20 -1.52 23.61
CA LYS B 305 -14.26 -1.07 25.00
C LYS B 305 -15.64 -0.56 25.40
N TYR B 306 -16.44 -0.11 24.44
CA TYR B 306 -17.71 0.54 24.72
C TYR B 306 -18.84 0.06 23.80
N PRO B 307 -20.11 0.28 24.22
CA PRO B 307 -21.30 -0.06 23.43
C PRO B 307 -21.56 0.97 22.34
N ILE B 308 -20.62 1.04 21.40
CA ILE B 308 -20.70 1.96 20.27
C ILE B 308 -21.44 1.28 19.12
N ILE B 309 -22.49 1.91 18.61
CA ILE B 309 -23.21 1.32 17.49
C ILE B 309 -22.93 2.06 16.18
N THR B 310 -22.62 3.34 16.25
CA THR B 310 -22.46 4.14 15.04
C THR B 310 -21.32 5.16 15.15
N ILE B 311 -20.63 5.38 14.05
CA ILE B 311 -19.51 6.33 14.01
C ILE B 311 -19.58 7.13 12.74
N GLU B 312 -19.61 8.45 12.87
CA GLU B 312 -19.76 9.32 11.71
C GLU B 312 -18.45 10.05 11.40
N ASP B 313 -18.08 10.04 10.11
CA ASP B 313 -16.83 10.66 9.64
C ASP B 313 -15.62 10.30 10.51
N GLY B 314 -15.37 9.00 10.65
CA GLY B 314 -14.22 8.52 11.40
C GLY B 314 -12.93 8.72 10.64
N MET B 315 -13.03 8.83 9.33
CA MET B 315 -11.87 9.16 8.50
C MET B 315 -12.17 10.48 7.79
N ASP B 316 -11.14 11.06 7.17
CA ASP B 316 -11.27 12.38 6.55
C ASP B 316 -12.15 12.32 5.30
N GLU B 317 -12.73 13.48 4.93
CA GLU B 317 -13.62 13.56 3.78
C GLU B 317 -13.01 13.10 2.46
N ASN B 318 -11.69 13.12 2.34
CA ASN B 318 -11.04 12.66 1.11
C ASN B 318 -10.09 11.47 1.34
N ASP B 319 -10.19 10.84 2.51
CA ASP B 319 -9.30 9.72 2.82
C ASP B 319 -9.97 8.40 2.43
N TRP B 320 -10.14 8.21 1.13
CA TRP B 320 -10.86 7.05 0.58
C TRP B 320 -10.22 5.73 0.96
N ASP B 321 -8.89 5.71 1.01
CA ASP B 321 -8.18 4.50 1.39
C ASP B 321 -8.50 4.19 2.84
N GLY B 322 -8.48 5.24 3.65
CA GLY B 322 -8.81 5.11 5.06
C GLY B 322 -10.22 4.61 5.28
N TRP B 323 -11.17 5.12 4.51
CA TRP B 323 -12.56 4.68 4.61
C TRP B 323 -12.70 3.19 4.23
N LYS B 324 -11.96 2.76 3.22
CA LYS B 324 -11.98 1.34 2.85
C LYS B 324 -11.47 0.44 3.96
N VAL B 325 -10.35 0.78 4.59
CA VAL B 325 -9.80 -0.02 5.68
C VAL B 325 -10.74 -0.05 6.88
N LEU B 326 -11.25 1.12 7.22
CA LEU B 326 -12.17 1.28 8.33
C LEU B 326 -13.40 0.41 8.10
N THR B 327 -13.88 0.41 6.86
CA THR B 327 -15.11 -0.28 6.53
C THR B 327 -14.87 -1.79 6.55
N GLU B 328 -13.69 -2.19 6.08
CA GLU B 328 -13.32 -3.59 6.05
C GLU B 328 -13.25 -4.14 7.46
N ARG B 329 -12.70 -3.34 8.37
CA ARG B 329 -12.48 -3.78 9.74
C ARG B 329 -13.69 -3.74 10.68
N LEU B 330 -14.52 -2.71 10.55
CA LEU B 330 -15.66 -2.51 11.45
C LEU B 330 -17.00 -2.59 10.73
N GLY B 331 -16.97 -2.52 9.41
CA GLY B 331 -18.20 -2.42 8.62
C GLY B 331 -19.28 -3.44 8.95
N LYS B 332 -18.91 -4.58 9.53
CA LYS B 332 -19.91 -5.60 9.82
C LYS B 332 -20.51 -5.51 11.23
N ARG B 333 -19.77 -4.90 12.15
CA ARG B 333 -20.22 -4.79 13.54
C ARG B 333 -20.84 -3.41 13.83
N VAL B 334 -20.34 -2.40 13.12
CA VAL B 334 -20.61 -1.01 13.47
C VAL B 334 -21.06 -0.23 12.26
N GLN B 335 -22.00 0.67 12.46
CA GLN B 335 -22.43 1.58 11.40
C GLN B 335 -21.39 2.66 11.17
N LEU B 336 -21.11 2.94 9.91
CA LEU B 336 -20.10 3.94 9.55
C LEU B 336 -20.72 4.96 8.61
N VAL B 337 -21.03 6.14 9.17
CA VAL B 337 -21.74 7.17 8.44
C VAL B 337 -20.81 8.16 7.76
N GLY B 338 -20.98 8.29 6.44
CA GLY B 338 -20.33 9.34 5.69
C GLY B 338 -21.16 10.61 5.69
N ASP B 339 -20.62 11.67 6.26
CA ASP B 339 -21.29 12.96 6.27
C ASP B 339 -20.62 13.88 5.25
N ASP B 340 -19.49 14.47 5.61
CA ASP B 340 -18.73 15.27 4.65
C ASP B 340 -18.07 14.37 3.59
N PHE B 341 -17.95 13.08 3.90
CA PHE B 341 -17.47 12.10 2.93
C PHE B 341 -18.39 12.03 1.68
N PHE B 342 -19.70 12.15 1.89
CA PHE B 342 -20.67 12.00 0.80
C PHE B 342 -21.47 13.26 0.48
N VAL B 343 -21.45 14.22 1.41
CA VAL B 343 -22.23 15.47 1.31
C VAL B 343 -23.57 15.33 0.57
N THR B 344 -24.38 14.36 1.02
CA THR B 344 -25.73 14.14 0.50
C THR B 344 -25.78 14.18 -1.03
N ASN B 345 -24.71 13.69 -1.65
CA ASN B 345 -24.53 13.82 -3.09
C ASN B 345 -24.28 12.47 -3.78
N THR B 346 -25.23 12.06 -4.63
CA THR B 346 -25.20 10.74 -5.27
C THR B 346 -23.92 10.46 -6.06
N GLU B 347 -23.20 11.49 -6.48
CA GLU B 347 -21.95 11.26 -7.20
C GLU B 347 -20.91 10.67 -6.26
N TYR B 348 -20.91 11.16 -5.03
CA TYR B 348 -19.95 10.68 -4.04
C TYR B 348 -20.41 9.37 -3.40
N LEU B 349 -21.69 9.30 -3.07
CA LEU B 349 -22.27 8.08 -2.54
C LEU B 349 -22.09 6.92 -3.51
N ALA B 350 -22.22 7.20 -4.80
CA ALA B 350 -22.11 6.15 -5.81
C ALA B 350 -20.72 5.54 -5.79
N ARG B 351 -19.70 6.38 -5.60
CA ARG B 351 -18.32 5.91 -5.52
C ARG B 351 -18.08 5.14 -4.21
N GLY B 352 -18.63 5.62 -3.12
CA GLY B 352 -18.50 4.96 -1.84
C GLY B 352 -19.04 3.55 -1.94
N ILE B 353 -20.21 3.43 -2.55
CA ILE B 353 -20.86 2.14 -2.74
C ILE B 353 -19.94 1.23 -3.57
N LYS B 354 -19.53 1.74 -4.74
CA LYS B 354 -18.67 0.99 -5.64
C LYS B 354 -17.40 0.52 -4.96
N GLU B 355 -16.84 1.37 -4.11
CA GLU B 355 -15.55 1.07 -3.51
C GLU B 355 -15.65 0.50 -2.10
N ASN B 356 -16.87 0.16 -1.69
CA ASN B 356 -17.10 -0.43 -0.37
C ASN B 356 -16.59 0.43 0.80
N ALA B 357 -16.92 1.71 0.73
CA ALA B 357 -16.58 2.67 1.78
C ALA B 357 -17.84 3.12 2.49
N ALA B 358 -17.83 3.05 3.82
CA ALA B 358 -19.00 3.37 4.65
C ALA B 358 -20.12 2.34 4.46
N ASN B 359 -21.15 2.43 5.29
CA ASN B 359 -22.35 1.63 5.10
C ASN B 359 -23.58 2.43 5.49
N SER B 360 -23.40 3.75 5.50
CA SER B 360 -24.44 4.68 5.91
C SER B 360 -24.08 6.07 5.38
N ILE B 361 -25.10 6.87 5.11
CA ILE B 361 -24.89 8.25 4.67
C ILE B 361 -25.76 9.18 5.51
N LEU B 362 -25.19 10.31 5.93
CA LEU B 362 -25.93 11.34 6.65
C LEU B 362 -26.58 12.29 5.65
N ILE B 363 -27.90 12.34 5.66
CA ILE B 363 -28.64 13.15 4.70
C ILE B 363 -28.98 14.54 5.25
N LYS B 364 -28.28 15.55 4.73
CA LYS B 364 -28.52 16.95 5.05
C LYS B 364 -29.09 17.63 3.82
N VAL B 365 -30.38 17.95 3.86
CA VAL B 365 -31.05 18.47 2.67
C VAL B 365 -30.34 19.66 2.02
N ASN B 366 -29.85 20.61 2.81
CA ASN B 366 -29.25 21.81 2.21
C ASN B 366 -27.81 21.57 1.75
N GLN B 367 -27.32 20.36 1.96
CA GLN B 367 -26.02 19.97 1.45
C GLN B 367 -26.12 19.71 -0.06
N ILE B 368 -27.33 19.45 -0.55
CA ILE B 368 -27.55 19.15 -1.97
C ILE B 368 -28.50 20.17 -2.62
N GLY B 369 -29.58 20.53 -1.92
CA GLY B 369 -30.34 21.71 -2.29
C GLY B 369 -31.77 21.54 -2.77
N THR B 370 -32.17 20.34 -3.15
CA THR B 370 -33.55 20.08 -3.53
C THR B 370 -34.07 18.82 -2.85
N LEU B 371 -35.39 18.72 -2.69
CA LEU B 371 -35.95 17.53 -2.10
C LEU B 371 -35.74 16.34 -3.03
N THR B 372 -35.77 16.60 -4.34
CA THR B 372 -35.65 15.54 -5.33
C THR B 372 -34.28 14.84 -5.22
N GLU B 373 -33.21 15.63 -5.23
CA GLU B 373 -31.87 15.06 -5.12
C GLU B 373 -31.67 14.41 -3.76
N THR B 374 -32.30 14.96 -2.74
CA THR B 374 -32.25 14.37 -1.39
C THR B 374 -32.83 12.94 -1.40
N PHE B 375 -33.99 12.77 -1.99
CA PHE B 375 -34.65 11.47 -2.01
C PHE B 375 -33.93 10.51 -2.91
N GLU B 376 -33.28 11.03 -3.94
CA GLU B 376 -32.46 10.19 -4.81
C GLU B 376 -31.29 9.64 -4.03
N ALA B 377 -30.70 10.45 -3.15
CA ALA B 377 -29.60 10.01 -2.32
C ALA B 377 -30.05 8.93 -1.34
N ILE B 378 -31.20 9.14 -0.73
CA ILE B 378 -31.74 8.19 0.22
C ILE B 378 -32.02 6.83 -0.46
N GLU B 379 -32.56 6.85 -1.67
CA GLU B 379 -32.86 5.61 -2.38
C GLU B 379 -31.61 4.89 -2.88
N MET B 380 -30.63 5.63 -3.37
CA MET B 380 -29.39 5.01 -3.81
C MET B 380 -28.70 4.30 -2.64
N ALA B 381 -28.71 4.96 -1.49
CA ALA B 381 -28.16 4.40 -0.25
C ALA B 381 -28.86 3.11 0.11
N ALA B 382 -30.19 3.18 0.19
CA ALA B 382 -31.00 2.03 0.60
C ALA B 382 -30.76 0.83 -0.31
N GLU B 383 -30.63 1.08 -1.61
CA GLU B 383 -30.52 0.01 -2.59
C GLU B 383 -29.14 -0.63 -2.57
N ALA B 384 -28.20 0.04 -1.91
CA ALA B 384 -26.86 -0.49 -1.70
C ALA B 384 -26.73 -1.14 -0.33
N GLY B 385 -27.83 -1.19 0.41
CA GLY B 385 -27.82 -1.76 1.74
C GLY B 385 -27.23 -0.79 2.76
N TYR B 386 -27.10 0.48 2.37
CA TYR B 386 -26.66 1.51 3.29
C TYR B 386 -27.89 2.09 4.00
N THR B 387 -27.72 2.52 5.24
CA THR B 387 -28.76 3.26 5.92
C THR B 387 -28.64 4.72 5.54
N ALA B 388 -29.76 5.43 5.62
CA ALA B 388 -29.77 6.87 5.45
C ALA B 388 -30.24 7.50 6.77
N VAL B 389 -29.40 8.36 7.34
CA VAL B 389 -29.69 9.01 8.60
C VAL B 389 -30.06 10.47 8.33
N VAL B 390 -31.35 10.78 8.35
CA VAL B 390 -31.81 12.14 8.07
C VAL B 390 -31.33 13.08 9.18
N SER B 391 -30.80 14.24 8.79
CA SER B 391 -30.07 15.09 9.74
C SER B 391 -30.45 16.58 9.77
N HIS B 392 -30.40 17.17 10.97
CA HIS B 392 -30.45 18.61 11.16
C HIS B 392 -29.12 19.28 10.79
N ARG B 393 -29.08 20.61 10.86
CA ARG B 393 -27.82 21.34 10.80
C ARG B 393 -27.60 22.04 12.14
N SER B 394 -26.43 22.65 12.33
CA SER B 394 -26.10 23.31 13.59
C SER B 394 -26.99 24.52 13.79
N GLY B 395 -27.29 25.19 12.69
CA GLY B 395 -28.20 26.31 12.70
C GLY B 395 -29.53 25.81 12.18
N GLU B 396 -30.52 25.74 13.07
CA GLU B 396 -31.83 25.23 12.71
C GLU B 396 -32.91 26.31 12.80
N THR B 397 -34.13 25.94 12.43
CA THR B 397 -35.29 26.82 12.55
C THR B 397 -36.42 26.05 13.20
N GLU B 398 -37.57 26.70 13.32
CA GLU B 398 -38.78 26.06 13.84
C GLU B 398 -39.37 25.02 12.86
N ASP B 399 -38.75 24.89 11.69
CA ASP B 399 -39.20 23.91 10.70
C ASP B 399 -38.89 22.46 11.14
N SER B 400 -39.79 21.54 10.80
CA SER B 400 -39.64 20.13 11.19
C SER B 400 -39.74 19.19 9.99
N THR B 401 -39.49 19.73 8.80
CA THR B 401 -39.62 18.94 7.57
C THR B 401 -38.84 17.64 7.59
N ILE B 402 -37.65 17.62 8.20
CA ILE B 402 -36.83 16.40 8.19
C ILE B 402 -37.48 15.26 8.99
N ALA B 403 -38.40 15.60 9.89
CA ALA B 403 -39.16 14.57 10.59
C ALA B 403 -40.04 13.83 9.57
N ASP B 404 -40.77 14.61 8.77
CA ASP B 404 -41.63 14.05 7.74
C ASP B 404 -40.83 13.30 6.68
N ILE B 405 -39.62 13.79 6.37
CA ILE B 405 -38.78 13.12 5.37
C ILE B 405 -38.37 11.76 5.91
N ALA B 406 -38.02 11.72 7.19
CA ALA B 406 -37.58 10.47 7.81
C ALA B 406 -38.67 9.42 7.76
N VAL B 407 -39.89 9.80 8.13
CA VAL B 407 -41.00 8.84 8.08
C VAL B 407 -41.41 8.52 6.63
N ALA B 408 -41.32 9.50 5.74
CA ALA B 408 -41.79 9.33 4.37
C ALA B 408 -41.00 8.22 3.68
N THR B 409 -39.72 8.11 4.05
CA THR B 409 -38.82 7.16 3.42
C THR B 409 -38.60 5.92 4.28
N ASN B 410 -39.29 5.83 5.41
CA ASN B 410 -39.05 4.75 6.35
C ASN B 410 -37.56 4.60 6.62
N ALA B 411 -36.86 5.73 6.66
CA ALA B 411 -35.41 5.72 6.76
C ALA B 411 -34.90 4.92 7.96
N GLY B 412 -35.59 5.04 9.10
CA GLY B 412 -35.28 4.22 10.26
C GLY B 412 -34.40 4.90 11.30
N GLN B 413 -33.76 6.00 10.91
CA GLN B 413 -32.91 6.76 11.81
C GLN B 413 -33.00 8.23 11.49
N ILE B 414 -32.76 9.04 12.52
CA ILE B 414 -32.70 10.49 12.36
C ILE B 414 -31.65 11.00 13.35
N LYS B 415 -31.01 12.11 12.99
CA LYS B 415 -30.07 12.80 13.87
C LYS B 415 -30.51 14.25 13.93
N THR B 416 -31.20 14.61 15.01
CA THR B 416 -31.76 15.95 15.09
C THR B 416 -31.58 16.60 16.47
N GLY B 417 -30.52 16.20 17.18
CA GLY B 417 -30.04 16.96 18.33
C GLY B 417 -30.26 16.38 19.72
N SER B 418 -29.81 17.12 20.72
CA SER B 418 -29.99 16.75 22.12
C SER B 418 -31.44 16.99 22.55
N LEU B 419 -31.68 16.87 23.86
CA LEU B 419 -33.04 16.98 24.37
C LEU B 419 -33.36 18.36 24.96
N SER B 420 -32.70 19.41 24.46
CA SER B 420 -33.11 20.79 24.78
C SER B 420 -33.01 21.71 23.56
N ARG B 421 -33.60 22.91 23.67
CA ARG B 421 -33.69 23.85 22.54
C ARG B 421 -34.78 23.38 21.59
N THR B 422 -35.72 24.26 21.31
CA THR B 422 -36.83 23.96 20.43
C THR B 422 -36.41 23.74 18.97
N ASP B 423 -35.22 24.21 18.63
CA ASP B 423 -34.69 23.94 17.29
C ASP B 423 -34.45 22.45 17.08
N ARG B 424 -34.30 21.71 18.19
CA ARG B 424 -34.23 20.25 18.12
C ARG B 424 -35.57 19.63 18.51
N ILE B 425 -36.15 20.10 19.62
CA ILE B 425 -37.37 19.50 20.14
C ILE B 425 -38.55 19.59 19.16
N ALA B 426 -38.57 20.60 18.31
CA ALA B 426 -39.64 20.74 17.32
C ALA B 426 -39.71 19.53 16.39
N LYS B 427 -38.55 18.97 16.06
CA LYS B 427 -38.51 17.79 15.21
C LYS B 427 -39.05 16.58 15.96
N TYR B 428 -38.67 16.44 17.22
CA TYR B 428 -39.14 15.34 18.05
C TYR B 428 -40.66 15.41 18.24
N ASN B 429 -41.18 16.62 18.42
CA ASN B 429 -42.60 16.85 18.64
C ASN B 429 -43.35 16.47 17.37
N GLN B 430 -42.80 16.85 16.21
CA GLN B 430 -43.43 16.51 14.94
C GLN B 430 -43.49 15.00 14.79
N LEU B 431 -42.42 14.31 15.22
CA LEU B 431 -42.40 12.86 15.19
C LEU B 431 -43.46 12.27 16.11
N LEU B 432 -43.66 12.90 17.27
CA LEU B 432 -44.71 12.47 18.19
C LEU B 432 -46.08 12.60 17.52
N ARG B 433 -46.29 13.68 16.76
CA ARG B 433 -47.55 13.88 16.06
C ARG B 433 -47.74 12.82 14.99
N ILE B 434 -46.67 12.49 14.27
CA ILE B 434 -46.74 11.53 13.18
C ILE B 434 -47.08 10.14 13.76
N GLU B 435 -46.44 9.78 14.87
CA GLU B 435 -46.66 8.49 15.50
C GLU B 435 -48.10 8.43 15.91
N ASP B 436 -48.56 9.51 16.55
CA ASP B 436 -49.92 9.61 17.04
C ASP B 436 -50.94 9.43 15.93
N GLN B 437 -50.67 10.03 14.76
CA GLN B 437 -51.59 10.00 13.64
C GLN B 437 -51.63 8.64 12.97
N LEU B 438 -50.48 7.97 12.97
CA LEU B 438 -50.36 6.64 12.35
C LEU B 438 -51.08 5.57 13.17
N GLY B 439 -51.33 5.86 14.44
CA GLY B 439 -52.01 4.92 15.31
C GLY B 439 -51.34 3.55 15.32
N GLU B 440 -52.13 2.52 15.05
CA GLU B 440 -51.66 1.14 15.09
C GLU B 440 -50.66 0.85 13.97
N VAL B 441 -50.67 1.68 12.94
CA VAL B 441 -49.80 1.48 11.79
C VAL B 441 -48.35 1.87 12.08
N ALA B 442 -48.13 2.73 13.05
CA ALA B 442 -46.78 3.18 13.40
C ALA B 442 -45.86 2.00 13.76
N GLN B 443 -44.62 2.07 13.29
CA GLN B 443 -43.57 1.10 13.63
C GLN B 443 -42.29 1.75 14.14
N TYR B 444 -41.63 1.11 15.11
CA TYR B 444 -40.31 1.55 15.60
C TYR B 444 -39.38 0.34 15.56
N LYS B 445 -38.27 0.47 14.84
CA LYS B 445 -37.43 -0.69 14.56
C LYS B 445 -36.29 -0.88 15.56
N GLY B 446 -36.01 0.16 16.35
CA GLY B 446 -34.93 0.06 17.32
C GLY B 446 -33.63 -0.43 16.69
N ILE B 447 -33.07 -1.51 17.24
CA ILE B 447 -31.81 -2.02 16.76
C ILE B 447 -31.97 -2.57 15.32
N LYS B 448 -33.19 -2.96 14.96
CA LYS B 448 -33.46 -3.47 13.62
C LYS B 448 -33.41 -2.38 12.55
N SER B 449 -33.20 -1.14 12.97
CA SER B 449 -33.01 -0.04 12.04
C SER B 449 -31.73 -0.27 11.23
N PHE B 450 -30.81 -1.00 11.84
CA PHE B 450 -29.49 -1.22 11.25
C PHE B 450 -29.49 -2.44 10.33
N TYR B 451 -30.26 -2.37 9.25
CA TYR B 451 -30.27 -3.46 8.26
C TYR B 451 -28.90 -3.54 7.60
N ASN B 452 -28.12 -2.48 7.73
CA ASN B 452 -26.75 -2.51 7.22
C ASN B 452 -25.81 -3.36 8.08
N LEU B 453 -26.26 -3.82 9.24
CA LEU B 453 -25.39 -4.61 10.14
C LEU B 453 -25.85 -6.05 10.29
N MET C 21 55.40 1.00 31.99
CA MET C 21 55.39 1.97 30.84
C MET C 21 55.09 1.26 29.52
N SER C 22 55.84 0.19 29.28
CA SER C 22 55.59 -0.69 28.15
C SER C 22 54.56 -1.75 28.53
N ILE C 23 54.03 -1.65 29.74
CA ILE C 23 53.14 -2.65 30.31
C ILE C 23 51.72 -2.47 29.79
N ILE C 24 51.12 -3.58 29.35
CA ILE C 24 49.77 -3.56 28.82
C ILE C 24 48.80 -3.24 29.95
N THR C 25 48.07 -2.14 29.81
CA THR C 25 47.13 -1.73 30.83
C THR C 25 45.71 -2.02 30.40
N ASP C 26 45.49 -2.22 29.10
CA ASP C 26 44.13 -2.51 28.66
C ASP C 26 44.03 -3.41 27.42
N VAL C 27 43.04 -4.32 27.45
CA VAL C 27 42.72 -5.18 26.31
C VAL C 27 41.18 -5.24 26.17
N TYR C 28 40.66 -4.76 25.05
CA TYR C 28 39.21 -4.59 24.90
C TYR C 28 38.71 -4.93 23.49
N ALA C 29 37.76 -5.85 23.40
CA ALA C 29 37.20 -6.24 22.11
C ALA C 29 35.81 -5.65 21.88
N ARG C 30 35.45 -5.50 20.61
CA ARG C 30 34.08 -5.15 20.25
C ARG C 30 33.72 -5.82 18.93
N GLU C 31 32.43 -6.01 18.72
CA GLU C 31 31.90 -6.58 17.48
C GLU C 31 31.84 -5.53 16.36
N VAL C 32 32.34 -5.89 15.18
CA VAL C 32 32.35 -5.02 14.02
C VAL C 32 31.89 -5.83 12.79
N LEU C 33 31.82 -5.23 11.61
CA LEU C 33 31.43 -5.98 10.40
C LEU C 33 32.60 -6.18 9.45
N ASP C 34 32.55 -7.29 8.72
CA ASP C 34 33.55 -7.55 7.68
C ASP C 34 33.02 -7.14 6.32
N SER C 35 33.84 -7.32 5.30
CA SER C 35 33.57 -6.78 3.97
C SER C 35 32.35 -7.41 3.30
N ARG C 36 31.84 -8.48 3.89
CA ARG C 36 30.63 -9.10 3.35
C ARG C 36 29.40 -8.73 4.17
N GLY C 37 29.60 -7.89 5.18
CA GLY C 37 28.50 -7.46 6.03
C GLY C 37 28.17 -8.47 7.12
N ASN C 38 29.12 -9.33 7.48
CA ASN C 38 28.91 -10.29 8.56
C ASN C 38 29.74 -9.90 9.79
N PRO C 39 29.24 -10.21 10.99
CA PRO C 39 30.02 -9.86 12.20
C PRO C 39 31.40 -10.50 12.26
N THR C 40 32.34 -9.77 12.86
CA THR C 40 33.65 -10.26 13.22
C THR C 40 33.98 -9.44 14.45
N LEU C 41 35.25 -9.38 14.85
CA LEU C 41 35.59 -8.56 16.00
C LEU C 41 36.90 -7.81 15.76
N GLU C 42 37.13 -6.83 16.63
CA GLU C 42 38.42 -6.17 16.70
C GLU C 42 38.79 -6.01 18.16
N VAL C 43 40.08 -5.93 18.45
CA VAL C 43 40.57 -5.73 19.81
C VAL C 43 41.45 -4.48 19.82
N GLU C 44 41.46 -3.79 20.95
CA GLU C 44 42.30 -2.63 21.14
C GLU C 44 43.18 -2.91 22.35
N VAL C 45 44.47 -2.62 22.22
CA VAL C 45 45.42 -2.84 23.29
C VAL C 45 46.09 -1.51 23.62
N TYR C 46 46.14 -1.18 24.91
CA TYR C 46 46.84 0.01 25.40
C TYR C 46 47.93 -0.39 26.39
N THR C 47 49.04 0.34 26.33
CA THR C 47 50.09 0.25 27.33
C THR C 47 49.94 1.41 28.31
N GLU C 48 50.69 1.36 29.40
CA GLU C 48 50.65 2.41 30.41
C GLU C 48 51.09 3.77 29.83
N SER C 49 51.97 3.74 28.85
CA SER C 49 52.45 4.97 28.23
C SER C 49 51.45 5.56 27.24
N GLY C 50 50.42 4.80 26.89
CA GLY C 50 49.40 5.28 25.97
C GLY C 50 49.58 4.76 24.56
N ALA C 51 50.55 3.88 24.35
CA ALA C 51 50.73 3.30 23.03
C ALA C 51 49.50 2.46 22.74
N PHE C 52 49.13 2.38 21.46
CA PHE C 52 47.86 1.80 21.07
C PHE C 52 48.00 0.91 19.82
N GLY C 53 47.29 -0.21 19.84
CA GLY C 53 47.21 -1.07 18.67
C GLY C 53 45.80 -1.60 18.48
N ARG C 54 45.34 -1.69 17.24
CA ARG C 54 44.05 -2.30 16.96
C ARG C 54 44.21 -3.46 15.99
N GLY C 55 43.68 -4.61 16.35
CA GLY C 55 43.71 -5.77 15.48
C GLY C 55 42.31 -6.24 15.11
N MET C 56 42.01 -6.24 13.82
CA MET C 56 40.74 -6.73 13.33
C MET C 56 40.92 -8.12 12.74
N VAL C 57 39.91 -8.98 12.88
CA VAL C 57 40.04 -10.36 12.45
C VAL C 57 39.18 -10.62 11.22
N PRO C 58 39.74 -11.31 10.21
CA PRO C 58 39.02 -11.72 9.01
C PRO C 58 38.31 -13.07 9.18
N SER C 59 37.54 -13.50 8.17
CA SER C 59 36.94 -14.83 8.19
C SER C 59 36.76 -15.33 6.75
N GLY C 60 36.86 -16.65 6.55
CA GLY C 60 36.71 -17.23 5.23
C GLY C 60 35.28 -17.65 4.90
N ALA C 61 34.96 -17.65 3.61
CA ALA C 61 33.69 -18.16 3.13
C ALA C 61 33.63 -19.66 3.31
N SER C 62 34.66 -20.34 2.80
CA SER C 62 34.83 -21.77 3.01
C SER C 62 36.04 -21.98 3.91
N THR C 63 35.90 -22.83 4.93
CA THR C 63 37.00 -23.11 5.85
C THR C 63 37.51 -24.52 5.63
N GLY C 64 38.84 -24.70 5.66
CA GLY C 64 39.42 -26.01 5.55
C GLY C 64 38.85 -26.87 6.65
N GLU C 65 39.24 -28.13 6.69
CA GLU C 65 38.68 -29.07 7.68
C GLU C 65 39.42 -29.04 9.01
N HIS C 66 40.70 -28.73 8.96
CA HIS C 66 41.56 -28.89 10.12
C HIS C 66 42.12 -27.59 10.67
N GLU C 67 41.39 -26.50 10.50
CA GLU C 67 41.92 -25.23 10.94
C GLU C 67 41.29 -24.76 12.25
N ALA C 68 42.01 -23.89 12.95
CA ALA C 68 41.57 -23.33 14.23
C ALA C 68 40.17 -22.79 14.06
N VAL C 69 39.33 -22.94 15.08
CA VAL C 69 37.91 -22.59 14.96
C VAL C 69 37.62 -21.16 15.42
N GLU C 70 36.93 -20.43 14.55
CA GLU C 70 36.39 -19.12 14.89
C GLU C 70 35.09 -19.34 15.64
N LEU C 71 34.95 -18.65 16.77
CA LEU C 71 33.76 -18.78 17.61
C LEU C 71 32.63 -17.86 17.15
N ARG C 72 31.51 -18.47 16.75
CA ARG C 72 30.28 -17.73 16.40
C ARG C 72 29.26 -17.88 17.53
N ASP C 73 28.31 -16.96 17.61
CA ASP C 73 27.32 -16.97 18.68
C ASP C 73 26.28 -18.12 18.56
N GLY C 74 25.80 -18.39 17.35
CA GLY C 74 24.84 -19.45 17.14
C GLY C 74 23.39 -19.00 17.32
N ASP C 75 23.22 -17.80 17.85
CA ASP C 75 21.89 -17.23 18.06
C ASP C 75 21.31 -16.79 16.71
N LYS C 76 20.40 -17.59 16.17
CA LYS C 76 19.95 -17.38 14.79
C LYS C 76 18.92 -16.24 14.65
N SER C 77 18.56 -15.60 15.77
CA SER C 77 17.72 -14.41 15.73
C SER C 77 18.54 -13.14 15.41
N ARG C 78 19.86 -13.30 15.47
CA ARG C 78 20.77 -12.17 15.39
C ARG C 78 21.88 -12.44 14.37
N TYR C 79 21.93 -11.64 13.31
CA TYR C 79 22.94 -11.81 12.27
C TYR C 79 23.00 -13.26 11.76
N LEU C 80 21.86 -13.95 11.77
CA LEU C 80 21.79 -15.33 11.27
C LEU C 80 22.69 -16.28 12.05
N GLY C 81 22.87 -16.00 13.33
CA GLY C 81 23.72 -16.83 14.18
C GLY C 81 25.20 -16.56 14.02
N LEU C 82 25.55 -15.55 13.23
CA LEU C 82 26.96 -15.27 12.94
C LEU C 82 27.58 -14.21 13.86
N GLY C 83 26.83 -13.78 14.87
CA GLY C 83 27.36 -12.81 15.83
C GLY C 83 28.64 -13.29 16.49
N THR C 84 29.42 -12.36 17.04
CA THR C 84 30.68 -12.72 17.67
C THR C 84 30.79 -12.17 19.09
N GLN C 85 29.64 -11.86 19.69
CA GLN C 85 29.62 -11.31 21.04
C GLN C 85 30.23 -12.29 22.04
N LYS C 86 30.06 -13.59 21.80
CA LYS C 86 30.69 -14.60 22.67
C LYS C 86 32.22 -14.47 22.66
N ALA C 87 32.79 -14.38 21.47
CA ALA C 87 34.23 -14.22 21.33
C ALA C 87 34.69 -12.92 21.99
N VAL C 88 33.91 -11.85 21.78
CA VAL C 88 34.21 -10.55 22.37
C VAL C 88 34.24 -10.62 23.90
N ASP C 89 33.26 -11.30 24.47
CA ASP C 89 33.21 -11.49 25.91
C ASP C 89 34.43 -12.25 26.39
N ASN C 90 34.85 -13.24 25.63
CA ASN C 90 36.04 -14.01 25.98
C ASN C 90 37.28 -13.13 26.03
N VAL C 91 37.40 -12.20 25.09
CA VAL C 91 38.51 -11.25 25.15
C VAL C 91 38.40 -10.40 26.41
N ASN C 92 37.23 -9.84 26.66
CA ASN C 92 37.06 -8.86 27.73
C ASN C 92 37.02 -9.44 29.14
N ASN C 93 36.61 -10.70 29.26
CA ASN C 93 36.32 -11.30 30.56
C ASN C 93 37.34 -12.37 30.97
N ILE C 94 37.97 -13.01 30.00
CA ILE C 94 38.95 -14.05 30.28
C ILE C 94 40.37 -13.67 29.86
N ILE C 95 40.55 -13.33 28.59
CA ILE C 95 41.88 -13.01 28.06
C ILE C 95 42.43 -11.71 28.64
N ALA C 96 41.58 -10.69 28.78
CA ALA C 96 42.05 -9.37 29.23
C ALA C 96 42.76 -9.43 30.59
N LYS C 97 42.12 -10.06 31.58
CA LYS C 97 42.69 -10.12 32.93
C LYS C 97 43.99 -10.96 32.93
N ALA C 98 44.05 -11.95 32.03
CA ALA C 98 45.23 -12.80 31.91
C ALA C 98 46.43 -12.07 31.28
N ILE C 99 46.18 -11.22 30.30
CA ILE C 99 47.26 -10.60 29.52
C ILE C 99 47.66 -9.22 30.05
N ILE C 100 46.70 -8.48 30.60
CA ILE C 100 46.99 -7.19 31.20
C ILE C 100 48.06 -7.40 32.27
N GLY C 101 49.14 -6.64 32.19
CA GLY C 101 50.26 -6.82 33.10
C GLY C 101 51.51 -7.31 32.39
N TYR C 102 51.34 -7.91 31.22
CA TYR C 102 52.48 -8.29 30.39
C TYR C 102 53.14 -7.07 29.77
N ASP C 103 54.44 -7.17 29.51
CA ASP C 103 55.11 -6.19 28.69
C ASP C 103 54.55 -6.34 27.27
N VAL C 104 54.22 -5.24 26.61
CA VAL C 104 53.60 -5.32 25.31
C VAL C 104 54.52 -5.96 24.28
N ARG C 105 55.82 -5.98 24.58
CA ARG C 105 56.81 -6.50 23.63
C ARG C 105 57.00 -8.00 23.69
N ASP C 106 56.41 -8.64 24.70
CA ASP C 106 56.56 -10.08 24.85
C ASP C 106 55.55 -10.85 23.99
N GLN C 107 55.65 -10.69 22.67
CA GLN C 107 54.68 -11.27 21.73
C GLN C 107 54.53 -12.78 21.89
N GLN C 108 55.64 -13.49 21.86
CA GLN C 108 55.63 -14.94 21.96
C GLN C 108 55.04 -15.39 23.29
N ALA C 109 55.55 -14.83 24.39
CA ALA C 109 55.04 -15.18 25.71
C ALA C 109 53.53 -15.01 25.77
N ILE C 110 53.03 -13.93 25.18
CA ILE C 110 51.60 -13.63 25.18
C ILE C 110 50.79 -14.63 24.35
N ASP C 111 51.30 -14.98 23.17
CA ASP C 111 50.61 -15.92 22.29
C ASP C 111 50.49 -17.29 22.96
N ARG C 112 51.57 -17.70 23.62
CA ARG C 112 51.64 -19.01 24.27
C ARG C 112 50.69 -19.03 25.46
N ALA C 113 50.68 -17.93 26.20
CA ALA C 113 49.77 -17.76 27.32
C ALA C 113 48.32 -17.96 26.88
N MET C 114 47.93 -17.34 25.77
CA MET C 114 46.55 -17.47 25.27
C MET C 114 46.25 -18.90 24.81
N ILE C 115 47.25 -19.54 24.19
CA ILE C 115 47.10 -20.93 23.75
C ILE C 115 46.82 -21.87 24.92
N ALA C 116 47.56 -21.67 26.02
CA ALA C 116 47.40 -22.48 27.22
C ALA C 116 46.05 -22.16 27.86
N LEU C 117 45.69 -20.88 27.86
CA LEU C 117 44.46 -20.42 28.50
C LEU C 117 43.25 -21.07 27.84
N ASP C 118 43.34 -21.25 26.53
CA ASP C 118 42.28 -21.92 25.78
C ASP C 118 42.29 -23.42 26.09
N GLY C 119 43.49 -23.99 26.10
CA GLY C 119 43.69 -25.36 26.55
C GLY C 119 43.23 -26.43 25.57
N THR C 120 42.63 -26.01 24.45
CA THR C 120 42.19 -26.98 23.44
C THR C 120 43.06 -26.84 22.20
N PRO C 121 43.23 -27.93 21.43
CA PRO C 121 44.14 -27.86 20.28
C PRO C 121 43.65 -26.90 19.19
N ASN C 122 42.35 -26.82 18.97
CA ASN C 122 41.81 -25.98 17.89
C ASN C 122 41.33 -24.59 18.34
N LYS C 123 41.81 -24.14 19.51
CA LYS C 123 41.41 -22.84 20.04
C LYS C 123 39.90 -22.67 20.06
N GLY C 124 39.19 -23.76 20.29
CA GLY C 124 37.74 -23.75 20.21
C GLY C 124 37.02 -23.28 21.46
N LYS C 125 37.73 -23.19 22.57
CA LYS C 125 37.10 -22.73 23.80
C LYS C 125 36.97 -21.21 23.78
N LEU C 126 38.09 -20.52 23.67
CA LEU C 126 38.12 -19.06 23.62
C LEU C 126 37.74 -18.53 22.23
N GLY C 127 37.98 -19.34 21.21
CA GLY C 127 37.75 -18.91 19.84
C GLY C 127 39.04 -18.42 19.22
N ALA C 128 39.36 -18.92 18.03
CA ALA C 128 40.59 -18.52 17.36
C ALA C 128 40.51 -17.05 16.96
N ASN C 129 39.30 -16.55 16.72
CA ASN C 129 39.11 -15.14 16.38
C ASN C 129 39.37 -14.18 17.56
N ALA C 130 38.97 -14.59 18.77
CA ALA C 130 39.28 -13.82 19.97
C ALA C 130 40.80 -13.76 20.20
N ILE C 131 41.45 -14.92 20.07
CA ILE C 131 42.88 -15.05 20.34
C ILE C 131 43.75 -14.27 19.34
N LEU C 132 43.39 -14.35 18.07
CA LEU C 132 44.14 -13.66 17.02
C LEU C 132 43.96 -12.15 17.12
N GLY C 133 42.73 -11.71 17.42
CA GLY C 133 42.47 -10.29 17.61
C GLY C 133 43.43 -9.68 18.61
N VAL C 134 43.66 -10.38 19.71
CA VAL C 134 44.59 -9.94 20.73
C VAL C 134 46.03 -10.03 20.19
N SER C 135 46.33 -11.12 19.49
CA SER C 135 47.67 -11.37 18.97
C SER C 135 48.15 -10.18 18.12
N ILE C 136 47.26 -9.71 17.26
CA ILE C 136 47.58 -8.63 16.34
C ILE C 136 47.56 -7.27 17.04
N ALA C 137 46.56 -7.02 17.88
CA ALA C 137 46.46 -5.76 18.60
C ALA C 137 47.71 -5.49 19.45
N VAL C 138 48.23 -6.54 20.07
CA VAL C 138 49.41 -6.46 20.93
C VAL C 138 50.64 -6.12 20.10
N ALA C 139 50.79 -6.79 18.97
CA ALA C 139 51.90 -6.54 18.07
C ALA C 139 51.92 -5.10 17.56
N ARG C 140 50.76 -4.59 17.17
CA ARG C 140 50.66 -3.22 16.63
C ARG C 140 50.88 -2.18 17.73
N ALA C 141 50.42 -2.50 18.94
CA ALA C 141 50.64 -1.65 20.09
C ALA C 141 52.14 -1.62 20.43
N ALA C 142 52.82 -2.73 20.22
CA ALA C 142 54.25 -2.85 20.51
C ALA C 142 55.05 -1.98 19.52
N ALA C 143 54.66 -2.07 18.25
CA ALA C 143 55.26 -1.26 17.19
C ALA C 143 55.06 0.23 17.49
N ASP C 144 53.86 0.59 17.94
CA ASP C 144 53.54 1.98 18.27
C ASP C 144 54.37 2.46 19.44
N TYR C 145 54.55 1.57 20.42
CA TYR C 145 55.32 1.90 21.61
C TYR C 145 56.77 2.20 21.27
N LEU C 146 57.33 1.37 20.40
CA LEU C 146 58.73 1.50 20.01
C LEU C 146 58.87 2.54 18.90
N GLU C 147 57.75 3.02 18.40
CA GLU C 147 57.76 4.01 17.33
C GLU C 147 58.55 3.51 16.12
N VAL C 148 58.26 2.27 15.72
CA VAL C 148 58.82 1.71 14.51
C VAL C 148 57.68 1.14 13.66
N PRO C 149 57.91 1.00 12.35
CA PRO C 149 56.86 0.42 11.49
C PRO C 149 56.58 -1.02 11.89
N LEU C 150 55.36 -1.49 11.61
CA LEU C 150 54.99 -2.83 12.01
C LEU C 150 55.85 -3.93 11.36
N TYR C 151 56.21 -3.78 10.09
CA TYR C 151 57.01 -4.82 9.44
C TYR C 151 58.38 -4.94 10.11
N THR C 152 58.92 -3.80 10.53
CA THR C 152 60.19 -3.78 11.25
C THR C 152 60.07 -4.49 12.60
N TYR C 153 59.01 -4.15 13.35
CA TYR C 153 58.81 -4.77 14.65
C TYR C 153 58.73 -6.30 14.54
N LEU C 154 57.98 -6.78 13.56
CA LEU C 154 57.75 -8.20 13.38
C LEU C 154 59.01 -8.89 12.86
N GLY C 155 59.68 -8.26 11.91
CA GLY C 155 60.73 -8.94 11.14
C GLY C 155 62.17 -8.59 11.47
N GLY C 156 62.40 -7.51 12.21
CA GLY C 156 63.75 -7.07 12.51
C GLY C 156 64.29 -6.12 11.45
N PHE C 157 65.61 -5.94 11.43
CA PHE C 157 66.24 -4.90 10.60
C PHE C 157 66.29 -5.25 9.11
N ASN C 158 66.22 -6.53 8.77
CA ASN C 158 66.51 -6.96 7.41
C ASN C 158 65.28 -7.16 6.53
N THR C 159 64.23 -6.38 6.79
CA THR C 159 63.02 -6.44 5.97
C THR C 159 63.18 -5.54 4.75
N LYS C 160 62.82 -6.05 3.57
CA LYS C 160 63.08 -5.31 2.34
C LYS C 160 62.30 -5.80 1.12
N VAL C 161 61.87 -7.05 1.12
CA VAL C 161 61.25 -7.61 -0.08
C VAL C 161 59.77 -7.29 -0.10
N LEU C 162 59.36 -6.48 -1.05
CA LEU C 162 57.95 -6.29 -1.33
C LEU C 162 57.47 -7.50 -2.12
N PRO C 163 56.29 -8.02 -1.76
CA PRO C 163 55.79 -9.28 -2.34
C PRO C 163 55.30 -9.14 -3.78
N THR C 164 55.56 -10.14 -4.61
CA THR C 164 54.93 -10.22 -5.91
C THR C 164 53.47 -10.69 -5.73
N PRO C 165 52.50 -9.84 -6.09
CA PRO C 165 51.09 -10.15 -5.79
C PRO C 165 50.44 -11.06 -6.82
N MET C 166 49.62 -12.00 -6.36
CA MET C 166 48.76 -12.76 -7.26
C MET C 166 47.35 -12.26 -7.06
N MET C 167 46.74 -11.82 -8.15
CA MET C 167 45.54 -10.99 -8.10
C MET C 167 44.36 -11.71 -8.73
N ASN C 168 43.39 -12.06 -7.89
CA ASN C 168 42.18 -12.77 -8.28
C ASN C 168 41.32 -11.92 -9.22
N ILE C 169 41.43 -12.19 -10.51
CA ILE C 169 40.79 -11.34 -11.52
C ILE C 169 39.49 -11.94 -12.06
N ILE C 170 39.43 -13.28 -12.07
CA ILE C 170 38.27 -14.01 -12.54
C ILE C 170 37.93 -15.14 -11.57
N ASN C 171 36.63 -15.34 -11.33
CA ASN C 171 36.17 -16.36 -10.39
C ASN C 171 35.39 -17.46 -11.10
N GLY C 172 35.60 -18.70 -10.65
CA GLY C 172 34.82 -19.83 -11.09
C GLY C 172 34.32 -20.59 -9.89
N GLY C 173 34.14 -21.90 -10.03
CA GLY C 173 33.76 -22.73 -8.91
C GLY C 173 32.40 -22.37 -8.35
N SER C 174 32.31 -22.33 -7.03
CA SER C 174 31.07 -21.98 -6.35
C SER C 174 30.79 -20.46 -6.42
N HIS C 175 31.84 -19.67 -6.60
CA HIS C 175 31.70 -18.22 -6.71
C HIS C 175 31.33 -17.78 -8.14
N SER C 176 30.51 -18.57 -8.83
CA SER C 176 30.18 -18.28 -10.22
C SER C 176 29.11 -19.23 -10.74
N ASP C 177 28.40 -18.81 -11.79
CA ASP C 177 27.44 -19.67 -12.47
C ASP C 177 27.95 -20.12 -13.84
N ALA C 178 29.21 -19.82 -14.13
CA ALA C 178 29.84 -20.31 -15.35
C ALA C 178 30.24 -21.76 -15.16
N PRO C 179 30.35 -22.52 -16.28
CA PRO C 179 30.82 -23.91 -16.26
C PRO C 179 32.34 -23.99 -16.08
N ILE C 180 32.81 -23.58 -14.90
CA ILE C 180 34.23 -23.58 -14.57
C ILE C 180 34.42 -24.16 -13.17
N ALA C 181 35.30 -25.16 -13.08
CA ALA C 181 35.52 -25.88 -11.82
C ALA C 181 36.43 -25.09 -10.88
N PHE C 182 37.52 -24.54 -11.39
CA PHE C 182 38.49 -23.80 -10.56
C PHE C 182 37.84 -22.58 -9.93
N GLN C 183 38.24 -22.27 -8.70
CA GLN C 183 37.60 -21.20 -7.95
C GLN C 183 38.17 -19.83 -8.30
N GLU C 184 39.48 -19.73 -8.49
CA GLU C 184 40.10 -18.44 -8.76
C GLU C 184 41.08 -18.51 -9.93
N PHE C 185 41.07 -17.47 -10.75
CA PHE C 185 42.11 -17.27 -11.75
C PHE C 185 42.76 -15.94 -11.42
N MET C 186 44.08 -15.93 -11.39
CA MET C 186 44.83 -14.78 -10.91
C MET C 186 45.87 -14.37 -11.93
N ILE C 187 46.33 -13.13 -11.82
CA ILE C 187 47.49 -12.66 -12.58
C ILE C 187 48.63 -12.30 -11.63
N MET C 188 49.87 -12.51 -12.06
CA MET C 188 51.02 -12.04 -11.28
C MET C 188 51.91 -11.21 -12.17
N PRO C 189 52.13 -9.94 -11.82
CA PRO C 189 53.05 -9.08 -12.58
C PRO C 189 54.52 -9.39 -12.25
N VAL C 190 54.96 -10.60 -12.63
CA VAL C 190 56.29 -11.08 -12.31
C VAL C 190 57.40 -10.32 -13.04
N GLY C 191 57.03 -9.56 -14.06
CA GLY C 191 58.03 -8.89 -14.90
C GLY C 191 58.30 -7.45 -14.51
N ALA C 192 57.49 -6.92 -13.61
CA ALA C 192 57.62 -5.53 -13.17
C ALA C 192 58.87 -5.30 -12.32
N PRO C 193 59.38 -4.06 -12.32
CA PRO C 193 60.62 -3.67 -11.61
C PRO C 193 60.41 -3.36 -10.13
N THR C 194 59.23 -2.86 -9.78
CA THR C 194 58.93 -2.50 -8.40
C THR C 194 57.50 -2.90 -8.09
N PHE C 195 57.17 -2.98 -6.80
CA PHE C 195 55.79 -3.27 -6.43
C PHE C 195 54.82 -2.22 -6.97
N LYS C 196 55.22 -0.95 -6.92
CA LYS C 196 54.34 0.14 -7.37
C LYS C 196 53.92 -0.06 -8.83
N GLU C 197 54.89 -0.43 -9.65
CA GLU C 197 54.64 -0.65 -11.07
C GLU C 197 53.86 -1.93 -11.30
N GLY C 198 54.21 -2.99 -10.58
CA GLY C 198 53.46 -4.24 -10.64
C GLY C 198 51.98 -4.02 -10.33
N LEU C 199 51.72 -3.13 -9.37
CA LEU C 199 50.37 -2.87 -8.92
C LEU C 199 49.62 -2.16 -10.03
N ARG C 200 50.25 -1.13 -10.62
CA ARG C 200 49.67 -0.47 -11.78
C ARG C 200 49.38 -1.42 -12.95
N TRP C 201 50.29 -2.36 -13.20
CA TRP C 201 50.08 -3.34 -14.28
C TRP C 201 48.78 -4.08 -14.02
N GLY C 202 48.63 -4.58 -12.80
CA GLY C 202 47.42 -5.29 -12.40
C GLY C 202 46.15 -4.45 -12.54
N ALA C 203 46.21 -3.20 -12.11
CA ALA C 203 45.07 -2.30 -12.20
C ALA C 203 44.66 -2.11 -13.64
N GLU C 204 45.66 -2.01 -14.53
CA GLU C 204 45.41 -1.71 -15.93
C GLU C 204 44.87 -2.92 -16.68
N VAL C 205 45.34 -4.11 -16.33
CA VAL C 205 44.84 -5.33 -16.94
C VAL C 205 43.41 -5.53 -16.47
N PHE C 206 43.18 -5.22 -15.21
CA PHE C 206 41.87 -5.41 -14.60
C PHE C 206 40.84 -4.51 -15.28
N HIS C 207 41.21 -3.26 -15.55
CA HIS C 207 40.31 -2.32 -16.22
C HIS C 207 40.10 -2.69 -17.69
N ALA C 208 41.16 -3.17 -18.34
CA ALA C 208 41.08 -3.62 -19.72
C ALA C 208 40.14 -4.82 -19.80
N LEU C 209 40.15 -5.65 -18.76
CA LEU C 209 39.33 -6.85 -18.73
C LEU C 209 37.88 -6.47 -18.56
N LYS C 210 37.62 -5.53 -17.65
CA LYS C 210 36.26 -5.03 -17.43
C LYS C 210 35.73 -4.53 -18.76
N LYS C 211 36.55 -3.78 -19.48
CA LYS C 211 36.17 -3.24 -20.78
C LYS C 211 35.79 -4.32 -21.79
N ILE C 212 36.61 -5.36 -21.85
CA ILE C 212 36.38 -6.48 -22.75
C ILE C 212 35.08 -7.22 -22.42
N LEU C 213 34.78 -7.32 -21.12
CA LEU C 213 33.57 -8.01 -20.65
C LEU C 213 32.31 -7.21 -21.03
N LYS C 214 32.36 -5.89 -20.87
CA LYS C 214 31.24 -5.05 -21.27
C LYS C 214 30.95 -5.23 -22.76
N GLU C 215 32.01 -5.16 -23.58
CA GLU C 215 31.88 -5.38 -25.01
C GLU C 215 31.18 -6.70 -25.34
N ARG C 216 31.40 -7.71 -24.51
CA ARG C 216 30.80 -9.03 -24.70
C ARG C 216 29.41 -9.18 -24.08
N GLY C 217 28.94 -8.14 -23.39
CA GLY C 217 27.65 -8.17 -22.72
C GLY C 217 27.64 -9.04 -21.47
N LEU C 218 28.81 -9.24 -20.87
CA LEU C 218 28.91 -10.02 -19.63
C LEU C 218 28.91 -9.11 -18.39
N VAL C 219 28.58 -9.69 -17.24
CA VAL C 219 28.44 -8.93 -16.00
C VAL C 219 29.79 -8.47 -15.45
N THR C 220 29.87 -7.20 -15.09
CA THR C 220 31.12 -6.63 -14.58
C THR C 220 30.99 -6.22 -13.11
N ALA C 221 29.88 -6.58 -12.47
CA ALA C 221 29.78 -6.54 -11.00
C ALA C 221 30.81 -7.52 -10.42
N VAL C 222 31.28 -7.25 -9.20
CA VAL C 222 32.38 -8.02 -8.62
C VAL C 222 31.95 -8.92 -7.46
N GLY C 223 32.76 -9.95 -7.20
CA GLY C 223 32.51 -10.86 -6.10
C GLY C 223 33.19 -10.43 -4.80
N ASP C 224 33.23 -11.34 -3.85
CA ASP C 224 33.73 -11.03 -2.53
C ASP C 224 35.13 -10.41 -2.57
N GLU C 225 35.94 -10.83 -3.55
CA GLU C 225 37.34 -10.41 -3.59
C GLU C 225 37.63 -9.35 -4.63
N GLY C 226 36.59 -8.78 -5.23
CA GLY C 226 36.76 -7.67 -6.14
C GLY C 226 36.96 -8.07 -7.58
N GLY C 227 36.93 -9.38 -7.86
CA GLY C 227 37.08 -9.86 -9.22
C GLY C 227 35.74 -10.10 -9.88
N PHE C 228 35.77 -10.50 -11.14
CA PHE C 228 34.55 -10.73 -11.89
C PHE C 228 34.27 -12.23 -11.95
N ALA C 229 33.00 -12.59 -12.08
CA ALA C 229 32.58 -13.98 -12.28
C ALA C 229 31.70 -14.11 -13.53
N PRO C 230 32.28 -13.83 -14.71
CA PRO C 230 31.49 -13.71 -15.94
C PRO C 230 30.99 -15.05 -16.44
N LYS C 231 29.89 -15.03 -17.19
CA LYS C 231 29.28 -16.24 -17.71
C LYS C 231 30.07 -16.72 -18.93
N PHE C 232 31.32 -17.14 -18.69
CA PHE C 232 32.20 -17.65 -19.75
C PHE C 232 31.68 -18.98 -20.30
N GLU C 233 32.27 -19.44 -21.40
CA GLU C 233 31.92 -20.72 -22.00
C GLU C 233 32.57 -21.89 -21.29
N GLY C 234 33.67 -21.62 -20.59
CA GLY C 234 34.42 -22.66 -19.91
C GLY C 234 35.78 -22.16 -19.47
N THR C 235 36.61 -23.06 -18.97
CA THR C 235 37.90 -22.68 -18.38
C THR C 235 38.83 -22.04 -19.41
N GLU C 236 38.89 -22.61 -20.61
CA GLU C 236 39.74 -22.06 -21.68
C GLU C 236 39.30 -20.67 -22.08
N ASP C 237 37.99 -20.46 -22.20
CA ASP C 237 37.45 -19.13 -22.49
C ASP C 237 37.93 -18.12 -21.45
N GLY C 238 37.83 -18.49 -20.18
CA GLY C 238 38.29 -17.62 -19.09
C GLY C 238 39.76 -17.25 -19.20
N VAL C 239 40.63 -18.25 -19.31
CA VAL C 239 42.07 -18.00 -19.37
C VAL C 239 42.42 -17.13 -20.59
N GLU C 240 41.80 -17.45 -21.71
CA GLU C 240 42.06 -16.74 -22.96
C GLU C 240 41.54 -15.30 -22.90
N THR C 241 40.48 -15.07 -22.12
CA THR C 241 39.96 -13.71 -21.95
C THR C 241 40.93 -12.89 -21.08
N ILE C 242 41.51 -13.53 -20.07
CA ILE C 242 42.55 -12.87 -19.26
C ILE C 242 43.75 -12.49 -20.13
N LEU C 243 44.18 -13.42 -20.98
CA LEU C 243 45.28 -13.15 -21.89
C LEU C 243 44.94 -12.00 -22.84
N LYS C 244 43.69 -11.94 -23.29
CA LYS C 244 43.23 -10.85 -24.16
C LYS C 244 43.41 -9.52 -23.45
N ALA C 245 43.00 -9.47 -22.19
CA ALA C 245 43.08 -8.24 -21.41
C ALA C 245 44.54 -7.86 -21.12
N ILE C 246 45.40 -8.86 -20.98
CA ILE C 246 46.82 -8.59 -20.75
C ILE C 246 47.43 -7.91 -21.96
N GLU C 247 47.13 -8.43 -23.14
CA GLU C 247 47.60 -7.85 -24.40
C GLU C 247 47.01 -6.45 -24.60
N ALA C 248 45.72 -6.30 -24.26
CA ALA C 248 45.01 -5.06 -24.49
C ALA C 248 45.62 -3.95 -23.63
N ALA C 249 46.06 -4.32 -22.43
CA ALA C 249 46.73 -3.38 -21.53
C ALA C 249 48.18 -3.13 -21.97
N GLY C 250 48.67 -3.96 -22.90
CA GLY C 250 49.96 -3.71 -23.53
C GLY C 250 51.12 -4.41 -22.87
N TYR C 251 50.84 -5.50 -22.15
CA TYR C 251 51.89 -6.25 -21.45
C TYR C 251 52.15 -7.59 -22.08
N GLU C 252 53.35 -8.13 -21.84
CA GLU C 252 53.70 -9.47 -22.28
C GLU C 252 53.05 -10.48 -21.35
N ALA C 253 52.64 -11.61 -21.92
CA ALA C 253 52.20 -12.75 -21.14
C ALA C 253 53.38 -13.71 -21.02
N GLY C 254 53.98 -13.79 -19.84
CA GLY C 254 55.13 -14.65 -19.62
C GLY C 254 56.00 -14.16 -18.49
N GLU C 255 57.17 -14.75 -18.33
CA GLU C 255 58.04 -14.44 -17.20
C GLU C 255 58.56 -13.00 -17.27
N ASN C 256 58.51 -12.41 -18.48
CA ASN C 256 58.97 -11.04 -18.68
C ASN C 256 57.87 -10.01 -18.45
N GLY C 257 56.66 -10.48 -18.20
CA GLY C 257 55.55 -9.59 -17.97
C GLY C 257 54.59 -10.11 -16.93
N ILE C 258 53.44 -10.61 -17.39
CA ILE C 258 52.37 -11.06 -16.52
C ILE C 258 52.05 -12.54 -16.73
N MET C 259 52.03 -13.30 -15.64
CA MET C 259 51.71 -14.72 -15.69
C MET C 259 50.41 -15.04 -14.96
N ILE C 260 49.93 -16.26 -15.13
CA ILE C 260 48.62 -16.66 -14.65
C ILE C 260 48.73 -17.77 -13.60
N GLY C 261 47.81 -17.77 -12.64
CA GLY C 261 47.78 -18.79 -11.62
C GLY C 261 46.38 -19.26 -11.28
N PHE C 262 46.28 -20.41 -10.61
CA PHE C 262 44.98 -20.95 -10.24
C PHE C 262 44.85 -21.15 -8.74
N ASP C 263 43.63 -20.91 -8.23
CA ASP C 263 43.18 -21.58 -7.01
C ASP C 263 42.10 -22.56 -7.42
N CYS C 264 42.50 -23.82 -7.58
CA CYS C 264 41.61 -24.88 -7.98
C CYS C 264 40.56 -25.17 -6.91
N ALA C 265 40.98 -25.07 -5.65
CA ALA C 265 40.11 -25.47 -4.55
C ALA C 265 39.48 -26.80 -4.92
N SER C 266 40.32 -27.78 -5.27
CA SER C 266 39.82 -29.03 -5.84
C SER C 266 39.03 -29.87 -4.83
N SER C 267 39.20 -29.60 -3.54
CA SER C 267 38.43 -30.28 -2.51
C SER C 267 36.94 -30.04 -2.70
N GLU C 268 36.60 -28.95 -3.40
CA GLU C 268 35.20 -28.57 -3.59
C GLU C 268 34.51 -29.43 -4.62
N PHE C 269 35.29 -30.14 -5.44
CA PHE C 269 34.71 -31.06 -6.41
C PHE C 269 35.40 -32.44 -6.38
N TYR C 270 35.92 -32.81 -5.22
CA TYR C 270 36.46 -34.15 -5.02
C TYR C 270 35.40 -35.06 -4.39
N ASP C 271 35.05 -36.13 -5.09
CA ASP C 271 34.13 -37.15 -4.56
C ASP C 271 34.93 -38.09 -3.68
N LYS C 272 34.78 -37.92 -2.37
CA LYS C 272 35.59 -38.67 -1.40
C LYS C 272 35.38 -40.17 -1.50
N GLU C 273 34.13 -40.57 -1.78
CA GLU C 273 33.75 -41.97 -1.78
C GLU C 273 34.03 -42.68 -3.11
N ARG C 274 34.33 -41.92 -4.15
CA ARG C 274 34.74 -42.51 -5.41
C ARG C 274 36.20 -42.16 -5.71
N LYS C 275 36.74 -41.24 -4.91
CA LYS C 275 38.13 -40.83 -5.06
C LYS C 275 38.42 -40.33 -6.46
N VAL C 276 37.61 -39.36 -6.88
CA VAL C 276 37.68 -38.78 -8.20
C VAL C 276 37.42 -37.29 -8.16
N TYR C 277 37.98 -36.60 -9.14
CA TYR C 277 37.72 -35.17 -9.31
C TYR C 277 36.60 -35.02 -10.33
N ASP C 278 35.41 -34.70 -9.83
CA ASP C 278 34.18 -34.71 -10.62
C ASP C 278 33.80 -33.31 -11.09
N TYR C 279 34.10 -33.01 -12.35
CA TYR C 279 33.89 -31.68 -12.92
C TYR C 279 32.43 -31.36 -13.27
N THR C 280 31.61 -32.39 -13.45
CA THR C 280 30.20 -32.18 -13.72
C THR C 280 29.59 -31.34 -12.60
N LYS C 281 30.21 -31.41 -11.43
CA LYS C 281 29.79 -30.63 -10.27
C LYS C 281 29.62 -29.15 -10.62
N PHE C 282 30.54 -28.60 -11.40
CA PHE C 282 30.54 -27.17 -11.71
C PHE C 282 30.44 -26.88 -13.19
N GLU C 283 30.60 -27.92 -14.02
CA GLU C 283 30.71 -27.72 -15.46
C GLU C 283 29.66 -28.45 -16.28
N GLY C 284 28.61 -28.95 -15.61
CA GLY C 284 27.54 -29.63 -16.31
C GLY C 284 27.84 -31.10 -16.56
N GLU C 285 26.88 -31.82 -17.11
CA GLU C 285 26.98 -33.27 -17.12
C GLU C 285 28.00 -33.82 -18.12
N GLY C 286 28.34 -33.03 -19.12
CA GLY C 286 29.36 -33.43 -20.08
C GLY C 286 30.74 -33.49 -19.47
N ALA C 287 30.92 -32.82 -18.34
CA ALA C 287 32.26 -32.60 -17.76
C ALA C 287 32.98 -33.87 -17.37
N ALA C 288 34.30 -33.82 -17.48
CA ALA C 288 35.15 -34.95 -17.18
C ALA C 288 35.09 -35.34 -15.71
N VAL C 289 35.35 -36.61 -15.44
CA VAL C 289 35.39 -37.11 -14.07
C VAL C 289 36.69 -37.87 -13.91
N ARG C 290 37.66 -37.22 -13.25
CA ARG C 290 39.07 -37.59 -13.35
C ARG C 290 39.65 -38.24 -12.09
N THR C 291 40.47 -39.27 -12.31
CA THR C 291 41.22 -39.87 -11.23
C THR C 291 42.39 -38.96 -10.86
N SER C 292 42.94 -39.12 -9.67
CA SER C 292 44.10 -38.32 -9.27
C SER C 292 45.12 -38.28 -10.40
N ALA C 293 45.40 -39.44 -10.99
CA ALA C 293 46.39 -39.53 -12.06
C ALA C 293 46.00 -38.67 -13.26
N GLU C 294 44.70 -38.57 -13.51
CA GLU C 294 44.20 -37.83 -14.66
C GLU C 294 44.08 -36.36 -14.29
N GLN C 295 43.85 -36.11 -13.00
CA GLN C 295 43.83 -34.75 -12.48
C GLN C 295 45.18 -34.11 -12.76
N VAL C 296 46.24 -34.85 -12.47
CA VAL C 296 47.60 -34.35 -12.68
C VAL C 296 47.85 -34.14 -14.17
N ASP C 297 47.33 -35.03 -15.01
CA ASP C 297 47.51 -34.90 -16.47
C ASP C 297 46.88 -33.61 -16.98
N TYR C 298 45.69 -33.31 -16.48
CA TYR C 298 44.95 -32.12 -16.91
C TYR C 298 45.71 -30.86 -16.50
N LEU C 299 46.17 -30.82 -15.25
CA LEU C 299 46.95 -29.67 -14.78
C LEU C 299 48.21 -29.45 -15.63
N GLU C 300 48.91 -30.54 -15.97
CA GLU C 300 50.09 -30.47 -16.82
C GLU C 300 49.74 -29.94 -18.22
N GLU C 301 48.58 -30.35 -18.75
CA GLU C 301 48.13 -29.87 -20.05
C GLU C 301 48.01 -28.35 -20.02
N LEU C 302 47.34 -27.84 -18.97
CA LEU C 302 47.11 -26.41 -18.82
C LEU C 302 48.42 -25.63 -18.67
N VAL C 303 49.38 -26.20 -17.95
CA VAL C 303 50.68 -25.56 -17.75
C VAL C 303 51.43 -25.44 -19.07
N ASN C 304 51.30 -26.47 -19.90
CA ASN C 304 51.91 -26.49 -21.22
C ASN C 304 51.21 -25.53 -22.19
N LYS C 305 49.91 -25.41 -22.05
CA LYS C 305 49.10 -24.62 -22.96
C LYS C 305 49.13 -23.13 -22.62
N TYR C 306 49.41 -22.81 -21.35
CA TYR C 306 49.29 -21.43 -20.91
C TYR C 306 50.45 -21.01 -20.01
N PRO C 307 50.64 -19.68 -19.84
CA PRO C 307 51.70 -19.14 -18.97
C PRO C 307 51.30 -19.22 -17.50
N ILE C 308 51.13 -20.44 -17.02
CA ILE C 308 50.74 -20.70 -15.64
C ILE C 308 51.98 -20.82 -14.78
N ILE C 309 52.06 -20.00 -13.74
CA ILE C 309 53.21 -20.04 -12.85
C ILE C 309 52.89 -20.67 -11.50
N THR C 310 51.62 -20.60 -11.07
CA THR C 310 51.24 -21.11 -9.75
C THR C 310 49.88 -21.81 -9.76
N ILE C 311 49.76 -22.86 -8.95
CA ILE C 311 48.52 -23.64 -8.85
C ILE C 311 48.27 -23.96 -7.38
N GLU C 312 47.11 -23.56 -6.87
CA GLU C 312 46.79 -23.75 -5.45
C GLU C 312 45.72 -24.82 -5.29
N ASP C 313 45.95 -25.72 -4.34
CA ASP C 313 45.05 -26.85 -4.07
C ASP C 313 44.57 -27.55 -5.33
N GLY C 314 45.53 -28.03 -6.12
CA GLY C 314 45.24 -28.76 -7.34
C GLY C 314 44.79 -30.18 -7.05
N MET C 315 45.15 -30.69 -5.88
CA MET C 315 44.65 -32.00 -5.45
C MET C 315 43.84 -31.79 -4.17
N ASP C 316 43.10 -32.81 -3.76
CA ASP C 316 42.22 -32.69 -2.61
C ASP C 316 43.02 -32.57 -1.32
N GLU C 317 42.39 -31.96 -0.30
CA GLU C 317 43.03 -31.72 1.00
C GLU C 317 43.58 -32.98 1.67
N ASN C 318 43.07 -34.16 1.32
CA ASN C 318 43.54 -35.41 1.91
C ASN C 318 44.10 -36.38 0.87
N ASP C 319 44.38 -35.90 -0.35
CA ASP C 319 44.88 -36.77 -1.41
C ASP C 319 46.41 -36.72 -1.47
N TRP C 320 47.06 -37.24 -0.43
CA TRP C 320 48.52 -37.16 -0.28
C TRP C 320 49.28 -37.83 -1.41
N ASP C 321 48.73 -38.93 -1.93
CA ASP C 321 49.35 -39.63 -3.04
C ASP C 321 49.27 -38.76 -4.30
N GLY C 322 48.09 -38.16 -4.49
CA GLY C 322 47.87 -37.26 -5.60
C GLY C 322 48.78 -36.05 -5.55
N TRP C 323 48.95 -35.47 -4.37
CA TRP C 323 49.86 -34.34 -4.18
C TRP C 323 51.30 -34.73 -4.48
N LYS C 324 51.69 -35.94 -4.09
CA LYS C 324 53.04 -36.44 -4.39
C LYS C 324 53.30 -36.57 -5.89
N VAL C 325 52.35 -37.13 -6.62
CA VAL C 325 52.49 -37.27 -8.07
C VAL C 325 52.54 -35.90 -8.75
N LEU C 326 51.63 -35.01 -8.35
CA LEU C 326 51.54 -33.68 -8.91
C LEU C 326 52.84 -32.95 -8.70
N THR C 327 53.42 -33.14 -7.52
CA THR C 327 54.62 -32.42 -7.13
C THR C 327 55.83 -32.99 -7.88
N GLU C 328 55.81 -34.31 -8.10
CA GLU C 328 56.88 -34.93 -8.88
C GLU C 328 56.86 -34.44 -10.32
N ARG C 329 55.67 -34.35 -10.91
CA ARG C 329 55.58 -34.07 -12.33
C ARG C 329 55.77 -32.58 -12.64
N LEU C 330 55.22 -31.71 -11.80
CA LEU C 330 55.24 -30.28 -12.07
C LEU C 330 56.05 -29.46 -11.07
N GLY C 331 56.39 -30.06 -9.93
CA GLY C 331 57.03 -29.34 -8.84
C GLY C 331 58.24 -28.49 -9.19
N LYS C 332 58.92 -28.81 -10.29
CA LYS C 332 60.11 -28.06 -10.67
C LYS C 332 59.81 -26.92 -11.64
N ARG C 333 58.67 -27.00 -12.33
CA ARG C 333 58.30 -25.98 -13.32
C ARG C 333 57.29 -25.00 -12.74
N VAL C 334 56.47 -25.47 -11.80
CA VAL C 334 55.31 -24.72 -11.35
C VAL C 334 55.26 -24.70 -9.82
N GLN C 335 54.83 -23.58 -9.27
CA GLN C 335 54.59 -23.49 -7.84
C GLN C 335 53.29 -24.20 -7.50
N LEU C 336 53.31 -24.99 -6.43
CA LEU C 336 52.15 -25.77 -6.03
C LEU C 336 51.83 -25.45 -4.57
N VAL C 337 50.80 -24.63 -4.37
CA VAL C 337 50.46 -24.13 -3.05
C VAL C 337 49.47 -25.03 -2.34
N GLY C 338 49.83 -25.49 -1.15
CA GLY C 338 48.90 -26.16 -0.28
C GLY C 338 48.15 -25.13 0.54
N ASP C 339 46.83 -25.07 0.38
CA ASP C 339 46.00 -24.16 1.16
C ASP C 339 45.21 -24.96 2.22
N ASP C 340 44.14 -25.63 1.81
CA ASP C 340 43.43 -26.54 2.72
C ASP C 340 44.25 -27.79 3.00
N PHE C 341 45.22 -28.05 2.14
CA PHE C 341 46.17 -29.16 2.33
C PHE C 341 47.01 -28.98 3.59
N PHE C 342 47.34 -27.73 3.93
CA PHE C 342 48.20 -27.46 5.08
C PHE C 342 47.51 -26.66 6.19
N VAL C 343 46.42 -25.98 5.85
CA VAL C 343 45.72 -25.07 6.75
C VAL C 343 46.64 -24.33 7.75
N THR C 344 47.68 -23.68 7.24
CA THR C 344 48.59 -22.88 8.06
C THR C 344 49.01 -23.61 9.34
N ASN C 345 49.17 -24.92 9.24
CA ASN C 345 49.45 -25.75 10.41
C ASN C 345 50.75 -26.56 10.22
N THR C 346 51.77 -26.24 11.02
CA THR C 346 53.09 -26.86 10.89
C THR C 346 53.08 -28.38 11.01
N GLU C 347 52.02 -28.92 11.61
CA GLU C 347 51.90 -30.36 11.74
C GLU C 347 51.68 -30.96 10.37
N TYR C 348 50.87 -30.29 9.55
CA TYR C 348 50.60 -30.76 8.20
C TYR C 348 51.70 -30.36 7.23
N LEU C 349 52.18 -29.12 7.35
CA LEU C 349 53.28 -28.66 6.53
C LEU C 349 54.48 -29.57 6.70
N ALA C 350 54.72 -30.03 7.94
CA ALA C 350 55.89 -30.86 8.24
C ALA C 350 55.82 -32.15 7.46
N ARG C 351 54.62 -32.70 7.36
CA ARG C 351 54.40 -33.93 6.62
C ARG C 351 54.59 -33.71 5.12
N GLY C 352 54.15 -32.56 4.61
CA GLY C 352 54.32 -32.22 3.21
C GLY C 352 55.80 -32.20 2.85
N ILE C 353 56.57 -31.52 3.70
CA ILE C 353 58.01 -31.38 3.51
C ILE C 353 58.65 -32.77 3.47
N LYS C 354 58.38 -33.58 4.48
CA LYS C 354 58.93 -34.94 4.55
C LYS C 354 58.56 -35.80 3.35
N GLU C 355 57.33 -35.66 2.87
CA GLU C 355 56.83 -36.55 1.84
C GLU C 355 56.94 -35.94 0.46
N ASN C 356 57.56 -34.77 0.37
CA ASN C 356 57.76 -34.11 -0.91
C ASN C 356 56.44 -33.77 -1.62
N ALA C 357 55.49 -33.21 -0.87
CA ALA C 357 54.22 -32.80 -1.44
C ALA C 357 54.10 -31.27 -1.40
N ALA C 358 53.76 -30.68 -2.55
CA ALA C 358 53.70 -29.22 -2.69
C ALA C 358 55.08 -28.58 -2.59
N ASN C 359 55.17 -27.28 -2.92
CA ASN C 359 56.42 -26.55 -2.74
C ASN C 359 56.14 -25.12 -2.32
N SER C 360 54.95 -24.93 -1.75
CA SER C 360 54.48 -23.62 -1.33
C SER C 360 53.31 -23.85 -0.36
N ILE C 361 53.12 -22.93 0.59
CA ILE C 361 52.01 -23.02 1.54
C ILE C 361 51.27 -21.69 1.60
N LEU C 362 49.94 -21.73 1.63
CA LEU C 362 49.16 -20.51 1.76
C LEU C 362 48.95 -20.18 3.25
N ILE C 363 49.48 -19.03 3.68
CA ILE C 363 49.44 -18.65 5.08
C ILE C 363 48.26 -17.73 5.40
N LYS C 364 47.27 -18.28 6.10
CA LYS C 364 46.11 -17.53 6.56
C LYS C 364 46.18 -17.39 8.08
N VAL C 365 46.51 -16.19 8.54
CA VAL C 365 46.79 -15.98 9.95
C VAL C 365 45.70 -16.55 10.85
N ASN C 366 44.43 -16.34 10.50
CA ASN C 366 43.35 -16.78 11.38
C ASN C 366 43.05 -18.26 11.24
N GLN C 367 43.75 -18.92 10.33
CA GLN C 367 43.67 -20.37 10.16
C GLN C 367 44.43 -21.06 11.32
N ILE C 368 45.34 -20.32 11.95
CA ILE C 368 46.14 -20.85 13.06
C ILE C 368 45.92 -20.07 14.38
N GLY C 369 45.86 -18.74 14.32
CA GLY C 369 45.30 -17.98 15.42
C GLY C 369 46.21 -17.06 16.20
N THR C 370 47.52 -17.24 16.07
CA THR C 370 48.47 -16.32 16.72
C THR C 370 49.52 -15.92 15.70
N LEU C 371 50.15 -14.78 15.92
CA LEU C 371 51.21 -14.34 15.02
C LEU C 371 52.42 -15.24 15.18
N THR C 372 52.63 -15.75 16.40
CA THR C 372 53.79 -16.59 16.68
C THR C 372 53.74 -17.87 15.85
N GLU C 373 52.60 -18.55 15.90
CA GLU C 373 52.42 -19.79 15.12
C GLU C 373 52.43 -19.51 13.61
N THR C 374 51.91 -18.35 13.22
CA THR C 374 51.95 -17.93 11.83
C THR C 374 53.39 -17.84 11.32
N PHE C 375 54.24 -17.20 12.12
CA PHE C 375 55.63 -16.98 11.75
C PHE C 375 56.40 -18.27 11.80
N GLU C 376 56.00 -19.17 12.69
CA GLU C 376 56.62 -20.49 12.75
C GLU C 376 56.31 -21.30 11.50
N ALA C 377 55.09 -21.14 10.99
CA ALA C 377 54.70 -21.81 9.75
C ALA C 377 55.54 -21.26 8.60
N ILE C 378 55.70 -19.95 8.58
CA ILE C 378 56.47 -19.28 7.53
C ILE C 378 57.94 -19.72 7.50
N GLU C 379 58.54 -19.84 8.68
CA GLU C 379 59.95 -20.22 8.74
C GLU C 379 60.15 -21.69 8.39
N MET C 380 59.23 -22.55 8.82
CA MET C 380 59.32 -23.97 8.50
C MET C 380 59.23 -24.17 6.99
N ALA C 381 58.35 -23.41 6.35
CA ALA C 381 58.22 -23.42 4.90
C ALA C 381 59.52 -23.02 4.21
N ALA C 382 60.03 -21.84 4.57
CA ALA C 382 61.20 -21.29 3.91
C ALA C 382 62.38 -22.25 4.03
N GLU C 383 62.49 -22.90 5.18
CA GLU C 383 63.64 -23.73 5.48
C GLU C 383 63.60 -25.07 4.76
N ALA C 384 62.43 -25.42 4.21
CA ALA C 384 62.28 -26.59 3.35
C ALA C 384 62.36 -26.20 1.87
N GLY C 385 62.61 -24.91 1.61
CA GLY C 385 62.64 -24.42 0.25
C GLY C 385 61.26 -24.19 -0.31
N TYR C 386 60.24 -24.17 0.57
CA TYR C 386 58.88 -23.84 0.16
C TYR C 386 58.71 -22.33 0.27
N THR C 387 57.86 -21.76 -0.59
CA THR C 387 57.48 -20.38 -0.45
C THR C 387 56.30 -20.29 0.50
N ALA C 388 56.14 -19.14 1.14
CA ALA C 388 54.97 -18.85 1.95
C ALA C 388 54.23 -17.67 1.35
N VAL C 389 52.97 -17.89 1.00
CA VAL C 389 52.14 -16.87 0.37
C VAL C 389 51.12 -16.34 1.36
N VAL C 390 51.39 -15.15 1.89
CA VAL C 390 50.51 -14.52 2.87
C VAL C 390 49.18 -14.19 2.21
N SER C 391 48.06 -14.52 2.86
CA SER C 391 46.75 -14.46 2.22
C SER C 391 45.64 -13.72 3.00
N HIS C 392 44.75 -13.05 2.26
CA HIS C 392 43.49 -12.54 2.78
C HIS C 392 42.45 -13.67 2.99
N ARG C 393 41.30 -13.32 3.58
CA ARG C 393 40.14 -14.22 3.58
C ARG C 393 39.01 -13.58 2.78
N SER C 394 37.92 -14.32 2.58
CA SER C 394 36.79 -13.82 1.80
C SER C 394 36.11 -12.65 2.52
N GLY C 395 36.07 -12.74 3.85
CA GLY C 395 35.57 -11.65 4.66
C GLY C 395 36.77 -10.92 5.19
N GLU C 396 36.99 -9.71 4.69
CA GLU C 396 38.12 -8.90 5.10
C GLU C 396 37.68 -7.65 5.85
N THR C 397 38.66 -6.90 6.35
CA THR C 397 38.39 -5.66 7.03
C THR C 397 39.33 -4.58 6.50
N GLU C 398 39.23 -3.38 7.06
CA GLU C 398 40.12 -2.28 6.70
C GLU C 398 41.56 -2.51 7.20
N ASP C 399 41.77 -3.58 7.95
CA ASP C 399 43.10 -3.91 8.44
C ASP C 399 44.00 -4.34 7.29
N SER C 400 45.28 -3.98 7.37
CA SER C 400 46.26 -4.33 6.32
C SER C 400 47.51 -5.02 6.90
N THR C 401 47.36 -5.62 8.07
CA THR C 401 48.45 -6.30 8.77
C THR C 401 49.20 -7.34 7.92
N ILE C 402 48.51 -8.06 7.03
CA ILE C 402 49.21 -9.10 6.25
C ILE C 402 50.22 -8.49 5.27
N ALA C 403 50.04 -7.21 4.95
CA ALA C 403 51.03 -6.51 4.13
C ALA C 403 52.36 -6.42 4.91
N ASP C 404 52.28 -6.00 6.17
CA ASP C 404 53.45 -5.91 7.02
C ASP C 404 54.05 -7.29 7.28
N ILE C 405 53.19 -8.30 7.43
CA ILE C 405 53.68 -9.65 7.67
C ILE C 405 54.46 -10.13 6.45
N ALA C 406 53.94 -9.83 5.27
CA ALA C 406 54.55 -10.24 4.02
C ALA C 406 55.94 -9.64 3.85
N VAL C 407 56.06 -8.33 4.08
CA VAL C 407 57.38 -7.68 3.99
C VAL C 407 58.29 -8.09 5.15
N ALA C 408 57.71 -8.31 6.32
CA ALA C 408 58.45 -8.57 7.54
C ALA C 408 59.30 -9.82 7.42
N THR C 409 58.75 -10.79 6.69
CA THR C 409 59.36 -12.09 6.52
C THR C 409 60.03 -12.23 5.16
N ASN C 410 60.07 -11.13 4.41
CA ASN C 410 60.59 -11.15 3.04
C ASN C 410 59.98 -12.30 2.25
N ALA C 411 58.69 -12.58 2.47
CA ALA C 411 58.04 -13.75 1.89
C ALA C 411 58.14 -13.85 0.35
N GLY C 412 58.02 -12.70 -0.32
CA GLY C 412 58.20 -12.63 -1.76
C GLY C 412 56.90 -12.67 -2.54
N GLN C 413 55.82 -13.08 -1.89
CA GLN C 413 54.51 -13.16 -2.52
C GLN C 413 53.42 -12.85 -1.54
N ILE C 414 52.29 -12.41 -2.07
CA ILE C 414 51.09 -12.14 -1.29
C ILE C 414 49.86 -12.45 -2.14
N LYS C 415 48.78 -12.88 -1.49
CA LYS C 415 47.52 -13.09 -2.17
C LYS C 415 46.43 -12.34 -1.42
N THR C 416 46.09 -11.16 -1.93
CA THR C 416 45.19 -10.29 -1.20
C THR C 416 44.14 -9.62 -2.09
N GLY C 417 43.80 -10.28 -3.20
CA GLY C 417 42.60 -9.95 -3.94
C GLY C 417 42.75 -9.28 -5.29
N SER C 418 41.61 -9.03 -5.92
CA SER C 418 41.56 -8.33 -7.20
C SER C 418 41.82 -6.84 -6.99
N LEU C 419 41.63 -6.04 -8.04
CA LEU C 419 42.00 -4.62 -8.02
C LEU C 419 40.79 -3.71 -7.79
N SER C 420 39.81 -4.20 -7.06
CA SER C 420 38.74 -3.35 -6.57
C SER C 420 38.31 -3.79 -5.17
N ARG C 421 37.53 -2.92 -4.53
CA ARG C 421 37.15 -3.04 -3.12
C ARG C 421 38.27 -2.71 -2.16
N THR C 422 37.97 -1.81 -1.22
CA THR C 422 38.94 -1.37 -0.24
C THR C 422 39.38 -2.50 0.71
N ASP C 423 38.56 -3.55 0.83
CA ASP C 423 38.98 -4.71 1.63
C ASP C 423 40.19 -5.41 1.03
N ARG C 424 40.42 -5.20 -0.27
CA ARG C 424 41.63 -5.68 -0.93
C ARG C 424 42.64 -4.55 -1.12
N ILE C 425 42.16 -3.42 -1.65
CA ILE C 425 43.01 -2.29 -2.01
C ILE C 425 43.75 -1.70 -0.81
N ALA C 426 43.18 -1.82 0.39
CA ALA C 426 43.85 -1.33 1.60
C ALA C 426 45.20 -2.01 1.81
N LYS C 427 45.27 -3.29 1.44
CA LYS C 427 46.50 -4.06 1.57
C LYS C 427 47.54 -3.59 0.56
N TYR C 428 47.11 -3.35 -0.67
CA TYR C 428 47.95 -2.82 -1.73
C TYR C 428 48.49 -1.42 -1.40
N ASN C 429 47.63 -0.60 -0.80
CA ASN C 429 47.98 0.76 -0.41
C ASN C 429 49.03 0.68 0.68
N GLN C 430 48.84 -0.25 1.61
CA GLN C 430 49.80 -0.42 2.70
C GLN C 430 51.17 -0.82 2.13
N LEU C 431 51.16 -1.70 1.15
CA LEU C 431 52.39 -2.11 0.49
C LEU C 431 53.05 -0.94 -0.23
N LEU C 432 52.23 -0.04 -0.78
CA LEU C 432 52.75 1.17 -1.40
C LEU C 432 53.46 2.04 -0.37
N ARG C 433 52.87 2.17 0.82
CA ARG C 433 53.46 2.99 1.89
C ARG C 433 54.78 2.38 2.35
N ILE C 434 54.79 1.06 2.47
CA ILE C 434 55.96 0.34 2.93
C ILE C 434 57.10 0.50 1.93
N GLU C 435 56.81 0.41 0.63
CA GLU C 435 57.83 0.56 -0.40
C GLU C 435 58.41 1.96 -0.31
N ASP C 436 57.52 2.94 -0.22
CA ASP C 436 57.88 4.35 -0.12
C ASP C 436 58.79 4.62 1.06
N GLN C 437 58.50 4.01 2.21
CA GLN C 437 59.27 4.23 3.42
C GLN C 437 60.64 3.57 3.30
N LEU C 438 60.70 2.41 2.65
CA LEU C 438 61.95 1.69 2.50
C LEU C 438 62.87 2.40 1.49
N GLY C 439 62.27 3.15 0.58
CA GLY C 439 63.04 3.87 -0.42
C GLY C 439 63.98 2.96 -1.19
N GLU C 440 65.26 3.33 -1.22
CA GLU C 440 66.24 2.60 -2.02
C GLU C 440 66.47 1.17 -1.54
N VAL C 441 66.12 0.90 -0.28
CA VAL C 441 66.29 -0.43 0.29
C VAL C 441 65.24 -1.41 -0.23
N ALA C 442 64.11 -0.89 -0.68
CA ALA C 442 63.02 -1.73 -1.18
C ALA C 442 63.49 -2.63 -2.31
N GLN C 443 63.05 -3.89 -2.26
CA GLN C 443 63.31 -4.83 -3.34
C GLN C 443 62.02 -5.49 -3.81
N TYR C 444 61.93 -5.69 -5.12
CA TYR C 444 60.85 -6.45 -5.72
C TYR C 444 61.50 -7.54 -6.55
N LYS C 445 61.19 -8.79 -6.25
CA LYS C 445 61.93 -9.90 -6.83
C LYS C 445 61.30 -10.42 -8.11
N GLY C 446 60.05 -10.05 -8.36
CA GLY C 446 59.34 -10.54 -9.53
C GLY C 446 59.39 -12.07 -9.63
N ILE C 447 59.88 -12.57 -10.78
CA ILE C 447 59.92 -14.01 -11.00
C ILE C 447 60.93 -14.68 -10.04
N LYS C 448 61.90 -13.92 -9.56
CA LYS C 448 62.89 -14.45 -8.60
C LYS C 448 62.28 -14.70 -7.21
N SER C 449 60.99 -14.39 -7.05
CA SER C 449 60.28 -14.69 -5.82
C SER C 449 60.17 -16.19 -5.62
N PHE C 450 60.19 -16.93 -6.73
CA PHE C 450 59.98 -18.36 -6.71
C PHE C 450 61.28 -19.13 -6.52
N TYR C 451 61.91 -18.97 -5.36
CA TYR C 451 63.11 -19.73 -5.05
C TYR C 451 62.81 -21.21 -4.94
N ASN C 452 61.53 -21.56 -4.84
CA ASN C 452 61.11 -22.95 -4.85
C ASN C 452 61.18 -23.60 -6.23
N LEU C 453 61.47 -22.80 -7.26
CA LEU C 453 61.52 -23.31 -8.63
C LEU C 453 62.92 -23.19 -9.25
N MET D 21 55.89 23.03 19.00
CA MET D 21 55.43 21.72 19.55
C MET D 21 54.15 21.23 18.88
N SER D 22 53.16 22.10 18.80
CA SER D 22 51.93 21.84 18.05
C SER D 22 52.11 22.26 16.59
N ILE D 23 53.32 22.71 16.24
CA ILE D 23 53.62 23.28 14.94
C ILE D 23 53.82 22.20 13.88
N ILE D 24 53.21 22.39 12.72
CA ILE D 24 53.34 21.44 11.62
C ILE D 24 54.75 21.47 11.07
N THR D 25 55.41 20.32 11.11
CA THR D 25 56.78 20.21 10.62
C THR D 25 56.84 19.45 9.31
N ASP D 26 55.79 18.68 9.00
CA ASP D 26 55.81 17.99 7.71
C ASP D 26 54.42 17.79 7.09
N VAL D 27 54.37 17.93 5.76
CA VAL D 27 53.17 17.64 4.98
C VAL D 27 53.64 16.88 3.75
N TYR D 28 53.14 15.65 3.56
CA TYR D 28 53.68 14.77 2.52
C TYR D 28 52.57 13.97 1.85
N ALA D 29 52.45 14.07 0.52
CA ALA D 29 51.44 13.30 -0.22
C ALA D 29 52.03 12.12 -0.96
N ARG D 30 51.18 11.13 -1.22
CA ARG D 30 51.57 10.04 -2.10
C ARG D 30 50.36 9.53 -2.86
N GLU D 31 50.62 8.93 -4.01
CA GLU D 31 49.58 8.33 -4.83
C GLU D 31 49.24 6.94 -4.29
N VAL D 32 47.94 6.70 -4.10
CA VAL D 32 47.42 5.40 -3.62
C VAL D 32 46.21 5.03 -4.48
N LEU D 33 45.54 3.91 -4.20
CA LEU D 33 44.37 3.53 -4.99
C LEU D 33 43.05 3.63 -4.21
N ASP D 34 41.97 3.88 -4.94
CA ASP D 34 40.64 3.89 -4.33
C ASP D 34 39.94 2.54 -4.56
N SER D 35 38.72 2.43 -4.06
CA SER D 35 38.00 1.16 -4.01
C SER D 35 37.65 0.63 -5.40
N ARG D 36 37.83 1.47 -6.42
CA ARG D 36 37.57 1.04 -7.79
C ARG D 36 38.83 0.72 -8.55
N GLY D 37 39.97 0.79 -7.87
CA GLY D 37 41.24 0.50 -8.50
C GLY D 37 41.76 1.68 -9.32
N ASN D 38 41.28 2.87 -9.02
CA ASN D 38 41.76 4.07 -9.70
C ASN D 38 42.63 4.90 -8.74
N PRO D 39 43.63 5.61 -9.28
CA PRO D 39 44.48 6.43 -8.40
C PRO D 39 43.71 7.53 -7.66
N THR D 40 44.17 7.83 -6.45
CA THR D 40 43.79 9.03 -5.71
C THR D 40 45.04 9.37 -4.91
N LEU D 41 44.91 10.18 -3.87
CA LEU D 41 46.09 10.48 -3.06
C LEU D 41 45.76 10.47 -1.58
N GLU D 42 46.81 10.46 -0.75
CA GLU D 42 46.64 10.68 0.67
C GLU D 42 47.75 11.60 1.13
N VAL D 43 47.50 12.33 2.22
CA VAL D 43 48.50 13.23 2.78
C VAL D 43 48.79 12.81 4.23
N GLU D 44 50.02 13.03 4.67
CA GLU D 44 50.41 12.75 6.04
C GLU D 44 50.92 14.05 6.60
N VAL D 45 50.45 14.40 7.79
CA VAL D 45 50.89 15.63 8.44
C VAL D 45 51.49 15.21 9.78
N TYR D 46 52.68 15.75 10.06
CA TYR D 46 53.34 15.55 11.33
C TYR D 46 53.56 16.88 12.02
N THR D 47 53.42 16.88 13.35
CA THR D 47 53.78 18.04 14.14
C THR D 47 55.14 17.80 14.77
N GLU D 48 55.65 18.86 15.38
CA GLU D 48 56.94 18.83 16.05
C GLU D 48 56.99 17.82 17.18
N SER D 49 55.87 17.64 17.88
CA SER D 49 55.80 16.67 18.97
C SER D 49 55.68 15.22 18.47
N GLY D 50 55.43 15.04 17.18
CA GLY D 50 55.28 13.70 16.60
C GLY D 50 53.83 13.30 16.38
N ALA D 51 52.92 14.25 16.59
CA ALA D 51 51.51 13.96 16.37
C ALA D 51 51.33 13.73 14.87
N PHE D 52 50.38 12.86 14.53
CA PHE D 52 50.27 12.38 13.15
C PHE D 52 48.82 12.33 12.69
N GLY D 53 48.59 12.72 11.45
CA GLY D 53 47.27 12.57 10.83
C GLY D 53 47.40 12.15 9.37
N ARG D 54 46.53 11.27 8.90
CA ARG D 54 46.52 10.90 7.49
C ARG D 54 45.15 11.18 6.87
N GLY D 55 45.13 11.91 5.76
CA GLY D 55 43.87 12.16 5.09
C GLY D 55 43.87 11.55 3.72
N MET D 56 42.95 10.62 3.49
CA MET D 56 42.79 10.00 2.19
C MET D 56 41.62 10.68 1.49
N VAL D 57 41.71 10.76 0.16
CA VAL D 57 40.70 11.46 -0.62
C VAL D 57 39.92 10.48 -1.50
N PRO D 58 38.59 10.62 -1.54
CA PRO D 58 37.79 9.79 -2.46
C PRO D 58 37.81 10.34 -3.88
N SER D 59 37.21 9.62 -4.81
CA SER D 59 37.07 10.11 -6.17
C SER D 59 36.13 11.31 -6.19
N GLY D 60 36.38 12.26 -7.08
CA GLY D 60 35.49 13.39 -7.26
C GLY D 60 35.06 13.62 -8.70
N ALA D 61 33.98 12.97 -9.13
CA ALA D 61 33.44 13.23 -10.46
C ALA D 61 32.89 14.65 -10.43
N SER D 62 32.88 15.31 -11.58
CA SER D 62 32.35 16.65 -11.69
C SER D 62 31.01 16.63 -12.38
N THR D 63 30.08 17.44 -11.86
CA THR D 63 28.72 17.50 -12.39
C THR D 63 28.62 18.72 -13.29
N GLY D 64 29.03 19.86 -12.75
CA GLY D 64 29.03 21.12 -13.48
C GLY D 64 30.28 21.92 -13.20
N GLU D 65 30.31 23.14 -13.72
CA GLU D 65 31.45 24.03 -13.58
C GLU D 65 31.43 24.97 -12.35
N HIS D 66 30.67 24.61 -11.32
CA HIS D 66 30.54 25.46 -10.14
C HIS D 66 30.78 24.65 -8.85
N GLU D 67 31.81 23.80 -8.90
CA GLU D 67 32.13 22.88 -7.82
C GLU D 67 33.63 22.57 -7.88
N ALA D 68 34.23 22.17 -6.76
CA ALA D 68 35.66 21.91 -6.74
C ALA D 68 36.11 20.84 -7.75
N VAL D 69 37.23 21.13 -8.41
CA VAL D 69 37.82 20.27 -9.45
C VAL D 69 38.94 19.40 -8.89
N GLU D 70 38.84 18.09 -9.11
CA GLU D 70 39.94 17.17 -8.80
C GLU D 70 40.96 17.19 -9.93
N LEU D 71 42.24 17.31 -9.58
CA LEU D 71 43.30 17.36 -10.57
C LEU D 71 43.79 15.96 -10.96
N ARG D 72 43.59 15.59 -12.22
CA ARG D 72 44.07 14.32 -12.76
C ARG D 72 45.26 14.55 -13.71
N ASP D 73 46.11 13.54 -13.86
CA ASP D 73 47.32 13.68 -14.66
C ASP D 73 47.07 13.83 -16.16
N GLY D 74 46.10 13.08 -16.69
CA GLY D 74 45.77 13.19 -18.09
C GLY D 74 46.59 12.30 -18.99
N ASP D 75 47.64 11.69 -18.43
CA ASP D 75 48.51 10.79 -19.18
C ASP D 75 47.80 9.48 -19.45
N LYS D 76 47.34 9.29 -20.68
CA LYS D 76 46.46 8.16 -20.98
C LYS D 76 47.20 6.82 -21.12
N SER D 77 48.54 6.86 -21.07
CA SER D 77 49.34 5.64 -21.03
C SER D 77 49.44 5.08 -19.61
N ARG D 78 48.99 5.87 -18.63
CA ARG D 78 49.18 5.56 -17.22
C ARG D 78 47.87 5.64 -16.46
N TYR D 79 47.39 4.50 -15.97
CA TYR D 79 46.11 4.44 -15.26
C TYR D 79 44.97 5.11 -16.04
N LEU D 80 45.02 5.06 -17.37
CA LEU D 80 43.96 5.64 -18.20
C LEU D 80 43.81 7.14 -17.96
N GLY D 81 44.92 7.82 -17.70
CA GLY D 81 44.92 9.26 -17.49
C GLY D 81 44.45 9.68 -16.11
N LEU D 82 44.23 8.70 -15.23
CA LEU D 82 43.65 8.98 -13.92
C LEU D 82 44.68 9.14 -12.80
N GLY D 83 45.96 9.13 -13.13
CA GLY D 83 47.00 9.35 -12.13
C GLY D 83 46.80 10.65 -11.36
N THR D 84 47.42 10.74 -10.19
CA THR D 84 47.32 11.93 -9.36
C THR D 84 48.70 12.44 -9.00
N GLN D 85 49.69 12.12 -9.84
CA GLN D 85 51.05 12.58 -9.62
C GLN D 85 51.17 14.10 -9.58
N LYS D 86 50.37 14.78 -10.40
CA LYS D 86 50.33 16.24 -10.42
C LYS D 86 49.88 16.81 -9.08
N ALA D 87 48.75 16.31 -8.59
CA ALA D 87 48.21 16.76 -7.31
C ALA D 87 49.21 16.51 -6.19
N VAL D 88 49.82 15.33 -6.21
CA VAL D 88 50.81 14.97 -5.19
C VAL D 88 52.00 15.93 -5.19
N ASP D 89 52.50 16.26 -6.37
CA ASP D 89 53.58 17.20 -6.50
C ASP D 89 53.18 18.55 -5.93
N ASN D 90 51.93 18.94 -6.15
CA ASN D 90 51.42 20.21 -5.61
C ASN D 90 51.45 20.23 -4.07
N VAL D 91 51.06 19.12 -3.45
CA VAL D 91 51.12 19.04 -2.00
C VAL D 91 52.56 19.18 -1.53
N ASN D 92 53.46 18.42 -2.14
CA ASN D 92 54.83 18.35 -1.67
C ASN D 92 55.66 19.60 -2.02
N ASN D 93 55.32 20.24 -3.12
CA ASN D 93 56.19 21.27 -3.70
C ASN D 93 55.64 22.67 -3.51
N ILE D 94 54.32 22.80 -3.40
CA ILE D 94 53.70 24.10 -3.20
C ILE D 94 53.02 24.21 -1.84
N ILE D 95 52.09 23.31 -1.54
CA ILE D 95 51.30 23.44 -0.31
C ILE D 95 52.15 23.23 0.95
N ALA D 96 53.04 22.25 0.92
CA ALA D 96 53.83 21.90 2.10
C ALA D 96 54.62 23.09 2.66
N LYS D 97 55.35 23.79 1.80
CA LYS D 97 56.16 24.92 2.24
C LYS D 97 55.23 26.03 2.74
N ALA D 98 54.05 26.12 2.16
CA ALA D 98 53.09 27.15 2.55
C ALA D 98 52.51 26.90 3.94
N ILE D 99 52.23 25.64 4.25
CA ILE D 99 51.48 25.29 5.46
C ILE D 99 52.39 24.91 6.63
N ILE D 100 53.51 24.28 6.33
CA ILE D 100 54.48 23.93 7.37
C ILE D 100 54.83 25.17 8.16
N GLY D 101 54.71 25.10 9.49
CA GLY D 101 54.96 26.25 10.35
C GLY D 101 53.70 26.76 11.04
N TYR D 102 52.53 26.45 10.50
CA TYR D 102 51.28 26.78 11.17
C TYR D 102 51.09 25.89 12.40
N ASP D 103 50.37 26.39 13.39
CA ASP D 103 49.91 25.52 14.47
C ASP D 103 48.91 24.54 13.87
N VAL D 104 49.07 23.26 14.19
CA VAL D 104 48.26 22.20 13.60
C VAL D 104 46.79 22.41 13.91
N ARG D 105 46.51 23.17 14.96
CA ARG D 105 45.13 23.37 15.42
C ARG D 105 44.41 24.52 14.71
N ASP D 106 45.12 25.28 13.89
CA ASP D 106 44.53 26.42 13.18
C ASP D 106 43.85 25.98 11.88
N GLN D 107 42.83 25.13 12.01
CA GLN D 107 42.18 24.52 10.85
C GLN D 107 41.70 25.54 9.84
N GLN D 108 40.94 26.53 10.32
CA GLN D 108 40.39 27.56 9.45
C GLN D 108 41.49 28.37 8.76
N ALA D 109 42.46 28.88 9.51
CA ALA D 109 43.57 29.64 8.90
C ALA D 109 44.25 28.84 7.78
N ILE D 110 44.43 27.54 8.03
CA ILE D 110 45.11 26.68 7.07
C ILE D 110 44.27 26.46 5.80
N ASP D 111 42.97 26.20 5.96
CA ASP D 111 42.08 25.99 4.83
C ASP D 111 42.00 27.24 3.96
N ARG D 112 41.95 28.40 4.60
CA ARG D 112 41.83 29.68 3.90
C ARG D 112 43.11 29.99 3.13
N ALA D 113 44.24 29.74 3.78
CA ALA D 113 45.54 29.88 3.16
C ALA D 113 45.62 29.04 1.89
N MET D 114 45.17 27.79 1.97
CA MET D 114 45.20 26.90 0.80
C MET D 114 44.28 27.41 -0.31
N ILE D 115 43.12 27.94 0.09
CA ILE D 115 42.17 28.50 -0.86
C ILE D 115 42.79 29.67 -1.62
N ALA D 116 43.47 30.55 -0.90
CA ALA D 116 44.12 31.71 -1.49
C ALA D 116 45.30 31.27 -2.37
N LEU D 117 46.01 30.24 -1.91
CA LEU D 117 47.20 29.74 -2.60
C LEU D 117 46.83 29.20 -3.97
N ASP D 118 45.70 28.52 -4.06
CA ASP D 118 45.20 28.03 -5.34
C ASP D 118 44.70 29.21 -6.18
N GLY D 119 43.94 30.10 -5.56
CA GLY D 119 43.54 31.35 -6.17
C GLY D 119 42.43 31.28 -7.21
N THR D 120 41.95 30.08 -7.53
CA THR D 120 40.86 29.95 -8.49
C THR D 120 39.58 29.48 -7.82
N PRO D 121 38.41 29.83 -8.40
CA PRO D 121 37.14 29.50 -7.73
C PRO D 121 36.89 28.00 -7.55
N ASN D 122 37.30 27.16 -8.51
CA ASN D 122 37.04 25.74 -8.42
C ASN D 122 38.22 24.92 -7.89
N LYS D 123 39.16 25.61 -7.25
CA LYS D 123 40.37 24.98 -6.73
C LYS D 123 41.06 24.15 -7.81
N GLY D 124 41.02 24.64 -9.04
CA GLY D 124 41.49 23.86 -10.18
C GLY D 124 42.98 23.90 -10.42
N LYS D 125 43.66 24.85 -9.80
CA LYS D 125 45.10 24.99 -9.98
C LYS D 125 45.88 23.95 -9.19
N LEU D 126 45.69 23.93 -7.87
CA LEU D 126 46.34 22.96 -7.02
C LEU D 126 45.63 21.61 -7.07
N GLY D 127 44.33 21.66 -7.35
CA GLY D 127 43.50 20.46 -7.31
C GLY D 127 42.78 20.31 -6.00
N ALA D 128 41.47 20.11 -6.06
CA ALA D 128 40.65 19.99 -4.87
C ALA D 128 41.03 18.75 -4.08
N ASN D 129 41.54 17.74 -4.78
CA ASN D 129 41.99 16.53 -4.11
C ASN D 129 43.26 16.78 -3.30
N ALA D 130 44.18 17.56 -3.86
CA ALA D 130 45.39 17.92 -3.12
C ALA D 130 45.01 18.74 -1.88
N ILE D 131 44.12 19.71 -2.06
CA ILE D 131 43.75 20.61 -0.96
C ILE D 131 43.01 19.88 0.18
N LEU D 132 42.09 18.99 -0.18
CA LEU D 132 41.31 18.27 0.81
C LEU D 132 42.17 17.27 1.59
N GLY D 133 43.08 16.59 0.89
CA GLY D 133 43.99 15.67 1.54
C GLY D 133 44.69 16.33 2.71
N VAL D 134 45.17 17.54 2.48
CA VAL D 134 45.88 18.29 3.52
C VAL D 134 44.90 18.73 4.61
N SER D 135 43.74 19.22 4.19
CA SER D 135 42.72 19.70 5.09
C SER D 135 42.35 18.64 6.13
N ILE D 136 42.19 17.39 5.67
CA ILE D 136 41.78 16.27 6.51
C ILE D 136 42.93 15.81 7.39
N ALA D 137 44.10 15.65 6.76
CA ALA D 137 45.29 15.21 7.45
C ALA D 137 45.64 16.14 8.63
N VAL D 138 45.39 17.43 8.46
CA VAL D 138 45.72 18.42 9.47
C VAL D 138 44.78 18.25 10.66
N ALA D 139 43.48 18.07 10.36
CA ALA D 139 42.47 17.90 11.39
C ALA D 139 42.75 16.66 12.24
N ARG D 140 43.12 15.57 11.57
CA ARG D 140 43.39 14.31 12.25
C ARG D 140 44.68 14.40 13.06
N ALA D 141 45.67 15.12 12.56
CA ALA D 141 46.90 15.38 13.31
C ALA D 141 46.62 16.26 14.54
N ALA D 142 45.68 17.18 14.42
CA ALA D 142 45.34 18.08 15.53
C ALA D 142 44.63 17.31 16.64
N ALA D 143 43.71 16.43 16.23
CA ALA D 143 43.01 15.56 17.15
C ALA D 143 44.01 14.66 17.87
N ASP D 144 44.94 14.12 17.08
CA ASP D 144 45.96 13.23 17.62
C ASP D 144 46.83 13.98 18.61
N TYR D 145 47.11 15.24 18.30
CA TYR D 145 47.95 16.06 19.14
C TYR D 145 47.26 16.34 20.48
N LEU D 146 45.96 16.63 20.42
CA LEU D 146 45.20 16.97 21.61
C LEU D 146 44.77 15.70 22.35
N GLU D 147 44.99 14.55 21.73
CA GLU D 147 44.59 13.27 22.28
C GLU D 147 43.07 13.25 22.55
N VAL D 148 42.31 13.64 21.53
CA VAL D 148 40.86 13.55 21.56
C VAL D 148 40.34 12.87 20.27
N PRO D 149 39.14 12.29 20.31
CA PRO D 149 38.58 11.69 19.10
C PRO D 149 38.30 12.76 18.03
N LEU D 150 38.34 12.37 16.75
CA LEU D 150 38.17 13.35 15.69
C LEU D 150 36.80 14.06 15.72
N TYR D 151 35.72 13.36 16.08
CA TYR D 151 34.40 14.02 16.14
C TYR D 151 34.37 15.08 17.23
N THR D 152 35.07 14.84 18.33
CA THR D 152 35.20 15.82 19.41
C THR D 152 36.02 17.03 18.94
N TYR D 153 37.14 16.77 18.29
CA TYR D 153 37.98 17.86 17.81
C TYR D 153 37.20 18.77 16.84
N LEU D 154 36.45 18.19 15.91
CA LEU D 154 35.73 18.95 14.90
C LEU D 154 34.51 19.68 15.47
N GLY D 155 33.76 19.02 16.34
CA GLY D 155 32.45 19.50 16.74
C GLY D 155 32.34 20.15 18.12
N GLY D 156 33.35 19.97 18.97
CA GLY D 156 33.30 20.46 20.34
C GLY D 156 32.71 19.47 21.33
N PHE D 157 32.29 19.95 22.50
CA PHE D 157 31.91 19.07 23.60
C PHE D 157 30.55 18.40 23.41
N ASN D 158 29.69 19.00 22.59
CA ASN D 158 28.28 18.59 22.49
C ASN D 158 27.99 17.62 21.33
N THR D 159 28.96 16.79 20.99
CA THR D 159 28.75 15.77 19.96
C THR D 159 28.12 14.51 20.57
N LYS D 160 27.09 13.98 19.92
CA LYS D 160 26.34 12.87 20.53
C LYS D 160 25.38 12.13 19.59
N VAL D 161 24.95 12.77 18.51
CA VAL D 161 23.95 12.16 17.65
C VAL D 161 24.60 11.24 16.62
N LEU D 162 24.34 9.94 16.76
CA LEU D 162 24.70 8.99 15.72
C LEU D 162 23.68 9.07 14.60
N PRO D 163 24.17 9.09 13.35
CA PRO D 163 23.30 9.30 12.19
C PRO D 163 22.44 8.10 11.85
N THR D 164 21.20 8.37 11.47
CA THR D 164 20.35 7.35 10.86
C THR D 164 20.82 7.15 9.42
N PRO D 165 21.32 5.93 9.12
CA PRO D 165 21.93 5.72 7.80
C PRO D 165 20.92 5.41 6.72
N MET D 166 21.15 5.96 5.53
CA MET D 166 20.43 5.54 4.36
C MET D 166 21.37 4.66 3.56
N MET D 167 20.91 3.44 3.32
CA MET D 167 21.76 2.34 2.87
C MET D 167 21.35 1.90 1.48
N ASN D 168 22.24 2.14 0.52
CA ASN D 168 22.04 1.78 -0.88
C ASN D 168 21.90 0.27 -1.07
N ILE D 169 20.68 -0.21 -1.27
CA ILE D 169 20.44 -1.66 -1.37
C ILE D 169 20.20 -2.17 -2.81
N ILE D 170 19.63 -1.32 -3.67
CA ILE D 170 19.35 -1.69 -5.05
C ILE D 170 19.73 -0.57 -6.02
N ASN D 171 20.30 -0.92 -7.17
CA ASN D 171 20.76 0.07 -8.13
C ASN D 171 20.02 0.03 -9.46
N GLY D 172 19.73 1.21 -9.99
CA GLY D 172 19.14 1.34 -11.31
C GLY D 172 19.90 2.36 -12.13
N GLY D 173 19.22 3.02 -13.06
CA GLY D 173 19.84 4.06 -13.85
C GLY D 173 20.95 3.52 -14.71
N SER D 174 22.07 4.23 -14.74
CA SER D 174 23.24 3.79 -15.51
C SER D 174 23.98 2.66 -14.78
N HIS D 175 23.78 2.56 -13.47
CA HIS D 175 24.42 1.53 -12.67
C HIS D 175 23.66 0.20 -12.73
N SER D 176 23.08 -0.13 -13.88
CA SER D 176 22.26 -1.33 -14.00
C SER D 176 21.81 -1.55 -15.44
N ASP D 177 21.46 -2.80 -15.75
CA ASP D 177 20.87 -3.14 -17.04
C ASP D 177 19.38 -3.45 -16.92
N ALA D 178 18.82 -3.21 -15.75
CA ALA D 178 17.39 -3.36 -15.54
C ALA D 178 16.65 -2.12 -16.06
N PRO D 179 15.38 -2.29 -16.47
CA PRO D 179 14.53 -1.18 -16.94
C PRO D 179 14.03 -0.31 -15.79
N ILE D 180 14.94 0.39 -15.13
CA ILE D 180 14.62 1.28 -14.01
C ILE D 180 15.36 2.61 -14.18
N ALA D 181 14.65 3.72 -14.05
CA ALA D 181 15.25 5.04 -14.24
C ALA D 181 16.04 5.50 -13.01
N PHE D 182 15.46 5.35 -11.83
CA PHE D 182 16.11 5.81 -10.59
C PHE D 182 17.44 5.09 -10.39
N GLN D 183 18.43 5.84 -9.90
CA GLN D 183 19.79 5.32 -9.77
C GLN D 183 19.98 4.47 -8.52
N GLU D 184 19.39 4.90 -7.41
CA GLU D 184 19.54 4.20 -6.15
C GLU D 184 18.23 4.03 -5.39
N PHE D 185 18.08 2.88 -4.76
CA PHE D 185 17.02 2.64 -3.79
C PHE D 185 17.71 2.29 -2.48
N MET D 186 17.24 2.89 -1.38
CA MET D 186 17.92 2.74 -0.10
C MET D 186 16.93 2.33 0.98
N ILE D 187 17.42 1.75 2.08
CA ILE D 187 16.59 1.52 3.25
C ILE D 187 17.11 2.33 4.43
N MET D 188 16.22 2.77 5.31
CA MET D 188 16.60 3.47 6.53
C MET D 188 15.98 2.86 7.77
N PRO D 189 16.81 2.39 8.72
CA PRO D 189 16.29 1.86 9.98
C PRO D 189 15.85 2.99 10.93
N VAL D 190 14.80 3.71 10.54
CA VAL D 190 14.34 4.84 11.34
C VAL D 190 13.71 4.38 12.66
N GLY D 191 13.40 3.10 12.76
CA GLY D 191 12.70 2.58 13.92
C GLY D 191 13.60 1.98 14.99
N ALA D 192 14.89 1.85 14.69
CA ALA D 192 15.83 1.25 15.64
C ALA D 192 16.18 2.16 16.82
N PRO D 193 16.55 1.56 17.97
CA PRO D 193 16.85 2.30 19.21
C PRO D 193 18.26 2.87 19.25
N THR D 194 19.20 2.20 18.60
CA THR D 194 20.59 2.65 18.59
C THR D 194 21.14 2.47 17.19
N PHE D 195 22.23 3.15 16.86
CA PHE D 195 22.87 2.91 15.58
C PHE D 195 23.31 1.45 15.44
N LYS D 196 23.80 0.85 16.51
CA LYS D 196 24.29 -0.53 16.46
C LYS D 196 23.20 -1.47 15.99
N GLU D 197 22.00 -1.28 16.52
CA GLU D 197 20.86 -2.11 16.15
C GLU D 197 20.38 -1.77 14.75
N GLY D 198 20.30 -0.49 14.41
CA GLY D 198 19.96 -0.06 13.05
C GLY D 198 20.87 -0.68 12.00
N LEU D 199 22.14 -0.82 12.36
CA LEU D 199 23.16 -1.35 11.47
C LEU D 199 22.90 -2.83 11.24
N ARG D 200 22.64 -3.55 12.33
CA ARG D 200 22.23 -4.95 12.23
C ARG D 200 20.97 -5.16 11.40
N TRP D 201 19.97 -4.31 11.56
CA TRP D 201 18.74 -4.43 10.80
C TRP D 201 19.04 -4.36 9.31
N GLY D 202 19.78 -3.34 8.92
CA GLY D 202 20.15 -3.14 7.53
C GLY D 202 20.92 -4.34 6.99
N ALA D 203 21.86 -4.83 7.78
CA ALA D 203 22.67 -5.97 7.40
C ALA D 203 21.78 -7.18 7.16
N GLU D 204 20.79 -7.36 8.03
CA GLU D 204 19.95 -8.55 7.99
C GLU D 204 18.98 -8.51 6.81
N VAL D 205 18.48 -7.32 6.49
CA VAL D 205 17.60 -7.14 5.35
C VAL D 205 18.41 -7.37 4.09
N PHE D 206 19.66 -6.92 4.12
CA PHE D 206 20.56 -7.04 2.98
C PHE D 206 20.89 -8.51 2.68
N HIS D 207 21.10 -9.30 3.72
CA HIS D 207 21.37 -10.72 3.54
C HIS D 207 20.10 -11.47 3.11
N ALA D 208 18.96 -11.04 3.65
CA ALA D 208 17.67 -11.62 3.27
C ALA D 208 17.40 -11.34 1.79
N LEU D 209 17.83 -10.16 1.35
CA LEU D 209 17.60 -9.75 -0.03
C LEU D 209 18.50 -10.55 -0.94
N LYS D 210 19.76 -10.73 -0.54
CA LYS D 210 20.68 -11.54 -1.33
C LYS D 210 20.08 -12.93 -1.54
N LYS D 211 19.53 -13.48 -0.46
CA LYS D 211 18.90 -14.79 -0.47
C LYS D 211 17.72 -14.84 -1.46
N ILE D 212 16.88 -13.81 -1.42
CA ILE D 212 15.72 -13.70 -2.30
C ILE D 212 16.13 -13.62 -3.77
N LEU D 213 17.22 -12.91 -4.04
CA LEU D 213 17.71 -12.75 -5.41
C LEU D 213 18.23 -14.07 -5.95
N LYS D 214 18.95 -14.80 -5.12
CA LYS D 214 19.43 -16.13 -5.51
C LYS D 214 18.25 -17.02 -5.85
N GLU D 215 17.24 -17.05 -4.99
CA GLU D 215 16.02 -17.82 -5.22
C GLU D 215 15.37 -17.51 -6.56
N ARG D 216 15.47 -16.26 -7.00
CA ARG D 216 14.90 -15.83 -8.27
C ARG D 216 15.86 -16.04 -9.44
N GLY D 217 17.08 -16.49 -9.13
CA GLY D 217 18.11 -16.69 -10.13
C GLY D 217 18.73 -15.39 -10.65
N LEU D 218 18.64 -14.33 -9.87
CA LEU D 218 19.21 -13.04 -10.26
C LEU D 218 20.64 -12.86 -9.72
N VAL D 219 21.37 -11.93 -10.32
CA VAL D 219 22.77 -11.74 -9.97
C VAL D 219 22.94 -11.04 -8.62
N THR D 220 23.82 -11.60 -7.80
CA THR D 220 24.05 -11.09 -6.46
C THR D 220 25.47 -10.52 -6.30
N ALA D 221 26.22 -10.45 -7.39
CA ALA D 221 27.46 -9.68 -7.40
C ALA D 221 27.09 -8.22 -7.13
N VAL D 222 28.03 -7.45 -6.59
CA VAL D 222 27.73 -6.09 -6.14
C VAL D 222 28.38 -5.01 -7.00
N GLY D 223 27.83 -3.81 -6.92
CA GLY D 223 28.37 -2.66 -7.62
C GLY D 223 29.35 -1.87 -6.75
N ASP D 224 29.71 -0.68 -7.22
CA ASP D 224 30.72 0.14 -6.57
C ASP D 224 30.44 0.38 -5.10
N GLU D 225 29.15 0.45 -4.74
CA GLU D 225 28.73 0.82 -3.39
C GLU D 225 28.25 -0.35 -2.53
N GLY D 226 28.45 -1.57 -3.02
CA GLY D 226 28.14 -2.77 -2.26
C GLY D 226 26.72 -3.27 -2.44
N GLY D 227 25.92 -2.57 -3.25
CA GLY D 227 24.56 -2.97 -3.49
C GLY D 227 24.40 -3.81 -4.74
N PHE D 228 23.17 -4.26 -5.00
CA PHE D 228 22.90 -5.12 -6.14
C PHE D 228 22.28 -4.32 -7.27
N ALA D 229 22.47 -4.79 -8.50
CA ALA D 229 21.81 -4.21 -9.67
C ALA D 229 21.11 -5.30 -10.46
N PRO D 230 20.12 -5.95 -9.84
CA PRO D 230 19.49 -7.15 -10.40
C PRO D 230 18.59 -6.86 -11.59
N LYS D 231 18.41 -7.85 -12.45
CA LYS D 231 17.60 -7.67 -13.64
C LYS D 231 16.11 -7.77 -13.30
N PHE D 232 15.62 -6.77 -12.57
CA PHE D 232 14.21 -6.69 -12.18
C PHE D 232 13.33 -6.41 -13.39
N GLU D 233 12.02 -6.53 -13.20
CA GLU D 233 11.05 -6.26 -14.27
C GLU D 233 10.81 -4.77 -14.44
N GLY D 234 11.08 -4.00 -13.39
CA GLY D 234 10.84 -2.57 -13.40
C GLY D 234 10.87 -2.00 -12.00
N THR D 235 10.53 -0.73 -11.86
CA THR D 235 10.68 -0.02 -10.60
C THR D 235 9.84 -0.63 -9.48
N GLU D 236 8.59 -0.96 -9.77
CA GLU D 236 7.71 -1.55 -8.76
C GLU D 236 8.22 -2.89 -8.28
N ASP D 237 8.70 -3.72 -9.20
CA ASP D 237 9.28 -5.01 -8.84
C ASP D 237 10.40 -4.82 -7.82
N GLY D 238 11.31 -3.89 -8.11
CA GLY D 238 12.42 -3.61 -7.22
C GLY D 238 11.99 -3.22 -5.82
N VAL D 239 11.11 -2.21 -5.73
CA VAL D 239 10.68 -1.71 -4.43
C VAL D 239 9.99 -2.80 -3.62
N GLU D 240 9.14 -3.57 -4.28
CA GLU D 240 8.40 -4.63 -3.63
C GLU D 240 9.31 -5.76 -3.18
N THR D 241 10.42 -5.96 -3.89
CA THR D 241 11.41 -6.95 -3.48
C THR D 241 12.17 -6.46 -2.25
N ILE D 242 12.43 -5.16 -2.16
CA ILE D 242 13.05 -4.61 -0.96
C ILE D 242 12.10 -4.86 0.21
N LEU D 243 10.82 -4.58 -0.01
CA LEU D 243 9.78 -4.80 0.99
C LEU D 243 9.70 -6.29 1.39
N LYS D 244 9.91 -7.16 0.41
CA LYS D 244 9.93 -8.61 0.65
C LYS D 244 11.04 -8.98 1.61
N ALA D 245 12.24 -8.46 1.35
CA ALA D 245 13.41 -8.78 2.16
C ALA D 245 13.27 -8.20 3.57
N ILE D 246 12.59 -7.05 3.67
CA ILE D 246 12.33 -6.41 4.95
C ILE D 246 11.43 -7.28 5.82
N GLU D 247 10.34 -7.76 5.22
CA GLU D 247 9.44 -8.66 5.90
C GLU D 247 10.16 -9.96 6.27
N ALA D 248 10.99 -10.45 5.36
CA ALA D 248 11.65 -11.74 5.53
C ALA D 248 12.61 -11.69 6.71
N ALA D 249 13.31 -10.56 6.86
CA ALA D 249 14.23 -10.37 7.97
C ALA D 249 13.47 -10.09 9.26
N GLY D 250 12.17 -9.82 9.13
CA GLY D 250 11.30 -9.71 10.29
C GLY D 250 11.06 -8.31 10.83
N TYR D 251 11.21 -7.29 9.99
CA TYR D 251 10.99 -5.91 10.44
C TYR D 251 9.76 -5.30 9.79
N GLU D 252 9.23 -4.25 10.42
CA GLU D 252 8.12 -3.49 9.88
C GLU D 252 8.61 -2.60 8.76
N ALA D 253 7.77 -2.41 7.75
CA ALA D 253 8.02 -1.38 6.74
C ALA D 253 7.21 -0.16 7.13
N GLY D 254 7.90 0.87 7.64
CA GLY D 254 7.25 2.10 8.10
C GLY D 254 8.09 2.81 9.13
N GLU D 255 7.54 3.85 9.75
CA GLU D 255 8.31 4.70 10.67
C GLU D 255 8.74 3.98 11.95
N ASN D 256 8.06 2.88 12.26
CA ASN D 256 8.38 2.08 13.43
C ASN D 256 9.43 1.04 13.12
N GLY D 257 9.81 0.94 11.85
CA GLY D 257 10.79 -0.04 11.43
C GLY D 257 11.74 0.48 10.36
N ILE D 258 11.55 0.03 9.12
CA ILE D 258 12.44 0.37 8.04
C ILE D 258 11.69 1.08 6.92
N MET D 259 12.20 2.22 6.48
CA MET D 259 11.59 2.96 5.39
C MET D 259 12.51 2.94 4.18
N ILE D 260 12.02 3.46 3.07
CA ILE D 260 12.74 3.39 1.81
C ILE D 260 13.01 4.80 1.29
N GLY D 261 14.11 4.98 0.55
CA GLY D 261 14.45 6.25 -0.04
C GLY D 261 14.94 6.12 -1.47
N PHE D 262 14.98 7.22 -2.21
CA PHE D 262 15.46 7.21 -3.59
C PHE D 262 16.58 8.21 -3.82
N ASP D 263 17.53 7.81 -4.65
CA ASP D 263 18.31 8.77 -5.43
C ASP D 263 17.89 8.63 -6.88
N CYS D 264 16.98 9.49 -7.31
CA CYS D 264 16.45 9.44 -8.67
C CYS D 264 17.50 9.76 -9.71
N ALA D 265 18.41 10.68 -9.37
CA ALA D 265 19.38 11.21 -10.32
C ALA D 265 18.65 11.56 -11.62
N SER D 266 17.60 12.35 -11.52
CA SER D 266 16.73 12.61 -12.67
C SER D 266 17.40 13.47 -13.75
N SER D 267 18.49 14.14 -13.39
CA SER D 267 19.28 14.87 -14.37
C SER D 267 19.81 13.91 -15.43
N GLU D 268 19.94 12.64 -15.06
CA GLU D 268 20.50 11.63 -15.96
C GLU D 268 19.51 11.21 -17.04
N PHE D 269 18.24 11.53 -16.86
CA PHE D 269 17.25 11.22 -17.90
C PHE D 269 16.36 12.44 -18.17
N TYR D 270 16.93 13.63 -17.96
CA TYR D 270 16.28 14.88 -18.31
C TYR D 270 16.74 15.38 -19.68
N ASP D 271 15.80 15.57 -20.60
CA ASP D 271 16.12 16.15 -21.90
C ASP D 271 16.14 17.67 -21.80
N LYS D 272 17.35 18.23 -21.75
CA LYS D 272 17.52 19.66 -21.51
C LYS D 272 16.81 20.48 -22.60
N GLU D 273 16.87 20.01 -23.84
CA GLU D 273 16.38 20.76 -24.98
C GLU D 273 14.88 20.56 -25.25
N ARG D 274 14.28 19.57 -24.59
CA ARG D 274 12.84 19.35 -24.69
C ARG D 274 12.14 19.61 -23.36
N LYS D 275 12.93 19.76 -22.31
CA LYS D 275 12.42 20.03 -20.97
C LYS D 275 11.42 18.96 -20.53
N VAL D 276 11.89 17.72 -20.52
CA VAL D 276 11.09 16.56 -20.15
C VAL D 276 11.90 15.49 -19.43
N TYR D 277 11.22 14.72 -18.59
CA TYR D 277 11.83 13.56 -17.94
C TYR D 277 11.51 12.34 -18.76
N ASP D 278 12.51 11.91 -19.53
CA ASP D 278 12.35 10.86 -20.52
C ASP D 278 12.81 9.52 -19.96
N TYR D 279 11.86 8.71 -19.53
CA TYR D 279 12.16 7.43 -18.92
C TYR D 279 12.60 6.37 -19.92
N THR D 280 12.27 6.55 -21.20
CA THR D 280 12.72 5.60 -22.21
C THR D 280 14.25 5.47 -22.18
N LYS D 281 14.91 6.52 -21.71
CA LYS D 281 16.37 6.52 -21.59
C LYS D 281 16.85 5.25 -20.90
N PHE D 282 16.17 4.86 -19.82
CA PHE D 282 16.63 3.76 -18.98
C PHE D 282 15.65 2.59 -18.92
N GLU D 283 14.43 2.80 -19.40
CA GLU D 283 13.36 1.83 -19.21
C GLU D 283 12.73 1.33 -20.50
N GLY D 284 13.37 1.58 -21.64
CA GLY D 284 12.86 1.10 -22.92
C GLY D 284 11.83 2.04 -23.54
N GLU D 285 11.39 1.70 -24.75
CA GLU D 285 10.62 2.64 -25.57
C GLU D 285 9.17 2.82 -25.15
N GLY D 286 8.63 1.86 -24.41
CA GLY D 286 7.29 2.00 -23.85
C GLY D 286 7.22 3.05 -22.75
N ALA D 287 8.38 3.40 -22.20
CA ALA D 287 8.48 4.20 -20.98
C ALA D 287 7.93 5.62 -21.14
N ALA D 288 7.38 6.15 -20.04
CA ALA D 288 6.80 7.49 -20.02
C ALA D 288 7.81 8.59 -20.25
N VAL D 289 7.33 9.70 -20.79
CA VAL D 289 8.16 10.87 -21.00
C VAL D 289 7.41 12.03 -20.36
N ARG D 290 7.85 12.44 -19.18
CA ARG D 290 7.01 13.24 -18.29
C ARG D 290 7.40 14.71 -18.16
N THR D 291 6.40 15.57 -18.13
CA THR D 291 6.64 16.99 -17.86
C THR D 291 7.00 17.16 -16.38
N SER D 292 7.68 18.24 -16.04
CA SER D 292 8.00 18.53 -14.64
C SER D 292 6.76 18.35 -13.76
N ALA D 293 5.63 18.90 -14.19
CA ALA D 293 4.39 18.78 -13.43
C ALA D 293 4.01 17.30 -13.25
N GLU D 294 4.38 16.48 -14.22
CA GLU D 294 4.02 15.05 -14.24
C GLU D 294 5.05 14.23 -13.48
N GLN D 295 6.28 14.71 -13.49
CA GLN D 295 7.34 14.14 -12.69
C GLN D 295 6.93 14.22 -11.22
N VAL D 296 6.39 15.38 -10.81
CA VAL D 296 5.97 15.59 -9.42
C VAL D 296 4.76 14.72 -9.08
N ASP D 297 3.86 14.52 -10.04
CA ASP D 297 2.71 13.64 -9.82
C ASP D 297 3.15 12.19 -9.59
N TYR D 298 4.11 11.74 -10.38
CA TYR D 298 4.63 10.37 -10.29
C TYR D 298 5.35 10.14 -8.95
N LEU D 299 6.20 11.08 -8.56
CA LEU D 299 6.90 10.98 -7.28
C LEU D 299 5.88 10.91 -6.14
N GLU D 300 4.83 11.72 -6.24
CA GLU D 300 3.77 11.69 -5.24
C GLU D 300 3.04 10.34 -5.23
N GLU D 301 2.86 9.75 -6.41
CA GLU D 301 2.24 8.43 -6.52
C GLU D 301 3.05 7.42 -5.70
N LEU D 302 4.37 7.45 -5.89
CA LEU D 302 5.27 6.52 -5.21
C LEU D 302 5.25 6.72 -3.69
N VAL D 303 5.25 7.97 -3.24
CA VAL D 303 5.22 8.28 -1.82
C VAL D 303 3.90 7.83 -1.16
N ASN D 304 2.78 7.94 -1.87
CA ASN D 304 1.48 7.45 -1.37
C ASN D 304 1.41 5.92 -1.39
N LYS D 305 2.03 5.32 -2.40
CA LYS D 305 1.96 3.88 -2.63
C LYS D 305 2.94 3.09 -1.75
N TYR D 306 4.02 3.74 -1.30
CA TYR D 306 5.10 3.04 -0.60
C TYR D 306 5.60 3.82 0.63
N PRO D 307 6.34 3.15 1.52
CA PRO D 307 6.91 3.85 2.69
C PRO D 307 8.16 4.66 2.35
N ILE D 308 8.01 5.68 1.53
CA ILE D 308 9.14 6.49 1.10
C ILE D 308 9.36 7.62 2.07
N ILE D 309 10.56 7.72 2.62
CA ILE D 309 10.85 8.78 3.58
C ILE D 309 11.75 9.88 2.99
N THR D 310 12.54 9.55 1.98
CA THR D 310 13.46 10.53 1.41
C THR D 310 13.61 10.31 -0.10
N ILE D 311 13.76 11.41 -0.84
CA ILE D 311 13.93 11.38 -2.29
C ILE D 311 15.01 12.36 -2.68
N GLU D 312 16.01 11.88 -3.39
CA GLU D 312 17.15 12.71 -3.75
C GLU D 312 17.12 13.01 -5.25
N ASP D 313 17.37 14.27 -5.59
CA ASP D 313 17.37 14.72 -6.98
C ASP D 313 16.14 14.20 -7.74
N GLY D 314 14.97 14.52 -7.20
CA GLY D 314 13.72 14.12 -7.83
C GLY D 314 13.42 14.96 -9.06
N MET D 315 14.02 16.13 -9.14
CA MET D 315 13.91 16.98 -10.32
C MET D 315 15.30 17.27 -10.87
N ASP D 316 15.35 17.86 -12.06
CA ASP D 316 16.60 18.13 -12.76
C ASP D 316 17.40 19.21 -12.03
N GLU D 317 18.72 19.15 -12.17
CA GLU D 317 19.64 20.08 -11.50
C GLU D 317 19.37 21.56 -11.82
N ASN D 318 18.75 21.86 -12.96
CA ASN D 318 18.43 23.24 -13.34
C ASN D 318 16.94 23.48 -13.51
N ASP D 319 16.12 22.57 -13.00
CA ASP D 319 14.67 22.72 -13.05
C ASP D 319 14.14 23.36 -11.77
N TRP D 320 14.50 24.62 -11.55
CA TRP D 320 14.17 25.31 -10.29
C TRP D 320 12.68 25.43 -9.99
N ASP D 321 11.86 25.66 -11.02
CA ASP D 321 10.44 25.72 -10.76
C ASP D 321 9.92 24.33 -10.43
N GLY D 322 10.41 23.32 -11.14
CA GLY D 322 10.01 21.95 -10.86
C GLY D 322 10.33 21.54 -9.42
N TRP D 323 11.49 21.95 -8.92
CA TRP D 323 11.86 21.73 -7.51
C TRP D 323 10.94 22.48 -6.56
N LYS D 324 10.57 23.71 -6.91
CA LYS D 324 9.65 24.49 -6.10
C LYS D 324 8.29 23.81 -5.97
N VAL D 325 7.81 23.24 -7.08
CA VAL D 325 6.53 22.55 -7.10
C VAL D 325 6.62 21.28 -6.28
N LEU D 326 7.72 20.57 -6.46
CA LEU D 326 7.98 19.33 -5.75
C LEU D 326 7.99 19.58 -4.25
N THR D 327 8.61 20.69 -3.88
CA THR D 327 8.82 21.00 -2.48
C THR D 327 7.49 21.44 -1.86
N GLU D 328 6.69 22.12 -2.67
CA GLU D 328 5.35 22.52 -2.25
C GLU D 328 4.45 21.31 -2.01
N ARG D 329 4.53 20.32 -2.91
CA ARG D 329 3.63 19.16 -2.88
C ARG D 329 3.99 18.11 -1.82
N LEU D 330 5.28 17.83 -1.67
CA LEU D 330 5.74 16.74 -0.82
C LEU D 330 6.61 17.20 0.36
N GLY D 331 7.09 18.44 0.30
CA GLY D 331 8.08 18.94 1.24
C GLY D 331 7.79 18.75 2.71
N LYS D 332 6.52 18.65 3.08
CA LYS D 332 6.17 18.53 4.50
C LYS D 332 6.05 17.07 4.92
N ARG D 333 5.93 16.15 3.95
CA ARG D 333 5.81 14.72 4.22
C ARG D 333 7.14 13.99 4.02
N VAL D 334 7.94 14.46 3.08
CA VAL D 334 9.11 13.72 2.63
C VAL D 334 10.35 14.60 2.61
N GLN D 335 11.50 14.01 2.95
CA GLN D 335 12.77 14.70 2.82
C GLN D 335 13.11 14.76 1.34
N LEU D 336 13.56 15.92 0.88
CA LEU D 336 13.89 16.12 -0.52
C LEU D 336 15.32 16.63 -0.62
N VAL D 337 16.23 15.75 -0.99
CA VAL D 337 17.66 16.04 -1.01
C VAL D 337 18.15 16.57 -2.36
N GLY D 338 18.77 17.75 -2.33
CA GLY D 338 19.46 18.27 -3.50
C GLY D 338 20.89 17.73 -3.50
N ASP D 339 21.24 16.98 -4.54
CA ASP D 339 22.62 16.49 -4.68
C ASP D 339 23.29 17.29 -5.78
N ASP D 340 23.01 16.94 -7.04
CA ASP D 340 23.48 17.70 -8.18
C ASP D 340 22.82 19.08 -8.21
N PHE D 341 21.67 19.19 -7.54
CA PHE D 341 20.93 20.45 -7.42
C PHE D 341 21.74 21.52 -6.69
N PHE D 342 22.56 21.10 -5.72
CA PHE D 342 23.33 22.04 -4.88
C PHE D 342 24.86 21.91 -4.98
N VAL D 343 25.33 20.75 -5.46
CA VAL D 343 26.77 20.41 -5.51
C VAL D 343 27.59 21.01 -4.36
N THR D 344 27.16 20.78 -3.13
CA THR D 344 27.86 21.27 -1.94
C THR D 344 28.32 22.72 -2.12
N ASN D 345 27.47 23.51 -2.77
CA ASN D 345 27.77 24.90 -3.12
C ASN D 345 26.77 25.86 -2.46
N THR D 346 27.24 26.58 -1.45
CA THR D 346 26.40 27.46 -0.62
C THR D 346 25.67 28.54 -1.40
N GLU D 347 26.19 28.87 -2.57
CA GLU D 347 25.58 29.89 -3.41
C GLU D 347 24.26 29.35 -3.99
N TYR D 348 24.28 28.08 -4.36
CA TYR D 348 23.09 27.43 -4.89
C TYR D 348 22.17 27.00 -3.72
N LEU D 349 22.74 26.51 -2.62
CA LEU D 349 21.95 26.20 -1.42
C LEU D 349 21.19 27.45 -0.90
N ALA D 350 21.84 28.61 -0.95
CA ALA D 350 21.22 29.84 -0.45
C ALA D 350 20.03 30.18 -1.32
N ARG D 351 20.17 29.93 -2.61
CA ARG D 351 19.07 30.14 -3.54
C ARG D 351 17.93 29.13 -3.32
N GLY D 352 18.27 27.89 -2.97
CA GLY D 352 17.27 26.89 -2.65
C GLY D 352 16.42 27.32 -1.47
N ILE D 353 17.11 27.77 -0.42
CA ILE D 353 16.47 28.24 0.80
C ILE D 353 15.54 29.40 0.48
N LYS D 354 16.08 30.40 -0.20
CA LYS D 354 15.34 31.60 -0.56
C LYS D 354 14.11 31.26 -1.40
N GLU D 355 14.24 30.29 -2.29
CA GLU D 355 13.16 29.99 -3.22
C GLU D 355 12.30 28.82 -2.77
N ASN D 356 12.55 28.33 -1.55
CA ASN D 356 11.79 27.22 -1.01
C ASN D 356 11.86 25.96 -1.87
N ALA D 357 13.07 25.62 -2.30
CA ALA D 357 13.33 24.40 -3.06
C ALA D 357 14.16 23.44 -2.20
N ALA D 358 13.69 22.19 -2.11
CA ALA D 358 14.33 21.16 -1.27
C ALA D 358 14.28 21.48 0.23
N ASN D 359 14.63 20.50 1.05
CA ASN D 359 14.72 20.70 2.51
C ASN D 359 15.87 19.89 3.10
N SER D 360 16.83 19.55 2.24
CA SER D 360 17.99 18.73 2.60
C SER D 360 19.06 18.93 1.52
N ILE D 361 20.32 18.84 1.93
CA ILE D 361 21.45 18.93 1.00
C ILE D 361 22.41 17.77 1.24
N LEU D 362 22.87 17.15 0.16
CA LEU D 362 23.86 16.08 0.23
C LEU D 362 25.27 16.68 0.25
N ILE D 363 26.00 16.44 1.34
CA ILE D 363 27.32 17.02 1.54
C ILE D 363 28.43 16.08 1.08
N LYS D 364 29.09 16.45 -0.01
CA LYS D 364 30.25 15.71 -0.50
C LYS D 364 31.50 16.55 -0.24
N VAL D 365 32.26 16.17 0.77
CA VAL D 365 33.37 16.99 1.25
C VAL D 365 34.33 17.42 0.13
N ASN D 366 34.64 16.49 -0.78
CA ASN D 366 35.59 16.80 -1.84
C ASN D 366 34.94 17.53 -3.03
N GLN D 367 33.63 17.73 -2.97
CA GLN D 367 32.93 18.57 -3.92
C GLN D 367 33.20 20.05 -3.63
N ILE D 368 33.67 20.34 -2.41
CA ILE D 368 33.96 21.71 -2.02
C ILE D 368 35.45 21.91 -1.66
N GLY D 369 36.06 20.96 -0.96
CA GLY D 369 37.52 20.90 -0.91
C GLY D 369 38.21 21.17 0.41
N THR D 370 37.50 21.77 1.38
CA THR D 370 38.07 21.96 2.71
C THR D 370 37.05 21.61 3.79
N LEU D 371 37.53 21.29 4.99
CA LEU D 371 36.65 20.96 6.10
C LEU D 371 35.94 22.21 6.56
N THR D 372 36.60 23.35 6.44
CA THR D 372 36.01 24.61 6.86
C THR D 372 34.78 24.90 6.00
N GLU D 373 34.95 24.87 4.69
CA GLU D 373 33.83 25.13 3.78
C GLU D 373 32.74 24.08 3.90
N THR D 374 33.15 22.83 4.15
CA THR D 374 32.21 21.74 4.39
C THR D 374 31.30 22.07 5.57
N PHE D 375 31.91 22.52 6.66
CA PHE D 375 31.15 22.80 7.87
C PHE D 375 30.32 24.05 7.70
N GLU D 376 30.80 24.98 6.88
CA GLU D 376 30.02 26.18 6.60
C GLU D 376 28.77 25.81 5.83
N ALA D 377 28.88 24.86 4.91
CA ALA D 377 27.74 24.41 4.12
C ALA D 377 26.72 23.74 5.03
N ILE D 378 27.23 22.88 5.91
CA ILE D 378 26.38 22.16 6.84
C ILE D 378 25.62 23.12 7.74
N GLU D 379 26.28 24.18 8.20
CA GLU D 379 25.64 25.14 9.10
C GLU D 379 24.60 26.00 8.37
N MET D 380 24.87 26.36 7.12
CA MET D 380 23.89 27.12 6.36
C MET D 380 22.62 26.27 6.20
N ALA D 381 22.80 24.99 5.91
CA ALA D 381 21.65 24.09 5.78
C ALA D 381 20.85 24.03 7.08
N ALA D 382 21.55 23.76 8.19
CA ALA D 382 20.89 23.57 9.47
C ALA D 382 20.08 24.80 9.86
N GLU D 383 20.63 25.98 9.59
CA GLU D 383 20.01 27.21 10.05
C GLU D 383 18.79 27.57 9.20
N ALA D 384 18.65 26.92 8.05
CA ALA D 384 17.47 27.08 7.21
C ALA D 384 16.44 25.99 7.47
N GLY D 385 16.74 25.10 8.42
CA GLY D 385 15.85 23.99 8.74
C GLY D 385 16.02 22.83 7.76
N TYR D 386 17.10 22.87 6.99
CA TYR D 386 17.45 21.79 6.10
C TYR D 386 18.34 20.77 6.83
N THR D 387 18.21 19.48 6.50
CA THR D 387 19.15 18.48 6.98
C THR D 387 20.36 18.48 6.06
N ALA D 388 21.51 18.09 6.59
CA ALA D 388 22.71 17.91 5.80
C ALA D 388 23.14 16.46 5.91
N VAL D 389 23.16 15.75 4.78
CA VAL D 389 23.50 14.34 4.76
C VAL D 389 24.89 14.14 4.15
N VAL D 390 25.89 13.95 5.00
CA VAL D 390 27.25 13.75 4.52
C VAL D 390 27.31 12.43 3.74
N SER D 391 28.01 12.45 2.61
CA SER D 391 27.94 11.37 1.64
C SER D 391 29.28 10.77 1.21
N HIS D 392 29.27 9.47 0.94
CA HIS D 392 30.40 8.79 0.32
C HIS D 392 30.52 9.17 -1.16
N ARG D 393 31.61 8.75 -1.81
CA ARG D 393 31.73 8.88 -3.26
C ARG D 393 31.78 7.49 -3.86
N SER D 394 31.73 7.40 -5.19
CA SER D 394 31.71 6.09 -5.84
C SER D 394 33.03 5.39 -5.62
N GLY D 395 34.11 6.15 -5.65
CA GLY D 395 35.43 5.63 -5.36
C GLY D 395 35.81 6.05 -3.97
N GLU D 396 35.87 5.09 -3.05
CA GLU D 396 36.19 5.40 -1.67
C GLU D 396 37.54 4.81 -1.26
N THR D 397 37.94 5.11 -0.04
CA THR D 397 39.16 4.58 0.53
C THR D 397 38.87 3.98 1.91
N GLU D 398 39.91 3.46 2.55
CA GLU D 398 39.78 2.92 3.90
C GLU D 398 39.51 4.03 4.95
N ASP D 399 39.49 5.29 4.52
CA ASP D 399 39.25 6.43 5.41
C ASP D 399 37.79 6.46 5.90
N SER D 400 37.57 6.90 7.14
CA SER D 400 36.20 6.96 7.70
C SER D 400 35.86 8.34 8.25
N THR D 401 36.57 9.34 7.78
CA THR D 401 36.42 10.71 8.29
C THR D 401 34.97 11.22 8.29
N ILE D 402 34.18 10.87 7.29
CA ILE D 402 32.81 11.40 7.21
C ILE D 402 31.89 10.86 8.32
N ALA D 403 32.25 9.71 8.89
CA ALA D 403 31.54 9.19 10.05
C ALA D 403 31.71 10.17 11.20
N ASP D 404 32.97 10.57 11.43
CA ASP D 404 33.28 11.56 12.46
C ASP D 404 32.65 12.93 12.15
N ILE D 405 32.57 13.29 10.88
CA ILE D 405 31.96 14.56 10.51
C ILE D 405 30.47 14.54 10.82
N ALA D 406 29.83 13.42 10.52
CA ALA D 406 28.40 13.25 10.75
C ALA D 406 28.08 13.38 12.23
N VAL D 407 28.87 12.72 13.08
CA VAL D 407 28.69 12.84 14.53
C VAL D 407 29.09 14.22 15.09
N ALA D 408 30.13 14.82 14.52
CA ALA D 408 30.66 16.10 15.03
C ALA D 408 29.60 17.19 14.91
N THR D 409 28.81 17.13 13.84
CA THR D 409 27.81 18.15 13.57
C THR D 409 26.42 17.71 14.02
N ASN D 410 26.33 16.56 14.66
CA ASN D 410 25.04 15.99 15.05
C ASN D 410 24.05 16.02 13.89
N ALA D 411 24.54 15.75 12.68
CA ALA D 411 23.72 15.89 11.47
C ALA D 411 22.44 15.04 11.49
N GLY D 412 22.56 13.81 12.00
CA GLY D 412 21.41 12.93 12.14
C GLY D 412 21.26 11.90 11.04
N GLN D 413 22.01 12.08 9.94
CA GLN D 413 21.94 11.15 8.82
C GLN D 413 23.28 11.03 8.15
N ILE D 414 23.46 9.91 7.46
CA ILE D 414 24.64 9.70 6.62
C ILE D 414 24.25 8.83 5.43
N LYS D 415 24.96 9.00 4.33
CA LYS D 415 24.79 8.15 3.17
C LYS D 415 26.17 7.63 2.80
N THR D 416 26.47 6.39 3.18
CA THR D 416 27.82 5.85 2.99
C THR D 416 27.83 4.39 2.46
N GLY D 417 26.76 3.99 1.77
CA GLY D 417 26.78 2.77 0.99
C GLY D 417 25.97 1.59 1.52
N SER D 418 25.99 0.49 0.77
CA SER D 418 25.31 -0.74 1.13
C SER D 418 26.02 -1.47 2.26
N LEU D 419 25.61 -2.71 2.50
CA LEU D 419 26.15 -3.48 3.62
C LEU D 419 27.23 -4.51 3.19
N SER D 420 27.94 -4.23 2.10
CA SER D 420 29.17 -4.94 1.78
C SER D 420 30.21 -4.00 1.17
N ARG D 421 31.45 -4.48 1.05
CA ARG D 421 32.61 -3.67 0.68
C ARG D 421 33.08 -2.81 1.83
N THR D 422 34.35 -2.98 2.19
CA THR D 422 34.97 -2.29 3.31
C THR D 422 35.09 -0.78 3.03
N ASP D 423 35.01 -0.41 1.77
CA ASP D 423 35.00 1.02 1.43
C ASP D 423 33.73 1.66 1.99
N ARG D 424 32.73 0.83 2.28
CA ARG D 424 31.51 1.29 2.95
C ARG D 424 31.51 0.87 4.43
N ILE D 425 31.82 -0.39 4.69
CA ILE D 425 31.75 -0.95 6.03
C ILE D 425 32.70 -0.24 7.01
N ALA D 426 33.80 0.32 6.51
CA ALA D 426 34.74 1.04 7.37
C ALA D 426 34.08 2.24 8.06
N LYS D 427 33.15 2.90 7.36
CA LYS D 427 32.43 4.03 7.91
C LYS D 427 31.46 3.55 8.99
N TYR D 428 30.75 2.46 8.72
CA TYR D 428 29.85 1.88 9.71
C TYR D 428 30.61 1.41 10.95
N ASN D 429 31.80 0.83 10.76
CA ASN D 429 32.58 0.32 11.88
C ASN D 429 33.03 1.48 12.74
N GLN D 430 33.46 2.56 12.08
CA GLN D 430 33.87 3.76 12.78
C GLN D 430 32.71 4.33 13.58
N LEU D 431 31.52 4.28 13.01
CA LEU D 431 30.32 4.71 13.74
C LEU D 431 30.05 3.80 14.95
N LEU D 432 30.33 2.51 14.81
CA LEU D 432 30.20 1.58 15.93
C LEU D 432 31.14 1.99 17.05
N ARG D 433 32.37 2.36 16.68
CA ARG D 433 33.36 2.80 17.65
C ARG D 433 32.91 4.09 18.33
N ILE D 434 32.39 5.03 17.55
CA ILE D 434 31.99 6.32 18.10
C ILE D 434 30.86 6.12 19.10
N GLU D 435 29.89 5.27 18.77
CA GLU D 435 28.76 5.00 19.65
C GLU D 435 29.27 4.41 20.96
N ASP D 436 30.16 3.43 20.82
CA ASP D 436 30.74 2.71 21.96
C ASP D 436 31.46 3.68 22.90
N GLN D 437 32.19 4.63 22.32
CA GLN D 437 32.97 5.59 23.09
C GLN D 437 32.08 6.61 23.80
N LEU D 438 30.98 7.00 23.15
CA LEU D 438 30.05 7.96 23.72
C LEU D 438 29.26 7.35 24.88
N GLY D 439 29.21 6.02 24.93
CA GLY D 439 28.49 5.33 25.99
C GLY D 439 27.05 5.82 26.12
N GLU D 440 26.67 6.19 27.33
CA GLU D 440 25.30 6.60 27.64
C GLU D 440 24.90 7.93 26.97
N VAL D 441 25.90 8.73 26.62
CA VAL D 441 25.68 10.03 25.99
C VAL D 441 25.22 9.90 24.54
N ALA D 442 25.53 8.76 23.93
CA ALA D 442 25.14 8.51 22.54
C ALA D 442 23.64 8.64 22.36
N GLN D 443 23.24 9.28 21.26
CA GLN D 443 21.83 9.35 20.89
C GLN D 443 21.60 8.91 19.45
N TYR D 444 20.52 8.17 19.25
CA TYR D 444 20.10 7.77 17.90
C TYR D 444 18.68 8.27 17.74
N LYS D 445 18.44 9.09 16.72
CA LYS D 445 17.16 9.78 16.63
C LYS D 445 16.11 9.06 15.78
N GLY D 446 16.56 8.10 14.97
CA GLY D 446 15.65 7.39 14.07
C GLY D 446 14.80 8.35 13.26
N ILE D 447 13.50 8.20 13.33
CA ILE D 447 12.64 9.08 12.54
C ILE D 447 12.73 10.52 13.03
N LYS D 448 13.07 10.73 14.31
CA LYS D 448 13.15 12.11 14.83
C LYS D 448 14.39 12.84 14.28
N SER D 449 15.18 12.15 13.46
CA SER D 449 16.32 12.78 12.77
C SER D 449 15.87 13.83 11.77
N PHE D 450 14.65 13.67 11.26
CA PHE D 450 14.15 14.54 10.21
C PHE D 450 13.51 15.80 10.78
N TYR D 451 14.33 16.66 11.39
CA TYR D 451 13.82 17.92 11.93
C TYR D 451 13.33 18.84 10.82
N ASN D 452 13.69 18.52 9.59
CA ASN D 452 13.16 19.25 8.43
C ASN D 452 11.71 18.87 8.14
N LEU D 453 11.20 17.84 8.84
CA LEU D 453 9.83 17.39 8.66
C LEU D 453 9.02 17.62 9.93
P PO4 E . -48.14 -18.49 -12.37
O1 PO4 E . -48.24 -19.70 -13.26
O2 PO4 E . -49.44 -17.71 -12.45
O3 PO4 E . -47.96 -18.94 -10.95
O4 PO4 E . -46.98 -17.63 -12.81
P PO4 F . -51.03 -22.10 -13.18
O1 PO4 F . -51.58 -23.38 -12.61
O2 PO4 F . -51.96 -20.95 -12.88
O3 PO4 F . -49.67 -21.84 -12.57
O4 PO4 F . -50.89 -22.28 -14.68
P PO4 G . -23.09 21.21 10.72
O1 PO4 G . -22.77 19.90 10.06
O2 PO4 G . -24.60 21.37 10.74
O3 PO4 G . -22.54 21.24 12.12
O4 PO4 G . -22.48 22.34 9.94
P PO4 H . -23.77 18.34 13.23
O1 PO4 H . -22.84 17.18 12.93
O2 PO4 H . -24.96 17.82 13.99
O3 PO4 H . -23.02 19.37 14.06
O4 PO4 H . -24.26 18.95 11.94
P PO4 I . 38.34 -18.19 2.29
O1 PO4 I . 38.86 -19.22 3.26
O2 PO4 I . 36.83 -18.24 2.24
O3 PO4 I . 38.82 -16.82 2.71
O4 PO4 I . 38.83 -18.52 0.91
P PO4 J . 41.12 -17.25 -0.63
O1 PO4 J . 41.74 -18.63 -0.54
O2 PO4 J . 39.62 -17.34 -0.83
O3 PO4 J . 41.41 -16.47 0.64
O4 PO4 J . 41.67 -16.50 -1.82
P PO4 K . 29.60 10.11 -7.14
O1 PO4 K . 29.43 9.20 -8.32
O2 PO4 K . 28.61 9.73 -6.07
O3 PO4 K . 31.01 9.96 -6.63
O4 PO4 K . 29.38 11.53 -7.58
P PO4 L . 31.40 8.48 -11.13
O1 PO4 L . 31.06 7.00 -10.98
O2 PO4 L . 30.21 9.32 -10.73
O3 PO4 L . 32.58 8.83 -10.25
O4 PO4 L . 31.74 8.77 -12.57
#